data_2O4F
# 
_entry.id   2O4F 
# 
_audit_conform.dict_name       mmcif_pdbx.dic 
_audit_conform.dict_version    5.377 
_audit_conform.dict_location   http://mmcif.pdb.org/dictionaries/ascii/mmcif_pdbx.dic 
# 
loop_
_database_2.database_id 
_database_2.database_code 
_database_2.pdbx_database_accession 
_database_2.pdbx_DOI 
PDB   2O4F         pdb_00002o4f 10.2210/pdb2o4f/pdb 
NDB   UD0073       ?            ?                   
RCSB  RCSB040673   ?            ?                   
WWPDB D_1000040673 ?            ?                   
# 
_pdbx_database_status.entry_id                        2O4F 
_pdbx_database_status.deposit_site                    RCSB 
_pdbx_database_status.process_site                    RCSB 
_pdbx_database_status.recvd_initial_deposition_date   2006-12-04 
_pdbx_database_status.status_code                     REL 
_pdbx_database_status.status_code_sf                  REL 
_pdbx_database_status.status_code_mr                  ? 
_pdbx_database_status.SG_entry                        ? 
_pdbx_database_status.status_code_cs                  ? 
_pdbx_database_status.methods_development_category    ? 
_pdbx_database_status.pdb_format_compatible           Y 
_pdbx_database_status.status_code_nmr_data            ? 
# 
loop_
_audit_author.name 
_audit_author.pdbx_ordinal 
'Creze, C.'   1 
'Rinaldi, B.' 2 
'Haser, R.'   3 
'Bouvet, P.'  4 
'Gouet, P.'   5 
# 
_citation.id                        primary 
_citation.title                     'Structure of a d(TGGGGT) quadruplex crystallized in the presence of Li+ ions.' 
_citation.journal_abbrev            'Acta Crystallogr.,Sect.D' 
_citation.journal_volume            63 
_citation.page_first                682 
_citation.page_last                 688 
_citation.year                      2007 
_citation.journal_id_ASTM           ABCRE6 
_citation.country                   DK 
_citation.journal_id_ISSN           0907-4449 
_citation.journal_id_CSD            0766 
_citation.book_publisher            ? 
_citation.pdbx_database_id_PubMed   17505106 
_citation.pdbx_database_id_DOI      10.1107/S0907444907013315 
# 
loop_
_citation_author.citation_id 
_citation_author.name 
_citation_author.ordinal 
_citation_author.identifier_ORCID 
primary 'Creze, C.'   1 ? 
primary 'Rinaldi, B.' 2 ? 
primary 'Haser, R.'   3 ? 
primary 'Bouvet, P.'  4 ? 
primary 'Gouet, P.'   5 ? 
# 
_cell.entry_id           2O4F 
_cell.length_a           28.920 
_cell.length_b           57.370 
_cell.length_c           35.920 
_cell.angle_alpha        90.00 
_cell.angle_beta         108.00 
_cell.angle_gamma        90.00 
_cell.Z_PDB              16 
_cell.pdbx_unique_axis   ? 
_cell.length_a_esd       ? 
_cell.length_b_esd       ? 
_cell.length_c_esd       ? 
_cell.angle_alpha_esd    ? 
_cell.angle_beta_esd     ? 
_cell.angle_gamma_esd    ? 
# 
_symmetry.entry_id                         2O4F 
_symmetry.space_group_name_H-M             'P 1 21 1' 
_symmetry.pdbx_full_space_group_name_H-M   ? 
_symmetry.cell_setting                     ? 
_symmetry.Int_Tables_number                4 
_symmetry.space_group_name_Hall            ? 
# 
loop_
_entity.id 
_entity.type 
_entity.src_method 
_entity.pdbx_description 
_entity.formula_weight 
_entity.pdbx_number_of_molecules 
_entity.pdbx_ec 
_entity.pdbx_mutation 
_entity.pdbx_fragment 
_entity.details 
1 polymer     syn "5'-D(*TP*GP*GP*GP*GP*T)-3'" 1880.251 8   ? ? ? ? 
2 non-polymer syn 'SODIUM ION'                 22.990   7   ? ? ? ? 
3 non-polymer syn 'LITHIUM ION'                6.941    1   ? ? ? ? 
4 water       nat water                        18.015   228 ? ? ? ? 
# 
_entity_poly.entity_id                      1 
_entity_poly.type                           polydeoxyribonucleotide 
_entity_poly.nstd_linkage                   no 
_entity_poly.nstd_monomer                   no 
_entity_poly.pdbx_seq_one_letter_code       '(DT)(DG)(DG)(DG)(DG)(DT)' 
_entity_poly.pdbx_seq_one_letter_code_can   TGGGGT 
_entity_poly.pdbx_strand_id                 A,B,C,D,E,F,G,H 
_entity_poly.pdbx_target_identifier         ? 
# 
loop_
_entity_poly_seq.entity_id 
_entity_poly_seq.num 
_entity_poly_seq.mon_id 
_entity_poly_seq.hetero 
1 1 DT n 
1 2 DG n 
1 3 DG n 
1 4 DG n 
1 5 DG n 
1 6 DT n 
# 
_struct_ref.id                         1 
_struct_ref.entity_id                  1 
_struct_ref.db_name                    PDB 
_struct_ref.db_code                    2O4F 
_struct_ref.pdbx_db_accession          2O4F 
_struct_ref.pdbx_align_begin           ? 
_struct_ref.pdbx_seq_one_letter_code   ? 
_struct_ref.pdbx_db_isoform            ? 
# 
loop_
_struct_ref_seq.align_id 
_struct_ref_seq.ref_id 
_struct_ref_seq.pdbx_PDB_id_code 
_struct_ref_seq.pdbx_strand_id 
_struct_ref_seq.seq_align_beg 
_struct_ref_seq.pdbx_seq_align_beg_ins_code 
_struct_ref_seq.seq_align_end 
_struct_ref_seq.pdbx_seq_align_end_ins_code 
_struct_ref_seq.pdbx_db_accession 
_struct_ref_seq.db_align_beg 
_struct_ref_seq.pdbx_db_align_beg_ins_code 
_struct_ref_seq.db_align_end 
_struct_ref_seq.pdbx_db_align_end_ins_code 
_struct_ref_seq.pdbx_auth_seq_align_beg 
_struct_ref_seq.pdbx_auth_seq_align_end 
1 1 2O4F A 1 ? 6 ? 2O4F 1  ? 6  ? 1  6  
2 1 2O4F B 1 ? 6 ? 2O4F 11 ? 16 ? 11 16 
3 1 2O4F C 1 ? 6 ? 2O4F 21 ? 26 ? 21 26 
4 1 2O4F D 1 ? 6 ? 2O4F 31 ? 36 ? 31 36 
5 1 2O4F E 1 ? 6 ? 2O4F 41 ? 46 ? 41 46 
6 1 2O4F F 1 ? 6 ? 2O4F 51 ? 56 ? 51 56 
7 1 2O4F G 1 ? 6 ? 2O4F 61 ? 66 ? 61 66 
8 1 2O4F H 1 ? 6 ? 2O4F 71 ? 76 ? 71 76 
# 
loop_
_chem_comp.id 
_chem_comp.type 
_chem_comp.mon_nstd_flag 
_chem_comp.name 
_chem_comp.pdbx_synonyms 
_chem_comp.formula 
_chem_comp.formula_weight 
DG  'DNA linking' y "2'-DEOXYGUANOSINE-5'-MONOPHOSPHATE" ? 'C10 H14 N5 O7 P' 347.221 
DT  'DNA linking' y "THYMIDINE-5'-MONOPHOSPHATE"         ? 'C10 H15 N2 O8 P' 322.208 
HOH non-polymer   . WATER                                ? 'H2 O'            18.015  
LI  non-polymer   . 'LITHIUM ION'                        ? 'Li 1'            6.941   
NA  non-polymer   . 'SODIUM ION'                         ? 'Na 1'            22.990  
# 
_exptl.crystals_number   1 
_exptl.entry_id          2O4F 
_exptl.method            'X-RAY DIFFRACTION' 
# 
_exptl_crystal.id                    1 
_exptl_crystal.density_Matthews      1.82 
_exptl_crystal.density_meas          ? 
_exptl_crystal.density_percent_sol   32.49 
_exptl_crystal.description           ? 
_exptl_crystal.F_000                 ? 
_exptl_crystal.preparation           ? 
# 
_exptl_crystal_grow.crystal_id      1 
_exptl_crystal_grow.method          'VAPOR DIFFUSION, HANGING DROP' 
_exptl_crystal_grow.pH              6.0 
_exptl_crystal_grow.temp            277 
_exptl_crystal_grow.temp_details    ? 
_exptl_crystal_grow.pdbx_details    
;1.8 M lithium sulphate, 0.01 M magnesium sulphate, 0.05 M sodium cacodylate, pH 6.0, VAPOR DIFFUSION, HANGING DROP, temperature 277K
;
_exptl_crystal_grow.pdbx_pH_range   . 
# 
loop_
_exptl_crystal_grow_comp.crystal_id 
_exptl_crystal_grow_comp.id 
_exptl_crystal_grow_comp.sol_id 
_exptl_crystal_grow_comp.name 
_exptl_crystal_grow_comp.conc 
_exptl_crystal_grow_comp.volume 
_exptl_crystal_grow_comp.details 
1 1 1 'lithium sulphate'   ? ? ? 
1 2 1 'magnesium sulphate' ? ? ? 
1 3 1 'sodium cacodylate'  ? ? ? 
1 4 1 H2O                  ? ? ? 
1 5 2 'lithium sulphate'   ? ? ? 
1 6 2 'magnesium sulphate' ? ? ? 
1 7 2 'sodium cacodylate'  ? ? ? 
1 8 2 H2O                  ? ? ? 
# 
_diffrn.id                     1 
_diffrn.ambient_temp           100 
_diffrn.ambient_temp_details   ? 
_diffrn.crystal_id             1 
# 
_diffrn_detector.diffrn_id              1 
_diffrn_detector.detector               CCD 
_diffrn_detector.type                   MARRESEARCH 
_diffrn_detector.pdbx_collection_date   2006-07-16 
_diffrn_detector.details                mirrors 
# 
_diffrn_radiation.diffrn_id                        1 
_diffrn_radiation.wavelength_id                    1 
_diffrn_radiation.pdbx_diffrn_protocol             'SINGLE WAVELENGTH' 
_diffrn_radiation.monochromator                    'horizontally diffracting Si (111)' 
_diffrn_radiation.pdbx_monochromatic_or_laue_m_l   M 
_diffrn_radiation.pdbx_scattering_type             x-ray 
# 
_diffrn_radiation_wavelength.id           1 
_diffrn_radiation_wavelength.wavelength   0.8726 
_diffrn_radiation_wavelength.wt           1.0 
# 
_diffrn_source.diffrn_id                   1 
_diffrn_source.source                      SYNCHROTRON 
_diffrn_source.type                        'ESRF BEAMLINE ID23-2' 
_diffrn_source.pdbx_wavelength             ? 
_diffrn_source.pdbx_wavelength_list        0.8726 
_diffrn_source.pdbx_synchrotron_site       ESRF 
_diffrn_source.pdbx_synchrotron_beamline   ID23-2 
# 
_reflns.entry_id                     2O4F 
_reflns.B_iso_Wilson_estimate        12.00 
_reflns.observed_criterion_sigma_F   0 
_reflns.observed_criterion_sigma_I   -3 
_reflns.d_resolution_high            1.5 
_reflns.d_resolution_low             15 
_reflns.number_all                   18195 
_reflns.number_obs                   17547 
_reflns.percent_possible_obs         96.4 
_reflns.pdbx_Rmerge_I_obs            ? 
_reflns.pdbx_Rsym_value              0.142 
_reflns.pdbx_netI_over_sigmaI        7.05 
_reflns.pdbx_redundancy              1.7 
_reflns.R_free_details               ? 
_reflns.pdbx_chi_squared             ? 
_reflns.pdbx_scaling_rejects         ? 
_reflns.pdbx_diffrn_id               1 
_reflns.pdbx_ordinal                 1 
# 
_reflns_shell.d_res_high             1.500 
_reflns_shell.d_res_low              1.590 
_reflns_shell.percent_possible_obs   ? 
_reflns_shell.percent_possible_all   93.4 
_reflns_shell.Rmerge_I_obs           ? 
_reflns_shell.meanI_over_sigI_obs    2.71 
_reflns_shell.pdbx_Rsym_value        0.227 
_reflns_shell.pdbx_redundancy        1.7 
_reflns_shell.number_unique_all      2977 
_reflns_shell.number_measured_all    ? 
_reflns_shell.number_measured_obs    ? 
_reflns_shell.number_unique_obs      ? 
_reflns_shell.pdbx_chi_squared       ? 
_reflns_shell.pdbx_diffrn_id         ? 
_reflns_shell.pdbx_ordinal           1 
# 
_refine.entry_id                                 2O4F 
_refine.ls_d_res_high                            1.500 
_refine.ls_d_res_low                             14.680 
_refine.pdbx_ls_sigma_F                          0.00 
_refine.pdbx_data_cutoff_high_absF               690707.250 
_refine.pdbx_data_cutoff_low_absF                0.000 
_refine.ls_percent_reflns_obs                    96.700 
_refine.ls_number_reflns_obs                     17319 
_refine.pdbx_ls_cross_valid_method               THROUGHOUT 
_refine.pdbx_R_Free_selection_details            RANDOM 
_refine.ls_R_factor_R_work                       0.204 
_refine.ls_R_factor_R_free                       0.257 
_refine.ls_percent_reflns_R_free                 4.900 
_refine.ls_number_reflns_R_free                  851 
_refine.ls_R_factor_R_free_error                 0.009 
_refine.B_iso_mean                               13.000 
_refine.solvent_model_param_bsol                 37.627 
_refine.solvent_model_param_ksol                 0.355 
_refine.pdbx_isotropic_thermal_model             RESTRAINED 
_refine.aniso_B[1][1]                            0.260 
_refine.aniso_B[2][2]                            4.520 
_refine.aniso_B[3][3]                            -4.780 
_refine.aniso_B[1][2]                            0.000 
_refine.aniso_B[1][3]                            -1.230 
_refine.aniso_B[2][3]                            0.000 
_refine.solvent_model_details                    'FLAT MODEL' 
_refine.pdbx_ls_sigma_I                          -3 
_refine.ls_number_reflns_all                     17910 
_refine.ls_R_factor_all                          0.206 
_refine.ls_R_factor_obs                          0.206 
_refine.ls_redundancy_reflns_obs                 ? 
_refine.ls_number_parameters                     ? 
_refine.ls_number_restraints                     ? 
_refine.ls_R_factor_R_free_error_details         ? 
_refine.pdbx_method_to_determine_struct          'MOLECULAR REPLACEMENT' 
_refine.pdbx_starting_model                      'PDB ENTRY 352D' 
_refine.pdbx_stereochem_target_val_spec_case     ? 
_refine.pdbx_stereochemistry_target_values       'Engh & Huber' 
_refine.occupancy_max                            ? 
_refine.occupancy_min                            ? 
_refine.details                                  ? 
_refine.correlation_coeff_Fo_to_Fc               ? 
_refine.correlation_coeff_Fo_to_Fc_free          ? 
_refine.pdbx_solvent_vdw_probe_radii             ? 
_refine.pdbx_solvent_ion_probe_radii             ? 
_refine.pdbx_solvent_shrinkage_radii             ? 
_refine.overall_SU_R_Cruickshank_DPI             ? 
_refine.overall_SU_R_free                        ? 
_refine.overall_SU_ML                            ? 
_refine.overall_SU_B                             ? 
_refine.pdbx_overall_ESU_R_Free                  ? 
_refine.pdbx_data_cutoff_high_rms_absF           ? 
_refine.ls_wR_factor_R_free                      ? 
_refine.ls_wR_factor_R_work                      ? 
_refine.overall_FOM_free_R_set                   ? 
_refine.overall_FOM_work_R_set                   ? 
_refine.pdbx_refine_id                           'X-RAY DIFFRACTION' 
_refine.pdbx_overall_ESU_R                       ? 
_refine.pdbx_overall_phase_error                 ? 
_refine.pdbx_diffrn_id                           1 
_refine.pdbx_TLS_residual_ADP_flag               ? 
_refine.pdbx_overall_SU_R_free_Cruickshank_DPI   ? 
_refine.pdbx_overall_SU_R_Blow_DPI               ? 
_refine.pdbx_overall_SU_R_free_Blow_DPI          ? 
# 
_refine_analyze.entry_id                        2O4F 
_refine_analyze.Luzzati_coordinate_error_obs    0.180 
_refine_analyze.Luzzati_sigma_a_obs             0.250 
_refine_analyze.Luzzati_d_res_low_obs           5.000 
_refine_analyze.Luzzati_coordinate_error_free   0.230 
_refine_analyze.Luzzati_sigma_a_free            0.280 
_refine_analyze.Luzzati_d_res_low_free          ? 
_refine_analyze.number_disordered_residues      ? 
_refine_analyze.occupancy_sum_non_hydrogen      ? 
_refine_analyze.occupancy_sum_hydrogen          ? 
_refine_analyze.pdbx_refine_id                  'X-RAY DIFFRACTION' 
# 
_refine_hist.pdbx_refine_id                   'X-RAY DIFFRACTION' 
_refine_hist.cycle_id                         LAST 
_refine_hist.pdbx_number_atoms_protein        0 
_refine_hist.pdbx_number_atoms_nucleic_acid   1000 
_refine_hist.pdbx_number_atoms_ligand         8 
_refine_hist.number_atoms_solvent             228 
_refine_hist.number_atoms_total               1236 
_refine_hist.d_res_high                       1.500 
_refine_hist.d_res_low                        14.680 
# 
loop_
_refine_ls_restr.type 
_refine_ls_restr.number 
_refine_ls_restr.dev_ideal 
_refine_ls_restr.dev_ideal_target 
_refine_ls_restr.weight 
_refine_ls_restr.pdbx_refine_id 
_refine_ls_restr.pdbx_restraint_function 
c_bond_d           ? 0.013 ?     ? 'X-RAY DIFFRACTION' ? 
c_angle_deg        ? 1.600 ?     ? 'X-RAY DIFFRACTION' ? 
c_dihedral_angle_d ? 0.000 ?     ? 'X-RAY DIFFRACTION' ? 
c_improper_angle_d ? 1.530 ?     ? 'X-RAY DIFFRACTION' ? 
c_mcbond_it        ? 8.200 1.500 ? 'X-RAY DIFFRACTION' ? 
c_mcangle_it       ? 3.420 2.000 ? 'X-RAY DIFFRACTION' ? 
c_scbond_it        ? ?     2.000 ? 'X-RAY DIFFRACTION' ? 
c_scangle_it       ? ?     2.500 ? 'X-RAY DIFFRACTION' ? 
# 
_refine_ls_shell.d_res_high                       1.500 
_refine_ls_shell.d_res_low                        1.590 
_refine_ls_shell.pdbx_total_number_of_bins_used   6 
_refine_ls_shell.percent_reflns_obs               93.700 
_refine_ls_shell.number_reflns_R_work             2621 
_refine_ls_shell.R_factor_all                     ? 
_refine_ls_shell.R_factor_R_work                  0.33 
_refine_ls_shell.R_factor_R_free                  0.356 
_refine_ls_shell.percent_reflns_R_free            5.800 
_refine_ls_shell.number_reflns_R_free             162 
_refine_ls_shell.R_factor_R_free_error            0.028 
_refine_ls_shell.number_reflns_all                ? 
_refine_ls_shell.number_reflns_obs                2783 
_refine_ls_shell.redundancy_reflns_obs            ? 
_refine_ls_shell.pdbx_refine_id                   'X-RAY DIFFRACTION' 
# 
loop_
_pdbx_xplor_file.serial_no 
_pdbx_xplor_file.param_file 
_pdbx_xplor_file.topol_file 
_pdbx_xplor_file.pdbx_refine_id 
1 protein.param         protein.top         'X-RAY DIFFRACTION' 
2 dna-rna-allatom.param dna-rna-allatom.top 'X-RAY DIFFRACTION' 
3 water.param           water.top           'X-RAY DIFFRACTION' 
4 ion.param             ion.top             'X-RAY DIFFRACTION' 
# 
_struct.entry_id                  2O4F 
_struct.title                     'Structure of a parallel-stranded guanine tetraplex crystallised with monovalent ions' 
_struct.pdbx_model_details        ? 
_struct.pdbx_CASP_flag            ? 
_struct.pdbx_model_type_details   ? 
# 
_struct_keywords.entry_id        2O4F 
_struct_keywords.pdbx_keywords   DNA 
_struct_keywords.text            'DNA, QUADRUPLE HELIX, PARALLEL-STRANDED' 
# 
loop_
_struct_asym.id 
_struct_asym.pdbx_blank_PDB_chainid_flag 
_struct_asym.pdbx_modified 
_struct_asym.entity_id 
_struct_asym.details 
A N N 1 ? 
B N N 1 ? 
C N N 1 ? 
D N N 1 ? 
E N N 1 ? 
F N N 1 ? 
G N N 1 ? 
H N N 1 ? 
I N N 2 ? 
J N N 2 ? 
K N N 2 ? 
L N N 2 ? 
M N N 3 ? 
N N N 2 ? 
O N N 2 ? 
P N N 2 ? 
Q N N 4 ? 
R N N 4 ? 
S N N 4 ? 
T N N 4 ? 
U N N 4 ? 
V N N 4 ? 
W N N 4 ? 
X N N 4 ? 
# 
loop_
_struct_conn.id 
_struct_conn.conn_type_id 
_struct_conn.pdbx_leaving_atom_flag 
_struct_conn.pdbx_PDB_id 
_struct_conn.ptnr1_label_asym_id 
_struct_conn.ptnr1_label_comp_id 
_struct_conn.ptnr1_label_seq_id 
_struct_conn.ptnr1_label_atom_id 
_struct_conn.pdbx_ptnr1_label_alt_id 
_struct_conn.pdbx_ptnr1_PDB_ins_code 
_struct_conn.pdbx_ptnr1_standard_comp_id 
_struct_conn.ptnr1_symmetry 
_struct_conn.ptnr2_label_asym_id 
_struct_conn.ptnr2_label_comp_id 
_struct_conn.ptnr2_label_seq_id 
_struct_conn.ptnr2_label_atom_id 
_struct_conn.pdbx_ptnr2_label_alt_id 
_struct_conn.pdbx_ptnr2_PDB_ins_code 
_struct_conn.ptnr1_auth_asym_id 
_struct_conn.ptnr1_auth_comp_id 
_struct_conn.ptnr1_auth_seq_id 
_struct_conn.ptnr2_auth_asym_id 
_struct_conn.ptnr2_auth_comp_id 
_struct_conn.ptnr2_auth_seq_id 
_struct_conn.ptnr2_symmetry 
_struct_conn.pdbx_ptnr3_label_atom_id 
_struct_conn.pdbx_ptnr3_label_seq_id 
_struct_conn.pdbx_ptnr3_label_comp_id 
_struct_conn.pdbx_ptnr3_label_asym_id 
_struct_conn.pdbx_ptnr3_label_alt_id 
_struct_conn.pdbx_ptnr3_PDB_ins_code 
_struct_conn.details 
_struct_conn.pdbx_dist_value 
_struct_conn.pdbx_value_order 
_struct_conn.pdbx_role 
metalc1  metalc ? ? A DG  4 O6 ? ? ? 1_555 I NA  . NA    ? ? A DG  4  A NA  7  1_555 ? ? ? ? ? ? ?               2.563 ? ? 
metalc2  metalc ? ? A DG  5 O6 ? ? ? 1_555 L NA  . NA    ? ? A DG  5  A NA  10 1_555 ? ? ? ? ? ? ?               2.242 ? ? 
metalc3  metalc ? ? I NA  . NA ? ? ? 1_555 C DG  4 O6    ? ? A NA  7  C DG  24 1_555 ? ? ? ? ? ? ?               2.594 ? ? 
metalc4  metalc ? ? I NA  . NA ? ? ? 1_555 D DG  4 O6    ? ? A NA  7  D DG  34 1_555 ? ? ? ? ? ? ?               2.588 ? ? 
metalc5  metalc ? ? L NA  . NA ? ? ? 1_555 Q HOH . O     ? ? A NA  10 A HOH 20 1_555 ? ? ? ? ? ? ?               2.416 ? ? 
metalc6  metalc ? ? L NA  . NA ? ? ? 1_555 B DG  5 O6    ? ? A NA  10 B DG  15 1_555 ? ? ? ? ? ? ?               2.247 ? ? 
metalc7  metalc ? ? L NA  . NA ? ? ? 1_555 C DG  5 O6    ? ? A NA  10 C DG  25 1_555 ? ? ? ? ? ? ?               2.319 ? ? 
metalc8  metalc ? ? L NA  . NA ? ? ? 1_555 D DG  5 O6    ? ? A NA  10 D DG  35 1_555 ? ? ? ? ? ? ?               2.292 ? ? 
metalc9  metalc ? ? R HOH . O  ? ? ? 1_555 M LI  . LI    ? ? B HOH 23 C LI  8  1_555 ? ? ? ? ? ? ?               1.886 ? ? 
metalc10 metalc ? ? R HOH . O  ? ? ? 1_555 M LI  . LI    ? ? B HOH 63 C LI  8  1_555 ? ? ? ? ? ? ?               1.986 ? ? 
metalc11 metalc ? ? M LI  . LI ? ? ? 1_555 C DG  4 "O4'" ? ? C LI  8  C DG  24 1_555 ? ? ? ? ? ? ?               1.911 ? ? 
metalc12 metalc ? ? M LI  . LI ? ? ? 1_555 S HOH . O     ? ? C LI  8  C HOH 85 1_555 ? ? ? ? ? ? ?               2.032 ? ? 
metalc13 metalc ? ? T HOH . O  ? ? ? 1_556 P NA  . NA    ? ? D HOH 38 E NA  6  1_555 ? ? ? ? ? ? ?               2.455 ? ? 
metalc14 metalc ? ? N NA  . NA ? ? ? 1_555 E DG  3 O6    ? ? E NA  3  E DG  43 1_555 ? ? ? ? ? ? ?               2.599 ? ? 
metalc15 metalc ? ? N NA  . NA ? ? ? 1_555 F DG  3 O6    ? ? E NA  3  F DG  53 1_555 ? ? ? ? ? ? ?               2.553 ? ? 
metalc16 metalc ? ? N NA  . NA ? ? ? 1_555 G DG  3 O6    ? ? E NA  3  G DG  63 1_555 ? ? ? ? ? ? ?               2.573 ? ? 
metalc17 metalc ? ? N NA  . NA ? ? ? 1_555 H DG  3 O6    ? ? E NA  3  H DG  73 1_555 ? ? ? ? ? ? ?               2.587 ? ? 
metalc18 metalc ? ? O NA  . NA ? ? ? 1_555 E DG  4 O6    ? ? E NA  4  E DG  44 1_555 ? ? ? ? ? ? ?               2.436 ? ? 
metalc19 metalc ? ? O NA  . NA ? ? ? 1_555 F DG  4 O6    ? ? E NA  4  F DG  54 1_555 ? ? ? ? ? ? ?               2.512 ? ? 
metalc20 metalc ? ? O NA  . NA ? ? ? 1_555 H DG  4 O6    ? ? E NA  4  H DG  74 1_555 ? ? ? ? ? ? ?               2.570 ? ? 
metalc21 metalc ? ? P NA  . NA ? ? ? 1_555 E DG  5 O6    ? ? E NA  6  E DG  45 1_555 ? ? ? ? ? ? ?               2.283 ? ? 
metalc22 metalc ? ? P NA  . NA ? ? ? 1_555 F DG  5 O6    ? ? E NA  6  F DG  55 1_555 ? ? ? ? ? ? ?               2.231 ? ? 
metalc23 metalc ? ? P NA  . NA ? ? ? 1_555 G DG  5 O6    ? ? E NA  6  G DG  65 1_555 ? ? ? ? ? ? ?               2.301 ? ? 
metalc24 metalc ? ? P NA  . NA ? ? ? 1_555 H DG  5 O6    ? ? E NA  6  H DG  75 1_555 ? ? ? ? ? ? ?               2.225 ? ? 
hydrog1  hydrog ? ? A DT  1 O2 ? ? ? 1_555 H DG  2 N2    ? ? A DT  1  H DG  72 1_555 ? ? ? ? ? ? 'DT-DG MISPAIR' ?     ? ? 
hydrog2  hydrog ? ? A DG  2 N7 ? ? ? 1_555 B DG  2 N2    ? ? A DG  2  B DG  12 1_555 ? ? ? ? ? ? TYPE_6_PAIR     ?     ? ? 
hydrog3  hydrog ? ? A DG  2 O6 ? ? ? 1_555 B DG  2 N1    ? ? A DG  2  B DG  12 1_555 ? ? ? ? ? ? TYPE_6_PAIR     ?     ? ? 
hydrog4  hydrog ? ? A DG  2 N1 ? ? ? 1_555 D DG  2 O6    ? ? A DG  2  D DG  32 1_555 ? ? ? ? ? ? TYPE_6_PAIR     ?     ? ? 
hydrog5  hydrog ? ? A DG  2 N2 ? ? ? 1_555 D DG  2 N7    ? ? A DG  2  D DG  32 1_555 ? ? ? ? ? ? TYPE_6_PAIR     ?     ? ? 
hydrog6  hydrog ? ? A DG  3 N7 ? ? ? 1_555 B DG  3 N2    ? ? A DG  3  B DG  13 1_555 ? ? ? ? ? ? TYPE_6_PAIR     ?     ? ? 
hydrog7  hydrog ? ? A DG  3 O6 ? ? ? 1_555 B DG  3 N1    ? ? A DG  3  B DG  13 1_555 ? ? ? ? ? ? TYPE_6_PAIR     ?     ? ? 
hydrog8  hydrog ? ? A DG  3 N1 ? ? ? 1_555 D DG  3 O6    ? ? A DG  3  D DG  33 1_555 ? ? ? ? ? ? TYPE_6_PAIR     ?     ? ? 
hydrog9  hydrog ? ? A DG  3 N2 ? ? ? 1_555 D DG  3 N7    ? ? A DG  3  D DG  33 1_555 ? ? ? ? ? ? TYPE_6_PAIR     ?     ? ? 
hydrog10 hydrog ? ? A DG  4 N7 ? ? ? 1_555 B DG  4 N2    ? ? A DG  4  B DG  14 1_555 ? ? ? ? ? ? TYPE_6_PAIR     ?     ? ? 
hydrog11 hydrog ? ? A DG  4 O6 ? ? ? 1_555 B DG  4 N1    ? ? A DG  4  B DG  14 1_555 ? ? ? ? ? ? TYPE_6_PAIR     ?     ? ? 
hydrog12 hydrog ? ? A DG  4 N1 ? ? ? 1_555 D DG  4 O6    ? ? A DG  4  D DG  34 1_555 ? ? ? ? ? ? TYPE_6_PAIR     ?     ? ? 
hydrog13 hydrog ? ? A DG  4 N2 ? ? ? 1_555 D DG  4 N7    ? ? A DG  4  D DG  34 1_555 ? ? ? ? ? ? TYPE_6_PAIR     ?     ? ? 
hydrog14 hydrog ? ? A DG  5 N7 ? ? ? 1_555 B DG  5 N2    ? ? A DG  5  B DG  15 1_555 ? ? ? ? ? ? TYPE_6_PAIR     ?     ? ? 
hydrog15 hydrog ? ? A DG  5 O6 ? ? ? 1_555 B DG  5 N1    ? ? A DG  5  B DG  15 1_555 ? ? ? ? ? ? TYPE_6_PAIR     ?     ? ? 
hydrog16 hydrog ? ? A DG  5 N1 ? ? ? 1_555 D DG  5 O6    ? ? A DG  5  D DG  35 1_555 ? ? ? ? ? ? TYPE_6_PAIR     ?     ? ? 
hydrog17 hydrog ? ? A DG  5 N2 ? ? ? 1_555 D DG  5 N7    ? ? A DG  5  D DG  35 1_555 ? ? ? ? ? ? TYPE_6_PAIR     ?     ? ? 
hydrog18 hydrog ? ? B DT  1 O2 ? ? ? 1_555 G DG  2 N2    ? ? B DT  11 G DG  62 1_555 ? ? ? ? ? ? 'DT-DG MISPAIR' ?     ? ? 
hydrog19 hydrog ? ? B DG  2 N7 ? ? ? 1_555 C DG  2 N2    ? ? B DG  12 C DG  22 1_555 ? ? ? ? ? ? TYPE_6_PAIR     ?     ? ? 
hydrog20 hydrog ? ? B DG  2 O6 ? ? ? 1_555 C DG  2 N1    ? ? B DG  12 C DG  22 1_555 ? ? ? ? ? ? TYPE_6_PAIR     ?     ? ? 
hydrog21 hydrog ? ? B DG  3 N7 ? ? ? 1_555 C DG  3 N2    ? ? B DG  13 C DG  23 1_555 ? ? ? ? ? ? TYPE_6_PAIR     ?     ? ? 
hydrog22 hydrog ? ? B DG  3 O6 ? ? ? 1_555 C DG  3 N1    ? ? B DG  13 C DG  23 1_555 ? ? ? ? ? ? TYPE_6_PAIR     ?     ? ? 
hydrog23 hydrog ? ? B DG  4 N7 ? ? ? 1_555 C DG  4 N2    ? ? B DG  14 C DG  24 1_555 ? ? ? ? ? ? TYPE_6_PAIR     ?     ? ? 
hydrog24 hydrog ? ? B DG  4 O6 ? ? ? 1_555 C DG  4 N1    ? ? B DG  14 C DG  24 1_555 ? ? ? ? ? ? TYPE_6_PAIR     ?     ? ? 
hydrog25 hydrog ? ? B DG  5 N7 ? ? ? 1_555 C DG  5 N2    ? ? B DG  15 C DG  25 1_555 ? ? ? ? ? ? TYPE_6_PAIR     ?     ? ? 
hydrog26 hydrog ? ? B DG  5 O6 ? ? ? 1_555 C DG  5 N1    ? ? B DG  15 C DG  25 1_555 ? ? ? ? ? ? TYPE_6_PAIR     ?     ? ? 
hydrog27 hydrog ? ? C DT  1 O2 ? ? ? 1_555 F DG  2 N2    ? ? C DT  21 F DG  52 1_555 ? ? ? ? ? ? 'DT-DG MISPAIR' ?     ? ? 
hydrog28 hydrog ? ? C DG  2 N7 ? ? ? 1_555 D DG  2 N2    ? ? C DG  22 D DG  32 1_555 ? ? ? ? ? ? TYPE_6_PAIR     ?     ? ? 
hydrog29 hydrog ? ? C DG  2 O6 ? ? ? 1_555 D DG  2 N1    ? ? C DG  22 D DG  32 1_555 ? ? ? ? ? ? TYPE_6_PAIR     ?     ? ? 
hydrog30 hydrog ? ? C DG  3 N7 ? ? ? 1_555 D DG  3 N2    ? ? C DG  23 D DG  33 1_555 ? ? ? ? ? ? TYPE_6_PAIR     ?     ? ? 
hydrog31 hydrog ? ? C DG  3 O6 ? ? ? 1_555 D DG  3 N1    ? ? C DG  23 D DG  33 1_555 ? ? ? ? ? ? TYPE_6_PAIR     ?     ? ? 
hydrog32 hydrog ? ? C DG  4 N7 ? ? ? 1_555 D DG  4 N2    ? ? C DG  24 D DG  34 1_555 ? ? ? ? ? ? TYPE_6_PAIR     ?     ? ? 
hydrog33 hydrog ? ? C DG  4 O6 ? ? ? 1_555 D DG  4 N1    ? ? C DG  24 D DG  34 1_555 ? ? ? ? ? ? TYPE_6_PAIR     ?     ? ? 
hydrog34 hydrog ? ? C DG  5 N7 ? ? ? 1_555 D DG  5 N2    ? ? C DG  25 D DG  35 1_555 ? ? ? ? ? ? TYPE_6_PAIR     ?     ? ? 
hydrog35 hydrog ? ? C DG  5 O6 ? ? ? 1_555 D DG  5 N1    ? ? C DG  25 D DG  35 1_555 ? ? ? ? ? ? TYPE_6_PAIR     ?     ? ? 
hydrog36 hydrog ? ? D DT  1 O2 ? ? ? 1_555 E DG  2 N2    ? ? D DT  31 E DG  42 1_555 ? ? ? ? ? ? 'DT-DG MISPAIR' ?     ? ? 
hydrog37 hydrog ? ? E DG  2 N7 ? ? ? 1_555 F DG  2 N2    ? ? E DG  42 F DG  52 1_555 ? ? ? ? ? ? TYPE_6_PAIR     ?     ? ? 
hydrog38 hydrog ? ? E DG  2 O6 ? ? ? 1_555 F DG  2 N1    ? ? E DG  42 F DG  52 1_555 ? ? ? ? ? ? TYPE_6_PAIR     ?     ? ? 
hydrog39 hydrog ? ? E DG  2 N1 ? ? ? 1_555 H DG  2 O6    ? ? E DG  42 H DG  72 1_555 ? ? ? ? ? ? TYPE_6_PAIR     ?     ? ? 
hydrog40 hydrog ? ? E DG  2 N2 ? ? ? 1_555 H DG  2 N7    ? ? E DG  42 H DG  72 1_555 ? ? ? ? ? ? TYPE_6_PAIR     ?     ? ? 
hydrog41 hydrog ? ? E DG  3 N7 ? ? ? 1_555 F DG  3 N2    ? ? E DG  43 F DG  53 1_555 ? ? ? ? ? ? TYPE_6_PAIR     ?     ? ? 
hydrog42 hydrog ? ? E DG  3 O6 ? ? ? 1_555 F DG  3 N1    ? ? E DG  43 F DG  53 1_555 ? ? ? ? ? ? TYPE_6_PAIR     ?     ? ? 
hydrog43 hydrog ? ? E DG  3 N1 ? ? ? 1_555 H DG  3 O6    ? ? E DG  43 H DG  73 1_555 ? ? ? ? ? ? TYPE_6_PAIR     ?     ? ? 
hydrog44 hydrog ? ? E DG  3 N2 ? ? ? 1_555 H DG  3 N7    ? ? E DG  43 H DG  73 1_555 ? ? ? ? ? ? TYPE_6_PAIR     ?     ? ? 
hydrog45 hydrog ? ? E DG  4 N7 ? ? ? 1_555 F DG  4 N2    ? ? E DG  44 F DG  54 1_555 ? ? ? ? ? ? TYPE_6_PAIR     ?     ? ? 
hydrog46 hydrog ? ? E DG  4 O6 ? ? ? 1_555 F DG  4 N1    ? ? E DG  44 F DG  54 1_555 ? ? ? ? ? ? TYPE_6_PAIR     ?     ? ? 
hydrog47 hydrog ? ? E DG  4 N1 ? ? ? 1_555 H DG  4 O6    ? ? E DG  44 H DG  74 1_555 ? ? ? ? ? ? TYPE_6_PAIR     ?     ? ? 
hydrog48 hydrog ? ? E DG  4 N2 ? ? ? 1_555 H DG  4 N7    ? ? E DG  44 H DG  74 1_555 ? ? ? ? ? ? TYPE_6_PAIR     ?     ? ? 
hydrog49 hydrog ? ? E DG  5 N7 ? ? ? 1_555 F DG  5 N2    ? ? E DG  45 F DG  55 1_555 ? ? ? ? ? ? TYPE_6_PAIR     ?     ? ? 
hydrog50 hydrog ? ? E DG  5 O6 ? ? ? 1_555 F DG  5 N1    ? ? E DG  45 F DG  55 1_555 ? ? ? ? ? ? TYPE_6_PAIR     ?     ? ? 
hydrog51 hydrog ? ? E DG  5 N1 ? ? ? 1_555 H DG  5 O6    ? ? E DG  45 H DG  75 1_555 ? ? ? ? ? ? TYPE_6_PAIR     ?     ? ? 
hydrog52 hydrog ? ? E DG  5 N2 ? ? ? 1_555 H DG  5 N7    ? ? E DG  45 H DG  75 1_555 ? ? ? ? ? ? TYPE_6_PAIR     ?     ? ? 
hydrog53 hydrog ? ? E DT  6 O4 ? ? ? 1_555 F DT  6 N3    ? ? E DT  46 F DT  56 1_555 ? ? ? ? ? ? 'DT-DT MISPAIR' ?     ? ? 
hydrog54 hydrog ? ? F DG  2 N7 ? ? ? 1_555 G DG  2 N2    ? ? F DG  52 G DG  62 1_555 ? ? ? ? ? ? TYPE_6_PAIR     ?     ? ? 
hydrog55 hydrog ? ? F DG  2 O6 ? ? ? 1_555 G DG  2 N1    ? ? F DG  52 G DG  62 1_555 ? ? ? ? ? ? TYPE_6_PAIR     ?     ? ? 
hydrog56 hydrog ? ? F DG  3 N7 ? ? ? 1_555 G DG  3 N2    ? ? F DG  53 G DG  63 1_555 ? ? ? ? ? ? TYPE_6_PAIR     ?     ? ? 
hydrog57 hydrog ? ? F DG  3 O6 ? ? ? 1_555 G DG  3 N1    ? ? F DG  53 G DG  63 1_555 ? ? ? ? ? ? TYPE_6_PAIR     ?     ? ? 
hydrog58 hydrog ? ? F DG  4 N7 ? ? ? 1_555 G DG  4 N2    ? ? F DG  54 G DG  64 1_555 ? ? ? ? ? ? TYPE_6_PAIR     ?     ? ? 
hydrog59 hydrog ? ? F DG  4 O6 ? ? ? 1_555 G DG  4 N1    ? ? F DG  54 G DG  64 1_555 ? ? ? ? ? ? TYPE_6_PAIR     ?     ? ? 
hydrog60 hydrog ? ? F DG  5 N7 ? ? ? 1_555 G DG  5 N2    ? ? F DG  55 G DG  65 1_555 ? ? ? ? ? ? TYPE_6_PAIR     ?     ? ? 
hydrog61 hydrog ? ? F DG  5 O6 ? ? ? 1_555 G DG  5 N1    ? ? F DG  55 G DG  65 1_555 ? ? ? ? ? ? TYPE_6_PAIR     ?     ? ? 
hydrog62 hydrog ? ? G DG  2 N7 ? ? ? 1_555 H DG  2 N2    ? ? G DG  62 H DG  72 1_555 ? ? ? ? ? ? TYPE_6_PAIR     ?     ? ? 
hydrog63 hydrog ? ? G DG  2 O6 ? ? ? 1_555 H DG  2 N1    ? ? G DG  62 H DG  72 1_555 ? ? ? ? ? ? TYPE_6_PAIR     ?     ? ? 
hydrog64 hydrog ? ? G DG  3 N7 ? ? ? 1_555 H DG  3 N2    ? ? G DG  63 H DG  73 1_555 ? ? ? ? ? ? TYPE_6_PAIR     ?     ? ? 
hydrog65 hydrog ? ? G DG  3 O6 ? ? ? 1_555 H DG  3 N1    ? ? G DG  63 H DG  73 1_555 ? ? ? ? ? ? TYPE_6_PAIR     ?     ? ? 
hydrog66 hydrog ? ? G DG  4 N7 ? ? ? 1_555 H DG  4 N2    ? ? G DG  64 H DG  74 1_555 ? ? ? ? ? ? TYPE_6_PAIR     ?     ? ? 
hydrog67 hydrog ? ? G DG  4 O6 ? ? ? 1_555 H DG  4 N1    ? ? G DG  64 H DG  74 1_555 ? ? ? ? ? ? TYPE_6_PAIR     ?     ? ? 
hydrog68 hydrog ? ? G DG  5 N7 ? ? ? 1_555 H DG  5 N2    ? ? G DG  65 H DG  75 1_555 ? ? ? ? ? ? TYPE_6_PAIR     ?     ? ? 
hydrog69 hydrog ? ? G DG  5 O6 ? ? ? 1_555 H DG  5 N1    ? ? G DG  65 H DG  75 1_555 ? ? ? ? ? ? TYPE_6_PAIR     ?     ? ? 
# 
loop_
_struct_conn_type.id 
_struct_conn_type.criteria 
_struct_conn_type.reference 
metalc ? ? 
hydrog ? ? 
# 
loop_
_struct_site.id 
_struct_site.pdbx_evidence_code 
_struct_site.pdbx_auth_asym_id 
_struct_site.pdbx_auth_comp_id 
_struct_site.pdbx_auth_seq_id 
_struct_site.pdbx_auth_ins_code 
_struct_site.pdbx_num_residues 
_struct_site.details 
AC1 Software A NA 7  ? 9  'BINDING SITE FOR RESIDUE NA A 7'  
AC2 Software A NA 8  ? 10 'BINDING SITE FOR RESIDUE NA A 8'  
AC3 Software E NA 3  ? 10 'BINDING SITE FOR RESIDUE NA E 3'  
AC4 Software E NA 4  ? 9  'BINDING SITE FOR RESIDUE NA E 4'  
AC5 Software A NA 9  ? 10 'BINDING SITE FOR RESIDUE NA A 9'  
AC6 Software E NA 6  ? 5  'BINDING SITE FOR RESIDUE NA E 6'  
AC7 Software A NA 10 ? 5  'BINDING SITE FOR RESIDUE NA A 10' 
AC8 Software C LI 8  ? 5  'BINDING SITE FOR RESIDUE LI C 8'  
# 
loop_
_struct_site_gen.id 
_struct_site_gen.site_id 
_struct_site_gen.pdbx_num_res 
_struct_site_gen.label_comp_id 
_struct_site_gen.label_asym_id 
_struct_site_gen.label_seq_id 
_struct_site_gen.pdbx_auth_ins_code 
_struct_site_gen.auth_comp_id 
_struct_site_gen.auth_asym_id 
_struct_site_gen.auth_seq_id 
_struct_site_gen.label_atom_id 
_struct_site_gen.label_alt_id 
_struct_site_gen.symmetry 
_struct_site_gen.details 
1  AC1 9  DG  A 3 ? DG  A 3  . ? 1_555 ? 
2  AC1 9  DG  A 4 ? DG  A 4  . ? 1_555 ? 
3  AC1 9  NA  J . ? NA  A 8  . ? 1_555 ? 
4  AC1 9  DG  B 3 ? DG  B 13 . ? 1_555 ? 
5  AC1 9  DG  B 4 ? DG  B 14 . ? 1_555 ? 
6  AC1 9  DG  C 3 ? DG  C 23 . ? 1_555 ? 
7  AC1 9  DG  C 4 ? DG  C 24 . ? 1_555 ? 
8  AC1 9  DG  D 3 ? DG  D 33 . ? 1_555 ? 
9  AC1 9  DG  D 4 ? DG  D 34 . ? 1_555 ? 
10 AC2 10 DG  A 2 ? DG  A 2  . ? 1_555 ? 
11 AC2 10 DG  A 3 ? DG  A 3  . ? 1_555 ? 
12 AC2 10 NA  I . ? NA  A 7  . ? 1_555 ? 
13 AC2 10 NA  K . ? NA  A 9  . ? 1_555 ? 
14 AC2 10 DG  B 2 ? DG  B 12 . ? 1_555 ? 
15 AC2 10 DG  B 3 ? DG  B 13 . ? 1_555 ? 
16 AC2 10 DG  C 2 ? DG  C 22 . ? 1_555 ? 
17 AC2 10 DG  C 3 ? DG  C 23 . ? 1_555 ? 
18 AC2 10 DG  D 2 ? DG  D 32 . ? 1_555 ? 
19 AC2 10 DG  D 3 ? DG  D 33 . ? 1_555 ? 
20 AC3 10 NA  K . ? NA  A 9  . ? 1_555 ? 
21 AC3 10 NA  O . ? NA  E 4  . ? 1_555 ? 
22 AC3 10 DG  E 2 ? DG  E 42 . ? 1_555 ? 
23 AC3 10 DG  E 3 ? DG  E 43 . ? 1_555 ? 
24 AC3 10 DG  F 2 ? DG  F 52 . ? 1_555 ? 
25 AC3 10 DG  F 3 ? DG  F 53 . ? 1_555 ? 
26 AC3 10 DG  G 2 ? DG  G 62 . ? 1_555 ? 
27 AC3 10 DG  G 3 ? DG  G 63 . ? 1_555 ? 
28 AC3 10 DG  H 2 ? DG  H 72 . ? 1_555 ? 
29 AC3 10 DG  H 3 ? DG  H 73 . ? 1_555 ? 
30 AC4 9  NA  N . ? NA  E 3  . ? 1_555 ? 
31 AC4 9  DG  E 3 ? DG  E 43 . ? 1_555 ? 
32 AC4 9  DG  E 4 ? DG  E 44 . ? 1_555 ? 
33 AC4 9  DG  F 3 ? DG  F 53 . ? 1_555 ? 
34 AC4 9  DG  F 4 ? DG  F 54 . ? 1_555 ? 
35 AC4 9  DG  G 3 ? DG  G 63 . ? 1_555 ? 
36 AC4 9  DG  G 4 ? DG  G 64 . ? 1_555 ? 
37 AC4 9  DG  H 3 ? DG  H 73 . ? 1_555 ? 
38 AC4 9  DG  H 4 ? DG  H 74 . ? 1_555 ? 
39 AC5 10 DG  A 2 ? DG  A 2  . ? 1_555 ? 
40 AC5 10 NA  J . ? NA  A 8  . ? 1_555 ? 
41 AC5 10 DG  B 2 ? DG  B 12 . ? 1_555 ? 
42 AC5 10 DG  C 2 ? DG  C 22 . ? 1_555 ? 
43 AC5 10 DG  D 2 ? DG  D 32 . ? 1_555 ? 
44 AC5 10 NA  N . ? NA  E 3  . ? 1_555 ? 
45 AC5 10 DG  E 2 ? DG  E 42 . ? 1_555 ? 
46 AC5 10 DG  F 2 ? DG  F 52 . ? 1_555 ? 
47 AC5 10 DG  G 2 ? DG  G 62 . ? 1_555 ? 
48 AC5 10 DG  H 2 ? DG  H 72 . ? 1_555 ? 
49 AC6 5  HOH T . ? HOH D 38 . ? 1_556 ? 
50 AC6 5  DG  E 5 ? DG  E 45 . ? 1_555 ? 
51 AC6 5  DG  F 5 ? DG  F 55 . ? 1_555 ? 
52 AC6 5  DG  G 5 ? DG  G 65 . ? 1_555 ? 
53 AC6 5  DG  H 5 ? DG  H 75 . ? 1_555 ? 
54 AC7 5  DG  A 5 ? DG  A 5  . ? 1_555 ? 
55 AC7 5  HOH Q . ? HOH A 20 . ? 1_555 ? 
56 AC7 5  DG  B 5 ? DG  B 15 . ? 1_555 ? 
57 AC7 5  DG  C 5 ? DG  C 25 . ? 1_555 ? 
58 AC7 5  DG  D 5 ? DG  D 35 . ? 1_555 ? 
59 AC8 5  HOH R . ? HOH B 23 . ? 1_555 ? 
60 AC8 5  HOH R . ? HOH B 63 . ? 1_555 ? 
61 AC8 5  DG  C 3 ? DG  C 23 . ? 1_555 ? 
62 AC8 5  DG  C 4 ? DG  C 24 . ? 1_555 ? 
63 AC8 5  HOH S . ? HOH C 85 . ? 1_555 ? 
# 
_atom_sites.entry_id                    2O4F 
_atom_sites.fract_transf_matrix[1][1]   -0.00720873 
_atom_sites.fract_transf_matrix[1][2]   -0.01543061 
_atom_sites.fract_transf_matrix[1][3]   0.03212155 
_atom_sites.fract_transf_matrix[2][1]   0.01497988 
_atom_sites.fract_transf_matrix[2][2]   -0.00886771 
_atom_sites.fract_transf_matrix[2][3]   -0.00089809 
_atom_sites.fract_transf_matrix[3][1]   0.01132798 
_atom_sites.fract_transf_matrix[3][2]   0.01701381 
_atom_sites.fract_transf_matrix[3][3]   0.02095368 
_atom_sites.fract_transf_vector[1]      0.305605 
_atom_sites.fract_transf_vector[2]      0.008513 
_atom_sites.fract_transf_vector[3]      0.299865 
# 
loop_
_atom_type.symbol 
C  
LI 
N  
NA 
O  
P  
# 
loop_
_atom_site.group_PDB 
_atom_site.id 
_atom_site.type_symbol 
_atom_site.label_atom_id 
_atom_site.label_alt_id 
_atom_site.label_comp_id 
_atom_site.label_asym_id 
_atom_site.label_entity_id 
_atom_site.label_seq_id 
_atom_site.pdbx_PDB_ins_code 
_atom_site.Cartn_x 
_atom_site.Cartn_y 
_atom_site.Cartn_z 
_atom_site.occupancy 
_atom_site.B_iso_or_equiv 
_atom_site.pdbx_formal_charge 
_atom_site.auth_seq_id 
_atom_site.auth_comp_id 
_atom_site.auth_asym_id 
_atom_site.auth_atom_id 
_atom_site.pdbx_PDB_model_num 
ATOM   1    O  "O5'" . DT  A 1 1 ? 3.839   8.779   -9.870  1.00 23.86 ? 1   DT  A "O5'" 1 
ATOM   2    C  "C5'" . DT  A 1 1 ? 5.072   8.284   -9.358  1.00 20.58 ? 1   DT  A "C5'" 1 
ATOM   3    C  "C4'" . DT  A 1 1 ? 4.833   7.173   -8.357  1.00 17.95 ? 1   DT  A "C4'" 1 
ATOM   4    O  "O4'" . DT  A 1 1 ? 4.436   7.711   -7.084  1.00 16.90 ? 1   DT  A "O4'" 1 
ATOM   5    C  "C3'" . DT  A 1 1 ? 3.727   6.208   -8.748  1.00 16.10 ? 1   DT  A "C3'" 1 
ATOM   6    O  "O3'" . DT  A 1 1 ? 4.094   4.879   -8.370  1.00 14.74 ? 1   DT  A "O3'" 1 
ATOM   7    C  "C2'" . DT  A 1 1 ? 2.519   6.686   -7.969  1.00 15.69 ? 1   DT  A "C2'" 1 
ATOM   8    C  "C1'" . DT  A 1 1 ? 3.154   7.252   -6.704  1.00 15.22 ? 1   DT  A "C1'" 1 
ATOM   9    N  N1    . DT  A 1 1 ? 2.453   8.388   -6.099  1.00 13.64 ? 1   DT  A N1    1 
ATOM   10   C  C2    . DT  A 1 1 ? 1.771   8.229   -4.906  1.00 14.20 ? 1   DT  A C2    1 
ATOM   11   O  O2    . DT  A 1 1 ? 1.669   7.151   -4.351  1.00 14.08 ? 1   DT  A O2    1 
ATOM   12   N  N3    . DT  A 1 1 ? 1.202   9.379   -4.405  1.00 13.43 ? 1   DT  A N3    1 
ATOM   13   C  C4    . DT  A 1 1 ? 1.233   10.637  -4.988  1.00 13.35 ? 1   DT  A C4    1 
ATOM   14   O  O4    . DT  A 1 1 ? 0.589   11.564  -4.498  1.00 14.13 ? 1   DT  A O4    1 
ATOM   15   C  C5    . DT  A 1 1 ? 1.947   10.715  -6.248  1.00 14.98 ? 1   DT  A C5    1 
ATOM   16   C  C7    . DT  A 1 1 ? 2.087   12.048  -6.912  1.00 15.54 ? 1   DT  A C7    1 
ATOM   17   C  C6    . DT  A 1 1 ? 2.510   9.606   -6.735  1.00 14.20 ? 1   DT  A C6    1 
ATOM   18   P  P     . DG  A 1 2 ? 3.550   3.670   -9.233  1.00 11.40 ? 2   DG  A P     1 
ATOM   19   O  OP1   . DG  A 1 2 ? 3.852   4.050   -10.605 1.00 13.19 ? 2   DG  A OP1   1 
ATOM   20   O  OP2   . DG  A 1 2 ? 2.142   3.446   -8.809  1.00 13.19 ? 2   DG  A OP2   1 
ATOM   21   O  "O5'" . DG  A 1 2 ? 4.361   2.406   -8.769  1.00 8.80  ? 2   DG  A "O5'" 1 
ATOM   22   C  "C5'" . DG  A 1 2 ? 5.751   2.283   -8.932  1.00 8.89  ? 2   DG  A "C5'" 1 
ATOM   23   C  "C4'" . DG  A 1 2 ? 6.110   0.851   -8.629  1.00 8.27  ? 2   DG  A "C4'" 1 
ATOM   24   O  "O4'" . DG  A 1 2 ? 5.795   0.518   -7.236  1.00 6.38  ? 2   DG  A "O4'" 1 
ATOM   25   C  "C3'" . DG  A 1 2 ? 5.327   -0.121  -9.501  1.00 6.91  ? 2   DG  A "C3'" 1 
ATOM   26   O  "O3'" . DG  A 1 2 ? 6.228   -1.171  -9.945  1.00 8.66  ? 2   DG  A "O3'" 1 
ATOM   27   C  "C2'" . DG  A 1 2 ? 4.226   -0.610  -8.574  1.00 6.16  ? 2   DG  A "C2'" 1 
ATOM   28   C  "C1'" . DG  A 1 2 ? 4.837   -0.522  -7.172  1.00 6.24  ? 2   DG  A "C1'" 1 
ATOM   29   N  N9    . DG  A 1 2 ? 3.838   -0.175  -6.156  1.00 4.95  ? 2   DG  A N9    1 
ATOM   30   C  C8    . DG  A 1 2 ? 2.923   0.854   -6.204  1.00 4.98  ? 2   DG  A C8    1 
ATOM   31   N  N7    . DG  A 1 2 ? 2.118   0.882   -5.162  1.00 5.49  ? 2   DG  A N7    1 
ATOM   32   C  C5    . DG  A 1 2 ? 2.506   -0.222  -4.403  1.00 4.17  ? 2   DG  A C5    1 
ATOM   33   C  C6    . DG  A 1 2 ? 1.962   -0.773  -3.188  1.00 5.38  ? 2   DG  A C6    1 
ATOM   34   O  O6    . DG  A 1 2 ? 0.947   -0.429  -2.577  1.00 3.19  ? 2   DG  A O6    1 
ATOM   35   N  N1    . DG  A 1 2 ? 2.700   -1.870  -2.742  1.00 3.16  ? 2   DG  A N1    1 
ATOM   36   C  C2    . DG  A 1 2 ? 3.789   -2.412  -3.388  1.00 4.12  ? 2   DG  A C2    1 
ATOM   37   N  N2    . DG  A 1 2 ? 4.378   -3.482  -2.792  1.00 4.63  ? 2   DG  A N2    1 
ATOM   38   N  N3    . DG  A 1 2 ? 4.275   -1.945  -4.543  1.00 4.48  ? 2   DG  A N3    1 
ATOM   39   C  C4    . DG  A 1 2 ? 3.594   -0.860  -4.986  1.00 5.89  ? 2   DG  A C4    1 
ATOM   40   P  P     . DG  A 1 3 ? 5.656   -2.548  -10.589 1.00 9.76  ? 3   DG  A P     1 
ATOM   41   O  OP1   . DG  A 1 3 ? 6.759   -2.972  -11.520 1.00 12.33 ? 3   DG  A OP1   1 
ATOM   42   O  OP2   . DG  A 1 3 ? 4.281   -2.451  -11.099 1.00 9.54  ? 3   DG  A OP2   1 
ATOM   43   O  "O5'" . DG  A 1 3 ? 5.675   -3.558  -9.368  1.00 8.19  ? 3   DG  A "O5'" 1 
ATOM   44   C  "C5'" . DG  A 1 3 ? 6.876   -3.775  -8.651  1.00 9.60  ? 3   DG  A "C5'" 1 
ATOM   45   C  "C4'" . DG  A 1 3 ? 6.785   -5.055  -7.864  1.00 7.25  ? 3   DG  A "C4'" 1 
ATOM   46   O  "O4'" . DG  A 1 3 ? 5.854   -4.874  -6.785  1.00 8.24  ? 3   DG  A "O4'" 1 
ATOM   47   C  "C3'" . DG  A 1 3 ? 6.279   -6.253  -8.667  1.00 8.57  ? 3   DG  A "C3'" 1 
ATOM   48   O  "O3'" . DG  A 1 3 ? 7.020   -7.397  -8.216  1.00 9.66  ? 3   DG  A "O3'" 1 
ATOM   49   C  "C2'" . DG  A 1 3 ? 4.801   -6.342  -8.287  1.00 7.13  ? 3   DG  A "C2'" 1 
ATOM   50   C  "C1'" . DG  A 1 3 ? 4.785   -5.817  -6.842  1.00 6.86  ? 3   DG  A "C1'" 1 
ATOM   51   N  N9    . DG  A 1 3 ? 3.573   -5.077  -6.507  1.00 4.56  ? 3   DG  A N9    1 
ATOM   52   C  C8    . DG  A 1 3 ? 3.072   -3.992  -7.177  1.00 6.43  ? 3   DG  A C8    1 
ATOM   53   N  N7    . DG  A 1 3 ? 1.991   -3.499  -6.618  1.00 4.46  ? 3   DG  A N7    1 
ATOM   54   C  C5    . DG  A 1 3 ? 1.770   -4.325  -5.518  1.00 4.63  ? 3   DG  A C5    1 
ATOM   55   C  C6    . DG  A 1 3 ? 0.783   -4.267  -4.541  1.00 4.67  ? 3   DG  A C6    1 
ATOM   56   O  O6    . DG  A 1 3 ? -0.149  -3.426  -4.413  1.00 5.17  ? 3   DG  A O6    1 
ATOM   57   N  N1    . DG  A 1 3 ? 0.911   -5.292  -3.621  1.00 5.46  ? 3   DG  A N1    1 
ATOM   58   C  C2    . DG  A 1 3 ? 1.920   -6.246  -3.632  1.00 4.58  ? 3   DG  A C2    1 
ATOM   59   N  N2    . DG  A 1 3 ? 1.891   -7.215  -2.705  1.00 5.45  ? 3   DG  A N2    1 
ATOM   60   N  N3    . DG  A 1 3 ? 2.870   -6.257  -4.500  1.00 5.86  ? 3   DG  A N3    1 
ATOM   61   C  C4    . DG  A 1 3 ? 2.733   -5.290  -5.428  1.00 4.67  ? 3   DG  A C4    1 
ATOM   62   P  P     . DG  A 1 4 ? 6.802   -8.814  -8.899  1.00 12.56 ? 4   DG  A P     1 
ATOM   63   O  OP1   . DG  A 1 4 ? 8.113   -9.536  -8.713  1.00 14.00 ? 4   DG  A OP1   1 
ATOM   64   O  OP2   . DG  A 1 4 ? 6.237   -8.582  -10.267 1.00 12.30 ? 4   DG  A OP2   1 
ATOM   65   O  "O5'" . DG  A 1 4 ? 5.700   -9.532  -8.002  1.00 11.19 ? 4   DG  A "O5'" 1 
ATOM   66   C  "C5'" . DG  A 1 4 ? 6.011   -10.029 -6.705  1.00 11.18 ? 4   DG  A "C5'" 1 
ATOM   67   C  "C4'" . DG  A 1 4 ? 4.851   -10.823 -6.152  1.00 10.28 ? 4   DG  A "C4'" 1 
ATOM   68   O  "O4'" . DG  A 1 4 ? 3.802   -9.930  -5.691  1.00 8.26  ? 4   DG  A "O4'" 1 
ATOM   69   C  "C3'" . DG  A 1 4 ? 4.173   -11.806 -7.110  1.00 11.20 ? 4   DG  A "C3'" 1 
ATOM   70   O  "O3'" . DG  A 1 4 ? 3.920   -12.984 -6.340  1.00 14.43 ? 4   DG  A "O3'" 1 
ATOM   71   C  "C2'" . DG  A 1 4 ? 2.873   -11.099 -7.468  1.00 9.25  ? 4   DG  A "C2'" 1 
ATOM   72   C  "C1'" . DG  A 1 4 ? 2.554   -10.359 -6.168  1.00 7.73  ? 4   DG  A "C1'" 1 
ATOM   73   N  N9    . DG  A 1 4 ? 1.691   -9.180  -6.324  1.00 6.40  ? 4   DG  A N9    1 
ATOM   74   C  C8    . DG  A 1 4 ? 1.800   -8.175  -7.262  1.00 6.77  ? 4   DG  A C8    1 
ATOM   75   N  N7    . DG  A 1 4 ? 0.851   -7.284  -7.152  1.00 7.52  ? 4   DG  A N7    1 
ATOM   76   C  C5    . DG  A 1 4 ? 0.095   -7.712  -6.072  1.00 6.13  ? 4   DG  A C5    1 
ATOM   77   C  C6    . DG  A 1 4 ? -1.052  -7.132  -5.502  1.00 5.35  ? 4   DG  A C6    1 
ATOM   78   O  O6    . DG  A 1 4 ? -1.568  -6.073  -5.812  1.00 5.65  ? 4   DG  A O6    1 
ATOM   79   N  N1    . DG  A 1 4 ? -1.573  -7.908  -4.453  1.00 4.00  ? 4   DG  A N1    1 
ATOM   80   C  C2    . DG  A 1 4 ? -0.987  -9.073  -4.012  1.00 4.21  ? 4   DG  A C2    1 
ATOM   81   N  N2    . DG  A 1 4 ? -1.604  -9.724  -2.996  1.00 6.44  ? 4   DG  A N2    1 
ATOM   82   N  N3    . DG  A 1 4 ? 0.123   -9.584  -4.526  1.00 5.75  ? 4   DG  A N3    1 
ATOM   83   C  C4    . DG  A 1 4 ? 0.588   -8.867  -5.555  1.00 4.99  ? 4   DG  A C4    1 
ATOM   84   P  P     . DG  A 1 5 ? 3.452   -14.343 -7.040  1.00 17.41 ? 5   DG  A P     1 
ATOM   85   O  OP1   . DG  A 1 5 ? 4.467   -15.348 -6.564  1.00 14.05 ? 5   DG  A OP1   1 
ATOM   86   O  OP2   . DG  A 1 5 ? 3.183   -14.225 -8.463  1.00 14.70 ? 5   DG  A OP2   1 
ATOM   87   O  "O5'" . DG  A 1 5 ? 2.071   -14.605 -6.309  1.00 14.18 ? 5   DG  A "O5'" 1 
ATOM   88   C  "C5'" . DG  A 1 5 ? 2.025   -14.660 -4.876  1.00 13.23 ? 5   DG  A "C5'" 1 
ATOM   89   C  "C4'" . DG  A 1 5 ? 0.602   -14.809 -4.414  1.00 13.19 ? 5   DG  A "C4'" 1 
ATOM   90   O  "O4'" . DG  A 1 5 ? -0.021  -13.525 -4.563  1.00 10.30 ? 5   DG  A "O4'" 1 
ATOM   91   C  "C3'" . DG  A 1 5 ? -0.278  -15.818 -5.164  1.00 14.10 ? 5   DG  A "C3'" 1 
ATOM   92   O  "O3'" . DG  A 1 5 ? -1.016  -16.559 -4.209  1.00 15.85 ? 5   DG  A "O3'" 1 
ATOM   93   C  "C2'" . DG  A 1 5 ? -1.182  -14.939 -6.007  1.00 11.63 ? 5   DG  A "C2'" 1 
ATOM   94   C  "C1'" . DG  A 1 5 ? -1.299  -13.707 -5.119  1.00 9.54  ? 5   DG  A "C1'" 1 
ATOM   95   N  N9    . DG  A 1 5 ? -1.619  -12.480 -5.830  1.00 7.51  ? 5   DG  A N9    1 
ATOM   96   C  C8    . DG  A 1 5 ? -0.909  -11.873 -6.793  1.00 7.51  ? 5   DG  A C8    1 
ATOM   97   N  N7    . DG  A 1 5 ? -1.501  -10.803 -7.258  1.00 7.87  ? 5   DG  A N7    1 
ATOM   98   C  C5    . DG  A 1 5 ? -2.643  -10.693 -6.513  1.00 6.73  ? 5   DG  A C5    1 
ATOM   99   C  C6    . DG  A 1 5 ? -3.664  -9.709  -6.541  1.00 5.95  ? 5   DG  A C6    1 
ATOM   100  O  O6    . DG  A 1 5 ? -3.702  -8.657  -7.220  1.00 7.33  ? 5   DG  A O6    1 
ATOM   101  N  N1    . DG  A 1 5 ? -4.681  -10.018 -5.657  1.00 6.78  ? 5   DG  A N1    1 
ATOM   102  C  C2    . DG  A 1 5 ? -4.674  -11.133 -4.834  1.00 5.74  ? 5   DG  A C2    1 
ATOM   103  N  N2    . DG  A 1 5 ? -5.744  -11.356 -4.122  1.00 6.31  ? 5   DG  A N2    1 
ATOM   104  N  N3    . DG  A 1 5 ? -3.682  -11.995 -4.763  1.00 7.39  ? 5   DG  A N3    1 
ATOM   105  C  C4    . DG  A 1 5 ? -2.735  -11.728 -5.631  1.00 6.91  ? 5   DG  A C4    1 
ATOM   106  P  P     . DT  A 1 6 ? -2.086  -17.680 -4.674  1.00 20.15 ? 6   DT  A P     1 
ATOM   107  O  OP1   . DT  A 1 6 ? -2.096  -18.613 -3.514  1.00 20.66 ? 6   DT  A OP1   1 
ATOM   108  O  OP2   . DT  A 1 6 ? -1.812  -18.209 -6.057  1.00 18.84 ? 6   DT  A OP2   1 
ATOM   109  O  "O5'" . DT  A 1 6 ? -3.483  -16.910 -4.752  1.00 18.66 ? 6   DT  A "O5'" 1 
ATOM   110  C  "C5'" . DT  A 1 6 ? -4.382  -16.937 -3.640  1.00 18.45 ? 6   DT  A "C5'" 1 
ATOM   111  C  "C4'" . DT  A 1 6 ? -5.770  -16.480 -4.030  1.00 17.15 ? 6   DT  A "C4'" 1 
ATOM   112  O  "O4'" . DT  A 1 6 ? -5.752  -15.193 -4.656  1.00 14.21 ? 6   DT  A "O4'" 1 
ATOM   113  C  "C3'" . DT  A 1 6 ? -6.664  -17.383 -4.901  1.00 15.15 ? 6   DT  A "C3'" 1 
ATOM   114  O  "O3'" . DT  A 1 6 ? -7.961  -17.363 -4.250  1.00 16.77 ? 6   DT  A "O3'" 1 
ATOM   115  C  "C2'" . DT  A 1 6 ? -6.871  -16.569 -6.163  1.00 13.84 ? 6   DT  A "C2'" 1 
ATOM   116  C  "C1'" . DT  A 1 6 ? -6.789  -15.143 -5.628  1.00 12.88 ? 6   DT  A "C1'" 1 
ATOM   117  N  N1    . DT  A 1 6 ? -6.408  -14.108 -6.619  1.00 7.46  ? 6   DT  A N1    1 
ATOM   118  C  C2    . DT  A 1 6 ? -7.238  -13.051 -6.832  1.00 6.43  ? 6   DT  A C2    1 
ATOM   119  O  O2    . DT  A 1 6 ? -8.322  -12.943 -6.320  1.00 7.99  ? 6   DT  A O2    1 
ATOM   120  N  N3    . DT  A 1 6 ? -6.756  -12.103 -7.699  1.00 8.37  ? 6   DT  A N3    1 
ATOM   121  C  C4    . DT  A 1 6 ? -5.562  -12.133 -8.391  1.00 8.93  ? 6   DT  A C4    1 
ATOM   122  O  O4    . DT  A 1 6 ? -5.245  -11.175 -9.129  1.00 7.20  ? 6   DT  A O4    1 
ATOM   123  C  C5    . DT  A 1 6 ? -4.759  -13.312 -8.169  1.00 6.67  ? 6   DT  A C5    1 
ATOM   124  C  C7    . DT  A 1 6 ? -3.559  -13.547 -9.030  1.00 10.32 ? 6   DT  A C7    1 
ATOM   125  C  C6    . DT  A 1 6 ? -5.216  -14.232 -7.292  1.00 10.40 ? 6   DT  A C6    1 
ATOM   126  O  "O5'" . DT  B 1 1 ? -10.870 7.319   2.748   1.00 17.40 ? 11  DT  B "O5'" 1 
ATOM   127  C  "C5'" . DT  B 1 1 ? -9.989  8.287   2.157   1.00 12.00 ? 11  DT  B "C5'" 1 
ATOM   128  C  "C4'" . DT  B 1 1 ? -8.791  7.558   1.591   1.00 11.32 ? 11  DT  B "C4'" 1 
ATOM   129  O  "O4'" . DT  B 1 1 ? -7.929  7.099   2.660   1.00 11.11 ? 11  DT  B "O4'" 1 
ATOM   130  C  "C3'" . DT  B 1 1 ? -9.197  6.280   0.865   1.00 12.99 ? 11  DT  B "C3'" 1 
ATOM   131  O  "O3'" . DT  B 1 1 ? -8.203  5.921   -0.108  1.00 11.60 ? 11  DT  B "O3'" 1 
ATOM   132  C  "C2'" . DT  B 1 1 ? -9.235  5.270   1.999   1.00 13.00 ? 11  DT  B "C2'" 1 
ATOM   133  C  "C1'" . DT  B 1 1 ? -7.988  5.689   2.782   1.00 11.33 ? 11  DT  B "C1'" 1 
ATOM   134  N  N1    . DT  B 1 1 ? -7.929  5.339   4.238   1.00 9.64  ? 11  DT  B N1    1 
ATOM   135  C  C2    . DT  B 1 1 ? -6.869  4.587   4.693   1.00 9.11  ? 11  DT  B C2    1 
ATOM   136  O  O2    . DT  B 1 1 ? -6.065  4.026   3.961   1.00 8.16  ? 11  DT  B O2    1 
ATOM   137  N  N3    . DT  B 1 1 ? -6.813  4.458   6.059   1.00 7.70  ? 11  DT  B N3    1 
ATOM   138  C  C4    . DT  B 1 1 ? -7.734  4.923   6.980   1.00 10.42 ? 11  DT  B C4    1 
ATOM   139  O  O4    . DT  B 1 1 ? -7.606  4.644   8.153   1.00 10.51 ? 11  DT  B O4    1 
ATOM   140  C  C5    . DT  B 1 1 ? -8.853  5.625   6.433   1.00 9.95  ? 11  DT  B C5    1 
ATOM   141  C  C7    . DT  B 1 1 ? -9.883  6.182   7.381   1.00 9.98  ? 11  DT  B C7    1 
ATOM   142  C  C6    . DT  B 1 1 ? -8.896  5.797   5.105   1.00 10.54 ? 11  DT  B C6    1 
ATOM   143  P  P     . DG  B 1 2 ? -8.614  4.955   -1.336  1.00 10.54 ? 12  DG  B P     1 
ATOM   144  O  OP1   . DG  B 1 2 ? -9.942  5.413   -1.838  1.00 9.83  ? 12  DG  B OP1   1 
ATOM   145  O  OP2   . DG  B 1 2 ? -8.461  3.555   -0.852  1.00 12.04 ? 12  DG  B OP2   1 
ATOM   146  O  "O5'" . DG  B 1 2 ? -7.514  5.222   -2.420  1.00 10.51 ? 12  DG  B "O5'" 1 
ATOM   147  C  "C5'" . DG  B 1 2 ? -7.265  6.528   -2.950  1.00 9.76  ? 12  DG  B "C5'" 1 
ATOM   148  C  "C4'" . DG  B 1 2 ? -6.448  6.390   -4.204  1.00 9.92  ? 12  DG  B "C4'" 1 
ATOM   149  O  "O4'" . DG  B 1 2 ? -5.171  5.815   -3.806  1.00 7.97  ? 12  DG  B "O4'" 1 
ATOM   150  C  "C3'" . DG  B 1 2 ? -7.055  5.417   -5.231  1.00 9.54  ? 12  DG  B "C3'" 1 
ATOM   151  O  "O3'" . DG  B 1 2 ? -6.805  5.939   -6.561  1.00 11.63 ? 12  DG  B "O3'" 1 
ATOM   152  C  "C2'" . DG  B 1 2 ? -6.314  4.122   -4.967  1.00 8.30  ? 12  DG  B "C2'" 1 
ATOM   153  C  "C1'" . DG  B 1 2 ? -4.957  4.581   -4.451  1.00 7.78  ? 12  DG  B "C1'" 1 
ATOM   154  N  N9    . DG  B 1 2 ? -4.406  3.679   -3.448  1.00 7.10  ? 12  DG  B N9    1 
ATOM   155  C  C8    . DG  B 1 2 ? -5.008  3.235   -2.293  1.00 4.88  ? 12  DG  B C8    1 
ATOM   156  N  N7    . DG  B 1 2 ? -4.289  2.342   -1.664  1.00 4.71  ? 12  DG  B N7    1 
ATOM   157  C  C5    . DG  B 1 2 ? -3.147  2.220   -2.430  1.00 5.33  ? 12  DG  B C5    1 
ATOM   158  C  C6    . DG  B 1 2 ? -2.045  1.376   -2.269  1.00 6.16  ? 12  DG  B C6    1 
ATOM   159  O  O6    . DG  B 1 2 ? -1.878  0.517   -1.406  1.00 2.83  ? 12  DG  B O6    1 
ATOM   160  N  N1    . DG  B 1 2 ? -1.094  1.572   -3.261  1.00 5.28  ? 12  DG  B N1    1 
ATOM   161  C  C2    . DG  B 1 2 ? -1.215  2.470   -4.306  1.00 6.31  ? 12  DG  B C2    1 
ATOM   162  N  N2    . DG  B 1 2 ? -0.205  2.537   -5.167  1.00 2.80  ? 12  DG  B N2    1 
ATOM   163  N  N3    . DG  B 1 2 ? -2.274  3.245   -4.479  1.00 5.57  ? 12  DG  B N3    1 
ATOM   164  C  C4    . DG  B 1 2 ? -3.187  3.063   -3.512  1.00 6.17  ? 12  DG  B C4    1 
ATOM   165  P  P     . DG  B 1 3 ? -7.137  5.067   -7.874  1.00 12.98 ? 13  DG  B P     1 
ATOM   166  O  OP1   . DG  B 1 3 ? -7.476  6.033   -8.927  1.00 14.48 ? 13  DG  B OP1   1 
ATOM   167  O  OP2   . DG  B 1 3 ? -7.956  3.849   -7.715  1.00 10.66 ? 13  DG  B OP2   1 
ATOM   168  O  "O5'" . DG  B 1 3 ? -5.687  4.523   -8.247  1.00 9.40  ? 13  DG  B "O5'" 1 
ATOM   169  C  "C5'" . DG  B 1 3 ? -4.645  5.446   -8.536  1.00 9.47  ? 13  DG  B "C5'" 1 
ATOM   170  C  "C4'" . DG  B 1 3 ? -3.527  4.742   -9.257  1.00 9.81  ? 13  DG  B "C4'" 1 
ATOM   171  O  "O4'" . DG  B 1 3 ? -2.840  3.833   -8.361  1.00 8.84  ? 13  DG  B "O4'" 1 
ATOM   172  C  "C3'" . DG  B 1 3 ? -4.015  3.926   -10.453 1.00 9.98  ? 13  DG  B "C3'" 1 
ATOM   173  O  "O3'" . DG  B 1 3 ? -3.101  4.113   -11.527 1.00 11.16 ? 13  DG  B "O3'" 1 
ATOM   174  C  "C2'" . DG  B 1 3 ? -4.028  2.491   -9.940  1.00 10.25 ? 13  DG  B "C2'" 1 
ATOM   175  C  "C1'" . DG  B 1 3 ? -2.932  2.502   -8.857  1.00 8.23  ? 13  DG  B "C1'" 1 
ATOM   176  N  N9    . DG  B 1 3 ? -3.133  1.632   -7.691  1.00 6.49  ? 13  DG  B N9    1 
ATOM   177  C  C8    . DG  B 1 3 ? -4.207  1.651   -6.844  1.00 5.37  ? 13  DG  B C8    1 
ATOM   178  N  N7    . DG  B 1 3 ? -4.120  0.760   -5.890  1.00 4.88  ? 13  DG  B N7    1 
ATOM   179  C  C5    . DG  B 1 3 ? -2.912  0.119   -6.126  1.00 4.18  ? 13  DG  B C5    1 
ATOM   180  C  C6    . DG  B 1 3 ? -2.287  -0.973  -5.454  1.00 3.35  ? 13  DG  B C6    1 
ATOM   181  O  O6    . DG  B 1 3 ? -2.694  -1.598  -4.463  1.00 6.38  ? 13  DG  B O6    1 
ATOM   182  N  N1    . DG  B 1 3 ? -1.052  -1.329  -6.051  1.00 2.71  ? 13  DG  B N1    1 
ATOM   183  C  C2    . DG  B 1 3 ? -0.509  -0.660  -7.148  1.00 2.71  ? 13  DG  B C2    1 
ATOM   184  N  N2    . DG  B 1 3 ? 0.696   -1.027  -7.588  1.00 2.41  ? 13  DG  B N2    1 
ATOM   185  N  N3    . DG  B 1 3 ? -1.096  0.310   -7.762  1.00 2.02  ? 13  DG  B N3    1 
ATOM   186  C  C4    . DG  B 1 3 ? -2.284  0.659   -7.227  1.00 3.08  ? 13  DG  B C4    1 
ATOM   187  P  P     . DG  B 1 4 ? -3.356  3.402   -12.959 1.00 13.12 ? 14  DG  B P     1 
ATOM   188  O  OP1   . DG  B 1 4 ? -2.788  4.374   -13.911 1.00 14.03 ? 14  DG  B OP1   1 
ATOM   189  O  OP2   . DG  B 1 4 ? -4.719  2.884   -13.140 1.00 11.47 ? 14  DG  B OP2   1 
ATOM   190  O  "O5'" . DG  B 1 4 ? -2.445  2.112   -12.932 1.00 10.77 ? 14  DG  B "O5'" 1 
ATOM   191  C  "C5'" . DG  B 1 4 ? -1.061  2.240   -12.899 1.00 9.71  ? 14  DG  B "C5'" 1 
ATOM   192  C  "C4'" . DG  B 1 4 ? -0.441  0.876   -13.031 1.00 7.72  ? 14  DG  B "C4'" 1 
ATOM   193  O  "O4'" . DG  B 1 4 ? -0.592  0.151   -11.788 1.00 8.23  ? 14  DG  B "O4'" 1 
ATOM   194  C  "C3'" . DG  B 1 4 ? -1.061  -0.001  -14.123 1.00 8.26  ? 14  DG  B "C3'" 1 
ATOM   195  O  "O3'" . DG  B 1 4 ? 0.038   -0.614  -14.744 1.00 10.17 ? 14  DG  B "O3'" 1 
ATOM   196  C  "C2'" . DG  B 1 4 ? -1.886  -1.013  -13.341 1.00 8.71  ? 14  DG  B "C2'" 1 
ATOM   197  C  "C1'" . DG  B 1 4 ? -1.085  -1.167  -12.056 1.00 7.35  ? 14  DG  B "C1'" 1 
ATOM   198  N  N9    . DG  B 1 4 ? -1.857  -1.598  -10.897 1.00 5.55  ? 14  DG  B N9    1 
ATOM   199  C  C8    . DG  B 1 4 ? -3.063  -1.059  -10.482 1.00 5.93  ? 14  DG  B C8    1 
ATOM   200  N  N7    . DG  B 1 4 ? -3.519  -1.623  -9.393  1.00 6.72  ? 14  DG  B N7    1 
ATOM   201  C  C5    . DG  B 1 4 ? -2.554  -2.574  -9.060  1.00 5.70  ? 14  DG  B C5    1 
ATOM   202  C  C6    . DG  B 1 4 ? -2.495  -3.472  -7.964  1.00 6.38  ? 14  DG  B C6    1 
ATOM   203  O  O6    . DG  B 1 4 ? -3.256  -3.538  -7.016  1.00 5.51  ? 14  DG  B O6    1 
ATOM   204  N  N1    . DG  B 1 4 ? -1.385  -4.307  -8.033  1.00 5.45  ? 14  DG  B N1    1 
ATOM   205  C  C2    . DG  B 1 4 ? -0.418  -4.239  -9.004  1.00 6.65  ? 14  DG  B C2    1 
ATOM   206  N  N2    . DG  B 1 4 ? 0.596   -5.113  -8.933  1.00 4.92  ? 14  DG  B N2    1 
ATOM   207  N  N3    . DG  B 1 4 ? -0.430  -3.390  -9.986  1.00 3.56  ? 14  DG  B N3    1 
ATOM   208  C  C4    . DG  B 1 4 ? -1.536  -2.588  -9.968  1.00 5.21  ? 14  DG  B C4    1 
ATOM   209  P  P     . DG  B 1 5 ? -0.143  -1.446  -16.091 1.00 11.97 ? 15  DG  B P     1 
ATOM   210  O  OP1   . DG  B 1 5 ? 0.991   -1.054  -16.992 1.00 10.80 ? 15  DG  B OP1   1 
ATOM   211  O  OP2   . DG  B 1 5 ? -1.524  -1.380  -16.563 1.00 12.48 ? 15  DG  B OP2   1 
ATOM   212  O  "O5'" . DG  B 1 5 ? 0.144   -2.895  -15.532 1.00 11.32 ? 15  DG  B "O5'" 1 
ATOM   213  C  "C5'" . DG  B 1 5 ? 1.467   -3.195  -15.125 1.00 11.26 ? 15  DG  B "C5'" 1 
ATOM   214  C  "C4'" . DG  B 1 5 ? 1.574   -4.636  -14.722 1.00 9.33  ? 15  DG  B "C4'" 1 
ATOM   215  O  "O4'" . DG  B 1 5 ? 0.858   -4.810  -13.483 1.00 8.40  ? 15  DG  B "O4'" 1 
ATOM   216  C  "C3'" . DG  B 1 5 ? 1.001   -5.660  -15.713 1.00 10.18 ? 15  DG  B "C3'" 1 
ATOM   217  O  "O3'" . DG  B 1 5 ? 1.868   -6.798  -15.744 1.00 10.50 ? 15  DG  B "O3'" 1 
ATOM   218  C  "C2'" . DG  B 1 5 ? -0.334  -6.050  -15.108 1.00 7.02  ? 15  DG  B "C2'" 1 
ATOM   219  C  "C1'" . DG  B 1 5 ? 0.030   -5.953  -13.620 1.00 7.39  ? 15  DG  B "C1'" 1 
ATOM   220  N  N9    . DG  B 1 5 ? -1.114  -5.760  -12.745 1.00 5.64  ? 15  DG  B N9    1 
ATOM   221  C  C8    . DG  B 1 5 ? -2.125  -4.852  -12.842 1.00 6.14  ? 15  DG  B C8    1 
ATOM   222  N  N7    . DG  B 1 5 ? -2.989  -4.953  -11.846 1.00 6.97  ? 15  DG  B N7    1 
ATOM   223  C  C5    . DG  B 1 5 ? -2.510  -5.994  -11.076 1.00 4.68  ? 15  DG  B C5    1 
ATOM   224  C  C6    . DG  B 1 5 ? -3.031  -6.576  -9.857  1.00 4.63  ? 15  DG  B C6    1 
ATOM   225  O  O6    . DG  B 1 5 ? -4.011  -6.211  -9.224  1.00 5.10  ? 15  DG  B O6    1 
ATOM   226  N  N1    . DG  B 1 5 ? -2.251  -7.635  -9.429  1.00 3.46  ? 15  DG  B N1    1 
ATOM   227  C  C2    . DG  B 1 5 ? -1.104  -8.067  -10.088 1.00 4.85  ? 15  DG  B C2    1 
ATOM   228  N  N2    . DG  B 1 5 ? -0.475  -9.083  -9.604  1.00 4.64  ? 15  DG  B N2    1 
ATOM   229  N  N3    . DG  B 1 5 ? -0.606  -7.511  -11.187 1.00 5.34  ? 15  DG  B N3    1 
ATOM   230  C  C4    . DG  B 1 5 ? -1.354  -6.498  -11.618 1.00 4.44  ? 15  DG  B C4    1 
ATOM   231  P  P     . DT  B 1 6 ? 2.709   -7.079  -17.065 1.00 11.80 ? 16  DT  B P     1 
ATOM   232  O  OP1   . DT  B 1 6 ? 3.659   -8.225  -16.799 1.00 14.03 ? 16  DT  B OP1   1 
ATOM   233  O  OP2   . DT  B 1 6 ? 3.258   -5.783  -17.542 1.00 13.22 ? 16  DT  B OP2   1 
ATOM   234  O  "O5'" . DT  B 1 6 ? 1.611   -7.577  -18.113 1.00 14.44 ? 16  DT  B "O5'" 1 
ATOM   235  C  "C5'" . DT  B 1 6 ? 1.085   -8.891  -18.045 1.00 12.71 ? 16  DT  B "C5'" 1 
ATOM   236  C  "C4'" . DT  B 1 6 ? 0.723   -9.384  -19.432 1.00 14.88 ? 16  DT  B "C4'" 1 
ATOM   237  O  "O4'" . DT  B 1 6 ? -0.405  -8.643  -19.954 1.00 13.24 ? 16  DT  B "O4'" 1 
ATOM   238  C  "C3'" . DT  B 1 6 ? 1.819   -9.280  -20.491 1.00 15.93 ? 16  DT  B "C3'" 1 
ATOM   239  O  "O3'" . DT  B 1 6 ? 1.620   -10.378 -21.362 1.00 14.33 ? 16  DT  B "O3'" 1 
ATOM   240  C  "C2'" . DT  B 1 6 ? 1.456   -8.024  -21.258 1.00 14.44 ? 16  DT  B "C2'" 1 
ATOM   241  C  "C1'" . DT  B 1 6 ? -0.059  -8.041  -21.196 1.00 13.84 ? 16  DT  B "C1'" 1 
ATOM   242  N  N1    . DT  B 1 6 ? -0.654  -6.710  -21.213 1.00 12.83 ? 16  DT  B N1    1 
ATOM   243  C  C2    . DT  B 1 6 ? -1.215  -6.258  -22.388 1.00 12.14 ? 16  DT  B C2    1 
ATOM   244  O  O2    . DT  B 1 6 ? -1.250  -6.931  -23.415 1.00 12.02 ? 16  DT  B O2    1 
ATOM   245  N  N3    . DT  B 1 6 ? -1.729  -4.974  -22.317 1.00 11.78 ? 16  DT  B N3    1 
ATOM   246  C  C4    . DT  B 1 6 ? -1.728  -4.141  -21.196 1.00 13.30 ? 16  DT  B C4    1 
ATOM   247  O  O4    . DT  B 1 6 ? -2.150  -2.987  -21.287 1.00 13.71 ? 16  DT  B O4    1 
ATOM   248  C  C5    . DT  B 1 6 ? -1.150  -4.707  -20.003 1.00 13.69 ? 16  DT  B C5    1 
ATOM   249  C  C7    . DT  B 1 6 ? -1.184  -3.919  -18.733 1.00 14.94 ? 16  DT  B C7    1 
ATOM   250  C  C6    . DT  B 1 6 ? -0.640  -5.937  -20.071 1.00 13.56 ? 16  DT  B C6    1 
ATOM   251  O  "O5'" . DT  C 1 1 ? -1.898  -8.124  10.661  1.00 23.39 ? 21  DT  C "O5'" 1 
ATOM   252  C  "C5'" . DT  C 1 1 ? -2.787  -7.045  10.976  1.00 19.57 ? 21  DT  C "C5'" 1 
ATOM   253  C  "C4'" . DT  C 1 1 ? -2.829  -6.081  9.814   1.00 17.41 ? 21  DT  C "C4'" 1 
ATOM   254  O  "O4'" . DT  C 1 1 ? -1.608  -5.310  9.738   1.00 13.92 ? 21  DT  C "O4'" 1 
ATOM   255  C  "C3'" . DT  C 1 1 ? -2.980  -6.753  8.450   1.00 14.19 ? 21  DT  C "C3'" 1 
ATOM   256  O  "O3'" . DT  C 1 1 ? -3.785  -5.944  7.597   1.00 14.76 ? 21  DT  C "O3'" 1 
ATOM   257  C  "C2'" . DT  C 1 1 ? -1.553  -6.890  7.954   1.00 16.84 ? 21  DT  C "C2'" 1 
ATOM   258  C  "C1'" . DT  C 1 1 ? -0.830  -5.704  8.608   1.00 14.38 ? 21  DT  C "C1'" 1 
ATOM   259  N  N1    . DT  C 1 1 ? 0.559   -5.973  9.071   1.00 14.40 ? 21  DT  C N1    1 
ATOM   260  C  C2    . DT  C 1 1 ? 1.625   -5.392  8.396   1.00 14.32 ? 21  DT  C C2    1 
ATOM   261  O  O2    . DT  C 1 1 ? 1.503   -4.720  7.390   1.00 16.45 ? 21  DT  C O2    1 
ATOM   262  N  N3    . DT  C 1 1 ? 2.856   -5.649  8.927   1.00 15.97 ? 21  DT  C N3    1 
ATOM   263  C  C4    . DT  C 1 1 ? 3.155   -6.424  10.019  1.00 16.37 ? 21  DT  C C4    1 
ATOM   264  O  O4    . DT  C 1 1 ? 4.353   -6.589  10.329  1.00 18.64 ? 21  DT  C O4    1 
ATOM   265  C  C5    . DT  C 1 1 ? 1.998   -7.032  10.677  1.00 17.30 ? 21  DT  C C5    1 
ATOM   266  C  C7    . DT  C 1 1 ? 2.211   -7.947  11.847  1.00 18.24 ? 21  DT  C C7    1 
ATOM   267  C  C6    . DT  C 1 1 ? 0.776   -6.779  10.173  1.00 16.43 ? 21  DT  C C6    1 
ATOM   268  P  P     . DG  C 1 2 ? -4.713  -6.644  6.502   1.00 12.58 ? 22  DG  C P     1 
ATOM   269  O  OP1   . DG  C 1 2 ? -5.572  -7.620  7.251   1.00 12.10 ? 22  DG  C OP1   1 
ATOM   270  O  OP2   . DG  C 1 2 ? -3.905  -7.135  5.360   1.00 13.97 ? 22  DG  C OP2   1 
ATOM   271  O  "O5'" . DG  C 1 2 ? -5.609  -5.491  5.924   1.00 10.72 ? 22  DG  C "O5'" 1 
ATOM   272  C  "C5'" . DG  C 1 2 ? -6.470  -4.728  6.772   1.00 12.27 ? 22  DG  C "C5'" 1 
ATOM   273  C  "C4'" . DG  C 1 2 ? -7.354  -3.897  5.890   1.00 9.32  ? 22  DG  C "C4'" 1 
ATOM   274  O  "O4'" . DG  C 1 2 ? -6.487  -2.946  5.203   1.00 8.16  ? 22  DG  C "O4'" 1 
ATOM   275  C  "C3'" . DG  C 1 2 ? -8.029  -4.729  4.803   1.00 9.22  ? 22  DG  C "C3'" 1 
ATOM   276  O  "O3'" . DG  C 1 2 ? -9.314  -4.136  4.601   1.00 10.80 ? 22  DG  C "O3'" 1 
ATOM   277  C  "C2'" . DG  C 1 2 ? -7.135  -4.536  3.600   1.00 9.45  ? 22  DG  C "C2'" 1 
ATOM   278  C  "C1'" . DG  C 1 2 ? -6.599  -3.119  3.806   1.00 7.54  ? 22  DG  C "C1'" 1 
ATOM   279  N  N9    . DG  C 1 2 ? -5.263  -3.004  3.245   1.00 7.31  ? 22  DG  C N9    1 
ATOM   280  C  C8    . DG  C 1 2 ? -4.203  -3.834  3.485   1.00 8.22  ? 22  DG  C C8    1 
ATOM   281  N  N7    . DG  C 1 2 ? -3.167  -3.539  2.739   1.00 7.21  ? 22  DG  C N7    1 
ATOM   282  C  C5    . DG  C 1 2 ? -3.557  -2.437  2.009   1.00 6.19  ? 22  DG  C C5    1 
ATOM   283  C  C6    . DG  C 1 2 ? -2.851  -1.688  1.019   1.00 6.86  ? 22  DG  C C6    1 
ATOM   284  O  O6    . DG  C 1 2 ? -1.727  -1.891  0.573   1.00 5.78  ? 22  DG  C O6    1 
ATOM   285  N  N1    . DG  C 1 2 ? -3.609  -0.640  0.526   1.00 3.66  ? 22  DG  C N1    1 
ATOM   286  C  C2    . DG  C 1 2 ? -4.872  -0.328  0.936   1.00 6.46  ? 22  DG  C C2    1 
ATOM   287  N  N2    . DG  C 1 2 ? -5.409  0.771   0.409   1.00 4.82  ? 22  DG  C N2    1 
ATOM   288  N  N3    . DG  C 1 2 ? -5.552  -1.033  1.832   1.00 7.23  ? 22  DG  C N3    1 
ATOM   289  C  C4    . DG  C 1 2 ? -4.829  -2.071  2.322   1.00 7.76  ? 22  DG  C C4    1 
ATOM   290  P  P     . DG  C 1 3 ? -10.347 -4.713  3.507   1.00 12.68 ? 23  DG  C P     1 
ATOM   291  O  OP1   . DG  C 1 3 ? -11.691 -4.490  4.082   1.00 12.16 ? 23  DG  C OP1   1 
ATOM   292  O  OP2   . DG  C 1 3 ? -9.991  -6.020  2.930   1.00 14.72 ? 23  DG  C OP2   1 
ATOM   293  O  "O5'" . DG  C 1 3 ? -10.269 -3.584  2.402   1.00 11.06 ? 23  DG  C "O5'" 1 
ATOM   294  C  "C5'" . DG  C 1 3 ? -10.581 -2.259  2.778   1.00 12.57 ? 23  DG  C "C5'" 1 
ATOM   295  C  "C4'" . DG  C 1 3 ? -10.763 -1.397  1.568   1.00 11.47 ? 23  DG  C "C4'" 1 
ATOM   296  O  "O4'" . DG  C 1 3 ? -9.480  -1.064  0.987   1.00 8.89  ? 23  DG  C "O4'" 1 
ATOM   297  C  "C3'" . DG  C 1 3 ? -11.591 -2.050  0.463   1.00 10.27 ? 23  DG  C "C3'" 1 
ATOM   298  O  "O3'" . DG  C 1 3 ? -12.403 -1.049  -0.139  1.00 10.29 ? 23  DG  C "O3'" 1 
ATOM   299  C  "C2'" . DG  C 1 3 ? -10.535 -2.561  -0.500  1.00 9.62  ? 23  DG  C "C2'" 1 
ATOM   300  C  "C1'" . DG  C 1 3 ? -9.424  -1.532  -0.360  1.00 7.78  ? 23  DG  C "C1'" 1 
ATOM   301  N  N9    . DG  C 1 3 ? -8.106  -2.144  -0.520  1.00 5.68  ? 23  DG  C N9    1 
ATOM   302  C  C8    . DG  C 1 3 ? -7.587  -3.189  0.188   1.00 4.08  ? 23  DG  C C8    1 
ATOM   303  N  N7    . DG  C 1 3 ? -6.369  -3.497  -0.174  1.00 4.33  ? 23  DG  C N7    1 
ATOM   304  C  C5    . DG  C 1 3 ? -6.071  -2.569  -1.178  1.00 3.59  ? 23  DG  C C5    1 
ATOM   305  C  C6    . DG  C 1 3 ? -4.896  -2.423  -1.972  1.00 3.87  ? 23  DG  C C6    1 
ATOM   306  O  O6    . DG  C 1 3 ? -3.869  -3.083  -1.926  1.00 4.12  ? 23  DG  C O6    1 
ATOM   307  N  N1    . DG  C 1 3 ? -5.024  -1.409  -2.915  1.00 4.48  ? 23  DG  C N1    1 
ATOM   308  C  C2    . DG  C 1 3 ? -6.156  -0.601  -3.039  1.00 4.80  ? 23  DG  C C2    1 
ATOM   309  N  N2    . DG  C 1 3 ? -6.141  0.372   -3.994  1.00 5.84  ? 23  DG  C N2    1 
ATOM   310  N  N3    . DG  C 1 3 ? -7.239  -0.734  -2.297  1.00 5.53  ? 23  DG  C N3    1 
ATOM   311  C  C4    . DG  C 1 3 ? -7.130  -1.743  -1.404  1.00 5.90  ? 23  DG  C C4    1 
ATOM   312  P  P     . DG  C 1 4 ? -13.480 -1.438  -1.306  1.00 13.26 ? 24  DG  C P     1 
ATOM   313  O  OP1   . DG  C 1 4 ? -14.622 -0.507  -1.064  1.00 13.73 ? 24  DG  C OP1   1 
ATOM   314  O  OP2   . DG  C 1 4 ? -13.737 -2.893  -1.364  1.00 12.92 ? 24  DG  C OP2   1 
ATOM   315  O  "O5'" . DG  C 1 4 ? -12.735 -0.976  -2.638  1.00 12.37 ? 24  DG  C "O5'" 1 
ATOM   316  C  "C5'" . DG  C 1 4 ? -12.426 0.394   -2.856  1.00 9.88  ? 24  DG  C "C5'" 1 
ATOM   317  C  "C4'" . DG  C 1 4 ? -11.984 0.615   -4.281  1.00 10.20 ? 24  DG  C "C4'" 1 
ATOM   318  O  "O4'" . DG  C 1 4 ? -10.587 0.218   -4.455  1.00 7.85  ? 24  DG  C "O4'" 1 
ATOM   319  C  "C3'" . DG  C 1 4 ? -12.782 -0.163  -5.326  1.00 10.64 ? 24  DG  C "C3'" 1 
ATOM   320  O  "O3'" . DG  C 1 4 ? -12.858 0.696   -6.468  1.00 15.17 ? 24  DG  C "O3'" 1 
ATOM   321  C  "C2'" . DG  C 1 4 ? -11.891 -1.363  -5.598  1.00 12.18 ? 24  DG  C "C2'" 1 
ATOM   322  C  "C1'" . DG  C 1 4 ? -10.503 -0.740  -5.512  1.00 7.98  ? 24  DG  C "C1'" 1 
ATOM   323  N  N9    . DG  C 1 4 ? -9.436  -1.686  -5.187  1.00 7.36  ? 24  DG  C N9    1 
ATOM   324  C  C8    . DG  C 1 4 ? -9.479  -2.641  -4.212  1.00 5.97  ? 24  DG  C C8    1 
ATOM   325  N  N7    . DG  C 1 4 ? -8.375  -3.357  -4.144  1.00 5.91  ? 24  DG  C N7    1 
ATOM   326  C  C5    . DG  C 1 4 ? -7.559  -2.827  -5.114  1.00 6.89  ? 24  DG  C C5    1 
ATOM   327  C  C6    . DG  C 1 4 ? -6.242  -3.181  -5.463  1.00 4.78  ? 24  DG  C C6    1 
ATOM   328  O  O6    . DG  C 1 4 ? -5.535  -4.009  -4.916  1.00 8.03  ? 24  DG  C O6    1 
ATOM   329  N  N1    . DG  C 1 4 ? -5.760  -2.426  -6.535  1.00 7.62  ? 24  DG  C N1    1 
ATOM   330  C  C2    . DG  C 1 4 ? -6.482  -1.436  -7.175  1.00 5.44  ? 24  DG  C C2    1 
ATOM   331  N  N2    . DG  C 1 4 ? -5.896  -0.817  -8.223  1.00 6.21  ? 24  DG  C N2    1 
ATOM   332  N  N3    . DG  C 1 4 ? -7.721  -1.076  -6.826  1.00 4.38  ? 24  DG  C N3    1 
ATOM   333  C  C4    . DG  C 1 4 ? -8.189  -1.806  -5.788  1.00 6.19  ? 24  DG  C C4    1 
ATOM   334  P  P     . DG  C 1 5 ? -13.752 0.292   -7.746  1.00 16.23 ? 25  DG  C P     1 
ATOM   335  O  OP1   . DG  C 1 5 ? -14.427 1.568   -8.097  1.00 19.57 ? 25  DG  C OP1   1 
ATOM   336  O  OP2   . DG  C 1 5 ? -14.556 -0.935  -7.609  1.00 14.00 ? 25  DG  C OP2   1 
ATOM   337  O  "O5'" . DG  C 1 5 ? -12.662 0.047   -8.856  1.00 17.18 ? 25  DG  C "O5'" 1 
ATOM   338  C  "C5'" . DG  C 1 5 ? -11.977 1.107   -9.421  1.00 13.66 ? 25  DG  C "C5'" 1 
ATOM   339  C  "C4'" . DG  C 1 5 ? -11.196 0.613   -10.610 1.00 14.37 ? 25  DG  C "C4'" 1 
ATOM   340  O  "O4'" . DG  C 1 5 ? -10.095 -0.196  -10.120 1.00 13.56 ? 25  DG  C "O4'" 1 
ATOM   341  C  "C3'" . DG  C 1 5 ? -11.996 -0.283  -11.565 1.00 14.42 ? 25  DG  C "C3'" 1 
ATOM   342  O  "O3'" . DG  C 1 5 ? -11.566 -0.014  -12.883 1.00 16.59 ? 25  DG  C "O3'" 1 
ATOM   343  C  "C2'" . DG  C 1 5 ? -11.585 -1.679  -11.146 1.00 12.52 ? 25  DG  C "C2'" 1 
ATOM   344  C  "C1'" . DG  C 1 5 ? -10.117 -1.436  -10.810 1.00 11.17 ? 25  DG  C "C1'" 1 
ATOM   345  N  N9    . DG  C 1 5 ? -9.570  -2.440  -9.926  1.00 8.25  ? 25  DG  C N9    1 
ATOM   346  C  C8    . DG  C 1 5 ? -10.176 -2.980  -8.826  1.00 6.89  ? 25  DG  C C8    1 
ATOM   347  N  N7    . DG  C 1 5 ? -9.414  -3.841  -8.203  1.00 6.48  ? 25  DG  C N7    1 
ATOM   348  C  C5    . DG  C 1 5 ? -8.250  -3.874  -8.943  1.00 3.67  ? 25  DG  C C5    1 
ATOM   349  C  C6    . DG  C 1 5 ? -7.084  -4.623  -8.725  1.00 4.37  ? 25  DG  C C6    1 
ATOM   350  O  O6    . DG  C 1 5 ? -6.857  -5.417  -7.800  1.00 6.41  ? 25  DG  C O6    1 
ATOM   351  N  N1    . DG  C 1 5 ? -6.144  -4.381  -9.699  1.00 6.74  ? 25  DG  C N1    1 
ATOM   352  C  C2    . DG  C 1 5 ? -6.319  -3.491  -10.754 1.00 6.45  ? 25  DG  C C2    1 
ATOM   353  N  N2    . DG  C 1 5 ? -5.348  -3.353  -11.643 1.00 5.97  ? 25  DG  C N2    1 
ATOM   354  N  N3    . DG  C 1 5 ? -7.406  -2.778  -10.931 1.00 6.98  ? 25  DG  C N3    1 
ATOM   355  C  C4    . DG  C 1 5 ? -8.322  -3.025  -10.007 1.00 6.57  ? 25  DG  C C4    1 
ATOM   356  P  P     . DT  C 1 6 ? -12.600 -0.110  -14.108 1.00 17.32 ? 26  DT  C P     1 
ATOM   357  O  OP1   . DT  C 1 6 ? -13.386 -1.371  -13.995 1.00 18.11 ? 26  DT  C OP1   1 
ATOM   358  O  OP2   . DT  C 1 6 ? -11.853 0.198   -15.353 1.00 20.49 ? 26  DT  C OP2   1 
ATOM   359  O  "O5'" . DT  C 1 6 ? -13.581 1.101   -13.912 1.00 18.02 ? 26  DT  C "O5'" 1 
ATOM   360  C  "C5'" . DT  C 1 6 ? -14.024 1.415   -12.656 1.00 21.78 ? 26  DT  C "C5'" 1 
ATOM   361  C  "C4'" . DT  C 1 6 ? -14.338 2.881   -12.609 1.00 21.57 ? 26  DT  C "C4'" 1 
ATOM   362  O  "O4'" . DT  C 1 6 ? -15.327 3.134   -13.635 1.00 22.81 ? 26  DT  C "O4'" 1 
ATOM   363  C  "C3'" . DT  C 1 6 ? -14.980 3.184   -11.271 1.00 22.97 ? 26  DT  C "C3'" 1 
ATOM   364  O  "O3'" . DT  C 1 6 ? -13.945 3.845   -10.541 1.00 22.33 ? 26  DT  C "O3'" 1 
ATOM   365  C  "C2'" . DT  C 1 6 ? -16.265 3.905   -11.633 1.00 21.93 ? 26  DT  C "C2'" 1 
ATOM   366  C  "C1'" . DT  C 1 6 ? -16.575 3.385   -13.028 1.00 21.48 ? 26  DT  C "C1'" 1 
ATOM   367  N  N1    . DT  C 1 6 ? -17.403 2.153   -13.095 1.00 20.62 ? 26  DT  C N1    1 
ATOM   368  C  C2    . DT  C 1 6 ? -18.693 2.288   -12.658 1.00 19.88 ? 26  DT  C C2    1 
ATOM   369  O  O2    . DT  C 1 6 ? -19.139 3.336   -12.214 1.00 18.45 ? 26  DT  C O2    1 
ATOM   370  N  N3    . DT  C 1 6 ? -19.446 1.158   -12.743 1.00 17.92 ? 26  DT  C N3    1 
ATOM   371  C  C4    . DT  C 1 6 ? -19.066 -0.072  -13.192 1.00 17.79 ? 26  DT  C C4    1 
ATOM   372  O  O4    . DT  C 1 6 ? -19.879 -0.985  -13.200 1.00 17.85 ? 26  DT  C O4    1 
ATOM   373  C  C5    . DT  C 1 6 ? -17.687 -0.173  -13.635 1.00 18.45 ? 26  DT  C C5    1 
ATOM   374  C  C7    . DT  C 1 6 ? -17.212 -1.466  -14.226 1.00 19.13 ? 26  DT  C C7    1 
ATOM   375  C  C6    . DT  C 1 6 ? -16.928 0.933   -13.568 1.00 19.61 ? 26  DT  C C6    1 
ATOM   376  O  "O5'" . DT  D 1 1 ? 12.829  -6.962  0.777   1.00 24.74 ? 31  DT  D "O5'" 1 
ATOM   377  C  "C5'" . DT  D 1 1 ? 12.134  -6.603  -0.420  1.00 18.11 ? 31  DT  D "C5'" 1 
ATOM   378  C  "C4'" . DT  D 1 1 ? 10.721  -6.256  0.010   1.00 16.91 ? 31  DT  D "C4'" 1 
ATOM   379  O  "O4'" . DT  D 1 1 ? 10.636  -4.827  0.178   1.00 14.60 ? 31  DT  D "O4'" 1 
ATOM   380  C  "C3'" . DT  D 1 1 ? 9.692   -6.592  -1.058  1.00 14.29 ? 31  DT  D "C3'" 1 
ATOM   381  O  "O3'" . DT  D 1 1 ? 8.403   -6.803  -0.512  1.00 15.31 ? 31  DT  D "O3'" 1 
ATOM   382  C  "C2'" . DT  D 1 1 ? 9.673   -5.354  -1.920  1.00 15.03 ? 31  DT  D "C2'" 1 
ATOM   383  C  "C1'" . DT  D 1 1 ? 9.864   -4.264  -0.875  1.00 11.79 ? 31  DT  D "C1'" 1 
ATOM   384  N  N1    . DT  D 1 1 ? 10.566  -3.082  -1.351  1.00 9.83  ? 31  DT  D N1    1 
ATOM   385  C  C2    . DT  D 1 1 ? 9.850   -1.926  -1.489  1.00 9.25  ? 31  DT  D C2    1 
ATOM   386  O  O2    . DT  D 1 1 ? 8.629   -1.879  -1.294  1.00 8.30  ? 31  DT  D O2    1 
ATOM   387  N  N3    . DT  D 1 1 ? 10.590  -0.832  -1.869  1.00 9.67  ? 31  DT  D N3    1 
ATOM   388  C  C4    . DT  D 1 1 ? 11.955  -0.813  -2.174  1.00 10.02 ? 31  DT  D C4    1 
ATOM   389  O  O4    . DT  D 1 1 ? 12.514  0.265   -2.466  1.00 10.57 ? 31  DT  D O4    1 
ATOM   390  C  C5    . DT  D 1 1 ? 12.624  -2.097  -2.051  1.00 10.90 ? 31  DT  D C5    1 
ATOM   391  C  C7    . DT  D 1 1 ? 14.091  -2.200  -2.329  1.00 11.64 ? 31  DT  D C7    1 
ATOM   392  C  C6    . DT  D 1 1 ? 11.907  -3.148  -1.640  1.00 11.25 ? 31  DT  D C6    1 
ATOM   393  P  P     . DG  D 1 2 ? 7.386   -7.818  -1.257  1.00 13.49 ? 32  DG  D P     1 
ATOM   394  O  OP1   . DG  D 1 2 ? 8.095   -9.106  -1.534  1.00 17.05 ? 32  DG  D OP1   1 
ATOM   395  O  OP2   . DG  D 1 2 ? 6.808   -7.063  -2.405  1.00 15.30 ? 32  DG  D OP2   1 
ATOM   396  O  "O5'" . DG  D 1 2 ? 6.259   -8.094  -0.188  1.00 10.98 ? 32  DG  D "O5'" 1 
ATOM   397  C  "C5'" . DG  D 1 2 ? 6.532   -8.705  1.063   1.00 11.07 ? 32  DG  D "C5'" 1 
ATOM   398  C  "C4'" . DG  D 1 2 ? 5.237   -9.204  1.646   1.00 7.89  ? 32  DG  D "C4'" 1 
ATOM   399  O  "O4'" . DG  D 1 2 ? 4.437   -8.041  1.922   1.00 8.88  ? 32  DG  D "O4'" 1 
ATOM   400  C  "C3'" . DG  D 1 2 ? 4.396   -10.089 0.707   1.00 9.13  ? 32  DG  D "C3'" 1 
ATOM   401  O  "O3'" . DG  D 1 2 ? 3.744   -11.086 1.504   1.00 8.03  ? 32  DG  D "O3'" 1 
ATOM   402  C  "C2'" . DG  D 1 2 ? 3.381   -9.106  0.118   1.00 8.62  ? 32  DG  D "C2'" 1 
ATOM   403  C  "C1'" . DG  D 1 2 ? 3.219   -8.066  1.228   1.00 7.58  ? 32  DG  D "C1'" 1 
ATOM   404  N  N9    . DG  D 1 2 ? 2.982   -6.720  0.716   1.00 6.69  ? 32  DG  D N9    1 
ATOM   405  C  C8    . DG  D 1 2 ? 3.760   -6.037  -0.172  1.00 5.64  ? 32  DG  D C8    1 
ATOM   406  N  N7    . DG  D 1 2 ? 3.269   -4.882  -0.507  1.00 5.66  ? 32  DG  D N7    1 
ATOM   407  C  C5    . DG  D 1 2 ? 2.099   -4.793  0.203   1.00 3.78  ? 32  DG  D C5    1 
ATOM   408  C  C6    . DG  D 1 2 ? 1.123   -3.761  0.220   1.00 5.93  ? 32  DG  D C6    1 
ATOM   409  O  O6    . DG  D 1 2 ? 1.074   -2.744  -0.456  1.00 4.88  ? 32  DG  D O6    1 
ATOM   410  N  N1    . DG  D 1 2 ? 0.123   -4.040  1.117   1.00 4.78  ? 32  DG  D N1    1 
ATOM   411  C  C2    . DG  D 1 2 ? 0.035   -5.201  1.867   1.00 6.70  ? 32  DG  D C2    1 
ATOM   412  N  N2    . DG  D 1 2 ? -1.031  -5.301  2.648   1.00 4.92  ? 32  DG  D N2    1 
ATOM   413  N  N3    . DG  D 1 2 ? 0.924   -6.182  1.836   1.00 8.33  ? 32  DG  D N3    1 
ATOM   414  C  C4    . DG  D 1 2 ? 1.916   -5.910  0.991   1.00 6.34  ? 32  DG  D C4    1 
ATOM   415  P  P     . DG  D 1 3 ? 2.579   -12.017 0.863   1.00 12.21 ? 33  DG  D P     1 
ATOM   416  O  OP1   . DG  D 1 3 ? 2.749   -13.318 1.575   1.00 14.00 ? 33  DG  D OP1   1 
ATOM   417  O  OP2   . DG  D 1 3 ? 2.530   -11.975 -0.606  1.00 11.10 ? 33  DG  D OP2   1 
ATOM   418  O  "O5'" . DG  D 1 3 ? 1.243   -11.370 1.385   1.00 10.17 ? 33  DG  D "O5'" 1 
ATOM   419  C  "C5'" . DG  D 1 3 ? 0.998   -11.279 2.779   1.00 10.25 ? 33  DG  D "C5'" 1 
ATOM   420  C  "C4'" . DG  D 1 3 ? -0.475  -11.084 3.001   1.00 9.22  ? 33  DG  D "C4'" 1 
ATOM   421  O  "O4'" . DG  D 1 3 ? -0.840  -9.754  2.557   1.00 9.19  ? 33  DG  D "O4'" 1 
ATOM   422  C  "C3'" . DG  D 1 3 ? -1.350  -12.061 2.220   1.00 9.03  ? 33  DG  D "C3'" 1 
ATOM   423  O  "O3'" . DG  D 1 3 ? -2.401  -12.434 3.090   1.00 11.82 ? 33  DG  D "O3'" 1 
ATOM   424  C  "C2'" . DG  D 1 3 ? -1.862  -11.250 1.030   1.00 8.62  ? 33  DG  D "C2'" 1 
ATOM   425  C  "C1'" . DG  D 1 3 ? -1.833  -9.812  1.546   1.00 8.19  ? 33  DG  D "C1'" 1 
ATOM   426  N  N9    . DG  D 1 3 ? -1.464  -8.803  0.563   1.00 7.20  ? 33  DG  D N9    1 
ATOM   427  C  C8    . DG  D 1 3 ? -0.327  -8.753  -0.188  1.00 5.92  ? 33  DG  D C8    1 
ATOM   428  N  N7    . DG  D 1 3 ? -0.262  -7.671  -0.918  1.00 7.47  ? 33  DG  D N7    1 
ATOM   429  C  C5    . DG  D 1 3 ? -1.442  -6.999  -0.627  1.00 6.76  ? 33  DG  D C5    1 
ATOM   430  C  C6    . DG  D 1 3 ? -1.916  -5.793  -1.110  1.00 5.50  ? 33  DG  D C6    1 
ATOM   431  O  O6    . DG  D 1 3 ? -1.380  -5.053  -1.937  1.00 6.33  ? 33  DG  D O6    1 
ATOM   432  N  N1    . DG  D 1 3 ? -3.152  -5.448  -0.554  1.00 4.18  ? 33  DG  D N1    1 
ATOM   433  C  C2    . DG  D 1 3 ? -3.819  -6.207  0.354   1.00 7.62  ? 33  DG  D C2    1 
ATOM   434  N  N2    . DG  D 1 3 ? -4.980  -5.725  0.798   1.00 8.37  ? 33  DG  D N2    1 
ATOM   435  N  N3    . DG  D 1 3 ? -3.367  -7.356  0.800   1.00 5.47  ? 33  DG  D N3    1 
ATOM   436  C  C4    . DG  D 1 3 ? -2.186  -7.688  0.268   1.00 4.80  ? 33  DG  D C4    1 
ATOM   437  P  P     . DG  D 1 4 ? -3.567  -13.407 2.576   1.00 13.90 ? 34  DG  D P     1 
ATOM   438  O  OP1   . DG  D 1 4 ? -4.089  -13.983 3.843   1.00 13.12 ? 34  DG  D OP1   1 
ATOM   439  O  OP2   . DG  D 1 4 ? -3.127  -14.303 1.502   1.00 14.30 ? 34  DG  D OP2   1 
ATOM   440  O  "O5'" . DG  D 1 4 ? -4.718  -12.432 2.103   1.00 12.09 ? 34  DG  D "O5'" 1 
ATOM   441  C  "C5'" . DG  D 1 4 ? -5.437  -11.671 3.049   1.00 8.81  ? 34  DG  D "C5'" 1 
ATOM   442  C  "C4'" . DG  D 1 4 ? -6.559  -10.936 2.366   1.00 10.59 ? 34  DG  D "C4'" 1 
ATOM   443  O  "O4'" . DG  D 1 4 ? -6.032  -9.928  1.483   1.00 10.80 ? 34  DG  D "O4'" 1 
ATOM   444  C  "C3'" . DG  D 1 4 ? -7.475  -11.830 1.528   1.00 9.77  ? 34  DG  D "C3'" 1 
ATOM   445  O  "O3'" . DG  D 1 4 ? -8.766  -11.579 2.049   1.00 14.13 ? 34  DG  D "O3'" 1 
ATOM   446  C  "C2'" . DG  D 1 4 ? -7.334  -11.304 0.106   1.00 9.43  ? 34  DG  D "C2'" 1 
ATOM   447  C  "C1'" . DG  D 1 4 ? -6.808  -9.893  0.303   1.00 9.71  ? 34  DG  D "C1'" 1 
ATOM   448  N  N9    . DG  D 1 4 ? -5.935  -9.393  -0.736  1.00 6.26  ? 34  DG  D N9    1 
ATOM   449  C  C8    . DG  D 1 4 ? -4.732  -9.926  -1.152  1.00 4.45  ? 34  DG  D C8    1 
ATOM   450  N  N7    . DG  D 1 4 ? -4.116  -9.154  -2.014  1.00 6.70  ? 34  DG  D N7    1 
ATOM   451  C  C5    . DG  D 1 4 ? -4.979  -8.087  -2.198  1.00 6.46  ? 34  DG  D C5    1 
ATOM   452  C  C6    . DG  D 1 4 ? -4.863  -6.951  -3.034  1.00 4.93  ? 34  DG  D C6    1 
ATOM   453  O  O6    . DG  D 1 4 ? -3.919  -6.642  -3.780  1.00 6.82  ? 34  DG  D O6    1 
ATOM   454  N  N1    . DG  D 1 4 ? -5.987  -6.140  -2.951  1.00 6.29  ? 34  DG  D N1    1 
ATOM   455  C  C2    . DG  D 1 4 ? -7.065  -6.363  -2.143  1.00 7.36  ? 34  DG  D C2    1 
ATOM   456  N  N2    . DG  D 1 4 ? -8.082  -5.447  -2.194  1.00 8.29  ? 34  DG  D N2    1 
ATOM   457  N  N3    . DG  D 1 4 ? -7.171  -7.410  -1.337  1.00 7.08  ? 34  DG  D N3    1 
ATOM   458  C  C4    . DG  D 1 4 ? -6.109  -8.230  -1.432  1.00 7.01  ? 34  DG  D C4    1 
ATOM   459  P  P     . DG  D 1 5 ? -10.024 -12.385 1.502   1.00 15.55 ? 35  DG  D P     1 
ATOM   460  O  OP1   . DG  D 1 5 ? -10.949 -12.548 2.627   1.00 14.86 ? 35  DG  D OP1   1 
ATOM   461  O  OP2   . DG  D 1 5 ? -9.596  -13.569 0.696   1.00 14.15 ? 35  DG  D OP2   1 
ATOM   462  O  "O5'" . DG  D 1 5 ? -10.662 -11.309 0.507   1.00 17.09 ? 35  DG  D "O5'" 1 
ATOM   463  C  "C5'" . DG  D 1 5 ? -11.163 -10.069 1.008   1.00 13.84 ? 35  DG  D "C5'" 1 
ATOM   464  C  "C4'" . DG  D 1 5 ? -11.832 -9.287  -0.094  1.00 13.03 ? 35  DG  D "C4'" 1 
ATOM   465  O  "O4'" . DG  D 1 5 ? -10.827 -8.737  -0.994  1.00 10.94 ? 35  DG  D "O4'" 1 
ATOM   466  C  "C3'" . DG  D 1 5 ? -12.761 -10.140 -0.968  1.00 10.35 ? 35  DG  D "C3'" 1 
ATOM   467  O  "O3'" . DG  D 1 5 ? -13.911 -9.376  -1.303  1.00 13.30 ? 35  DG  D "O3'" 1 
ATOM   468  C  "C2'" . DG  D 1 5 ? -11.915 -10.423 -2.199  1.00 9.03  ? 35  DG  D "C2'" 1 
ATOM   469  C  "C1'" . DG  D 1 5 ? -11.177 -9.086  -2.336  1.00 8.72  ? 35  DG  D "C1'" 1 
ATOM   470  N  N9    . DG  D 1 5 ? -9.953  -9.126  -3.119  1.00 6.22  ? 35  DG  D N9    1 
ATOM   471  C  C8    . DG  D 1 5 ? -8.982  -10.077 -3.097  1.00 5.66  ? 35  DG  D C8    1 
ATOM   472  N  N7    . DG  D 1 5 ? -7.996  -9.817  -3.910  1.00 8.45  ? 35  DG  D N7    1 
ATOM   473  C  C5    . DG  D 1 5 ? -8.327  -8.606  -4.477  1.00 5.48  ? 35  DG  D C5    1 
ATOM   474  C  C6    . DG  D 1 5 ? -7.605  -7.800  -5.410  1.00 8.52  ? 35  DG  D C6    1 
ATOM   475  O  O6    . DG  D 1 5 ? -6.464  -8.012  -5.858  1.00 7.53  ? 35  DG  D O6    1 
ATOM   476  N  N1    . DG  D 1 5 ? -8.334  -6.681  -5.786  1.00 6.76  ? 35  DG  D N1    1 
ATOM   477  C  C2    . DG  D 1 5 ? -9.587  -6.351  -5.273  1.00 8.32  ? 35  DG  D C2    1 
ATOM   478  N  N2    . DG  D 1 5 ? -10.204 -5.280  -5.774  1.00 9.43  ? 35  DG  D N2    1 
ATOM   479  N  N3    . DG  D 1 5 ? -10.207 -7.057  -4.344  1.00 6.93  ? 35  DG  D N3    1 
ATOM   480  C  C4    . DG  D 1 5 ? -9.537  -8.172  -4.020  1.00 7.38  ? 35  DG  D C4    1 
ATOM   481  P  P     . DT  D 1 6 ? -15.324 -10.116 -1.507  1.00 15.32 ? 36  DT  D P     1 
ATOM   482  O  OP1   . DT  D 1 6 ? -16.285 -8.990  -1.726  1.00 15.80 ? 36  DT  D OP1   1 
ATOM   483  O  OP2   . DT  D 1 6 ? -15.555 -11.093 -0.407  1.00 13.97 ? 36  DT  D OP2   1 
ATOM   484  O  "O5'" . DT  D 1 6 ? -15.120 -10.928 -2.856  1.00 12.45 ? 36  DT  D "O5'" 1 
ATOM   485  C  "C5'" . DT  D 1 6 ? -15.816 -12.145 -3.109  1.00 11.15 ? 36  DT  D "C5'" 1 
ATOM   486  C  "C4'" . DT  D 1 6 ? -16.047 -12.264 -4.597  1.00 11.98 ? 36  DT  D "C4'" 1 
ATOM   487  O  "O4'" . DT  D 1 6 ? -14.783 -12.302 -5.269  1.00 7.94  ? 36  DT  D "O4'" 1 
ATOM   488  C  "C3'" . DT  D 1 6 ? -16.784 -13.505 -5.095  1.00 11.99 ? 36  DT  D "C3'" 1 
ATOM   489  O  "O3'" . DT  D 1 6 ? -18.144 -13.117 -5.226  1.00 16.27 ? 36  DT  D "O3'" 1 
ATOM   490  C  "C2'" . DT  D 1 6 ? -16.285 -13.626 -6.523  1.00 11.35 ? 36  DT  D "C2'" 1 
ATOM   491  C  "C1'" . DT  D 1 6 ? -15.020 -12.753 -6.596  1.00 8.97  ? 36  DT  D "C1'" 1 
ATOM   492  N  N1    . DT  D 1 6 ? -13.845 -13.553 -6.986  1.00 5.54  ? 36  DT  D N1    1 
ATOM   493  C  C2    . DT  D 1 6 ? -12.941 -13.047 -7.883  1.00 7.45  ? 36  DT  D C2    1 
ATOM   494  O  O2    . DT  D 1 6 ? -13.055 -11.975 -8.447  1.00 9.20  ? 36  DT  D O2    1 
ATOM   495  N  N3    . DT  D 1 6 ? -11.863 -13.854 -8.106  1.00 6.50  ? 36  DT  D N3    1 
ATOM   496  C  C4    . DT  D 1 6 ? -11.602 -15.064 -7.525  1.00 6.85  ? 36  DT  D C4    1 
ATOM   497  O  O4    . DT  D 1 6 ? -10.576 -15.653 -7.812  1.00 5.88  ? 36  DT  D O4    1 
ATOM   498  C  C5    . DT  D 1 6 ? -12.597 -15.552 -6.617  1.00 7.08  ? 36  DT  D C5    1 
ATOM   499  C  C7    . DT  D 1 6 ? -12.405 -16.894 -5.991  1.00 7.77  ? 36  DT  D C7    1 
ATOM   500  C  C6    . DT  D 1 6 ? -13.675 -14.785 -6.398  1.00 7.67  ? 36  DT  D C6    1 
ATOM   501  O  "O5'" . DT  E 1 1 ? 1.512   -8.006  4.094   1.00 7.26  ? 41  DT  E "O5'" 1 
ATOM   502  C  "C5'" . DT  E 1 1 ? 2.212   -6.892  4.699   1.00 10.17 ? 41  DT  E "C5'" 1 
ATOM   503  C  "C4'" . DT  E 1 1 ? 2.957   -7.372  5.924   1.00 9.92  ? 41  DT  E "C4'" 1 
ATOM   504  O  "O4'" . DT  E 1 1 ? 2.026   -7.842  6.937   1.00 11.45 ? 41  DT  E "O4'" 1 
ATOM   505  C  "C3'" . DT  E 1 1 ? 3.863   -8.558  5.633   1.00 11.38 ? 41  DT  E "C3'" 1 
ATOM   506  O  "O3'" . DT  E 1 1 ? 4.936   -8.478  6.552   1.00 11.84 ? 41  DT  E "O3'" 1 
ATOM   507  C  "C2'" . DT  E 1 1 ? 2.985   -9.749  5.985   1.00 11.92 ? 41  DT  E "C2'" 1 
ATOM   508  C  "C1'" . DT  E 1 1 ? 2.252   -9.223  7.214   1.00 11.98 ? 41  DT  E "C1'" 1 
ATOM   509  N  N1    . DT  E 1 1 ? 0.946   -9.872  7.553   1.00 14.08 ? 41  DT  E N1    1 
ATOM   510  C  C2    . DT  E 1 1 ? 0.872   -10.621 8.721   1.00 16.24 ? 41  DT  E C2    1 
ATOM   511  O  O2    . DT  E 1 1 ? 1.777   -10.695 9.521   1.00 19.11 ? 41  DT  E O2    1 
ATOM   512  N  N3    . DT  E 1 1 ? -0.319  -11.237 8.932   1.00 16.95 ? 41  DT  E N3    1 
ATOM   513  C  C4    . DT  E 1 1 ? -1.457  -11.157 8.157   1.00 16.50 ? 41  DT  E C4    1 
ATOM   514  O  O4    . DT  E 1 1 ? -2.486  -11.719 8.528   1.00 18.63 ? 41  DT  E O4    1 
ATOM   515  C  C5    . DT  E 1 1 ? -1.343  -10.340 6.971   1.00 15.01 ? 41  DT  E C5    1 
ATOM   516  C  C7    . DT  E 1 1 ? -2.504  -10.295 6.026   1.00 13.76 ? 41  DT  E C7    1 
ATOM   517  C  C6    . DT  E 1 1 ? -0.163  -9.748  6.725   1.00 13.56 ? 41  DT  E C6    1 
ATOM   518  P  P     . DG  E 1 2 ? 6.372   -9.031  6.150   1.00 14.20 ? 42  DG  E P     1 
ATOM   519  O  OP1   . DG  E 1 2 ? 6.218   -10.432 5.635   1.00 13.18 ? 42  DG  E OP1   1 
ATOM   520  O  OP2   . DG  E 1 2 ? 7.221   -8.751  7.330   1.00 15.07 ? 42  DG  E OP2   1 
ATOM   521  O  "O5'" . DG  E 1 2 ? 6.811   -8.112  4.941   1.00 11.55 ? 42  DG  E "O5'" 1 
ATOM   522  C  "C5'" . DG  E 1 2 ? 7.240   -6.792  5.189   1.00 11.29 ? 42  DG  E "C5'" 1 
ATOM   523  C  "C4'" . DG  E 1 2 ? 7.662   -6.170  3.884   1.00 8.82  ? 42  DG  E "C4'" 1 
ATOM   524  O  "O4'" . DG  E 1 2 ? 6.488   -6.021  3.068   1.00 8.58  ? 42  DG  E "O4'" 1 
ATOM   525  C  "C3'" . DG  E 1 2 ? 8.252   -4.769  3.968   1.00 8.64  ? 42  DG  E "C3'" 1 
ATOM   526  O  "O3'" . DG  E 1 2 ? 9.647   -4.908  4.201   1.00 8.90  ? 42  DG  E "O3'" 1 
ATOM   527  C  "C2'" . DG  E 1 2 ? 7.988   -4.243  2.571   1.00 8.11  ? 42  DG  E "C2'" 1 
ATOM   528  C  "C1'" . DG  E 1 2 ? 6.663   -4.895  2.216   1.00 7.32  ? 42  DG  E "C1'" 1 
ATOM   529  N  N9    . DG  E 1 2 ? 5.513   -4.029  2.446   1.00 6.35  ? 42  DG  E N9    1 
ATOM   530  C  C8    . DG  E 1 2 ? 4.540   -4.138  3.395   1.00 8.77  ? 42  DG  E C8    1 
ATOM   531  N  N7    . DG  E 1 2 ? 3.613   -3.232  3.253   1.00 4.46  ? 42  DG  E N7    1 
ATOM   532  C  C5    . DG  E 1 2 ? 4.024   -2.488  2.174   1.00 5.85  ? 42  DG  E C5    1 
ATOM   533  C  C6    . DG  E 1 2 ? 3.431   -1.380  1.562   1.00 5.54  ? 42  DG  E C6    1 
ATOM   534  O  O6    . DG  E 1 2 ? 2.386   -0.784  1.882   1.00 5.33  ? 42  DG  E O6    1 
ATOM   535  N  N1    . DG  E 1 2 ? 4.167   -0.938  0.496   1.00 6.77  ? 42  DG  E N1    1 
ATOM   536  C  C2    . DG  E 1 2 ? 5.369   -1.482  0.086   1.00 8.50  ? 42  DG  E C2    1 
ATOM   537  N  N2    . DG  E 1 2 ? 5.986   -0.905  -0.932  1.00 6.30  ? 42  DG  E N2    1 
ATOM   538  N  N3    . DG  E 1 2 ? 5.925   -2.507  0.665   1.00 6.36  ? 42  DG  E N3    1 
ATOM   539  C  C4    . DG  E 1 2 ? 5.198   -2.959  1.684   1.00 6.02  ? 42  DG  E C4    1 
ATOM   540  P  P     . DG  E 1 3 ? 10.438  -3.776  4.999   1.00 9.01  ? 43  DG  E P     1 
ATOM   541  O  OP1   . DG  E 1 3 ? 11.750  -4.387  5.420   1.00 8.86  ? 43  DG  E OP1   1 
ATOM   542  O  OP2   . DG  E 1 3 ? 9.614   -3.041  5.984   1.00 10.30 ? 43  DG  E OP2   1 
ATOM   543  O  "O5'" . DG  E 1 3 ? 10.705  -2.716  3.863   1.00 8.70  ? 43  DG  E "O5'" 1 
ATOM   544  C  "C5'" . DG  E 1 3 ? 11.573  -3.003  2.770   1.00 10.45 ? 43  DG  E "C5'" 1 
ATOM   545  C  "C4'" . DG  E 1 3 ? 11.668  -1.800  1.880   1.00 7.97  ? 43  DG  E "C4'" 1 
ATOM   546  O  "O4'" . DG  E 1 3 ? 10.314  -1.476  1.436   1.00 9.61  ? 43  DG  E "O4'" 1 
ATOM   547  C  "C3'" . DG  E 1 3 ? 12.236  -0.526  2.515   1.00 8.82  ? 43  DG  E "C3'" 1 
ATOM   548  O  "O3'" . DG  E 1 3 ? 13.072  0.116   1.572   1.00 11.09 ? 43  DG  E "O3'" 1 
ATOM   549  C  "C2'" . DG  E 1 3 ? 11.001  0.312   2.818   1.00 9.25  ? 43  DG  E "C2'" 1 
ATOM   550  C  "C1'" . DG  E 1 3 ? 10.018  -0.140  1.734   1.00 7.70  ? 43  DG  E "C1'" 1 
ATOM   551  N  N9    . DG  E 1 3 ? 8.626   -0.063  2.170   1.00 6.02  ? 43  DG  E N9    1 
ATOM   552  C  C8    . DG  E 1 3 ? 8.017   -0.768  3.168   1.00 6.38  ? 43  DG  E C8    1 
ATOM   553  N  N7    . DG  E 1 3 ? 6.811   -0.328  3.425   1.00 5.50  ? 43  DG  E N7    1 
ATOM   554  C  C5    . DG  E 1 3 ? 6.618   0.686   2.502   1.00 2.80  ? 43  DG  E C5    1 
ATOM   555  C  C6    . DG  E 1 3 ? 5.509   1.544   2.310   1.00 3.96  ? 43  DG  E C6    1 
ATOM   556  O  O6    . DG  E 1 3 ? 4.473   1.578   2.954   1.00 4.18  ? 43  DG  E O6    1 
ATOM   557  N  N1    . DG  E 1 3 ? 5.717   2.462   1.271   1.00 4.85  ? 43  DG  E N1    1 
ATOM   558  C  C2    . DG  E 1 3 ? 6.877   2.534   0.536   1.00 3.94  ? 43  DG  E C2    1 
ATOM   559  N  N2    . DG  E 1 3 ? 6.982   3.534   -0.372  1.00 5.39  ? 43  DG  E N2    1 
ATOM   560  N  N3    . DG  E 1 3 ? 7.899   1.705   0.704   1.00 4.54  ? 43  DG  E N3    1 
ATOM   561  C  C4    . DG  E 1 3 ? 7.708   0.835   1.704   1.00 4.21  ? 43  DG  E C4    1 
ATOM   562  P  P     . DG  E 1 4 ? 13.878  1.441   1.986   1.00 14.41 ? 44  DG  E P     1 
ATOM   563  O  OP1   . DG  E 1 4 ? 15.158  1.385   1.207   1.00 15.73 ? 44  DG  E OP1   1 
ATOM   564  O  OP2   . DG  E 1 4 ? 13.901  1.559   3.438   1.00 13.81 ? 44  DG  E OP2   1 
ATOM   565  O  "O5'" . DG  E 1 4 ? 13.013  2.599   1.380   1.00 12.11 ? 44  DG  E "O5'" 1 
ATOM   566  C  "C5'" . DG  E 1 4 ? 13.080  2.892   0.010   1.00 12.24 ? 44  DG  E "C5'" 1 
ATOM   567  C  "C4'" . DG  E 1 4 ? 12.672  4.316   -0.217  1.00 9.81  ? 44  DG  E "C4'" 1 
ATOM   568  O  "O4'" . DG  E 1 4 ? 11.279  4.509   0.062   1.00 11.19 ? 44  DG  E "O4'" 1 
ATOM   569  C  "C3'" . DG  E 1 4 ? 13.404  5.350   0.615   1.00 10.44 ? 44  DG  E "C3'" 1 
ATOM   570  O  "O3'" . DG  E 1 4 ? 13.593  6.466   -0.233  1.00 12.39 ? 44  DG  E "O3'" 1 
ATOM   571  C  "C2'" . DG  E 1 4 ? 12.426  5.636   1.761   1.00 10.78 ? 44  DG  E "C2'" 1 
ATOM   572  C  "C1'" . DG  E 1 4 ? 11.075  5.472   1.070   1.00 9.65  ? 44  DG  E "C1'" 1 
ATOM   573  N  N9    . DG  E 1 4 ? 10.008  4.956   1.912   1.00 10.38 ? 44  DG  E N9    1 
ATOM   574  C  C8    . DG  E 1 4 ? 10.044  3.822   2.694   1.00 8.86  ? 44  DG  E C8    1 
ATOM   575  N  N7    . DG  E 1 4 ? 8.923   3.601   3.329   1.00 7.89  ? 44  DG  E N7    1 
ATOM   576  C  C5    . DG  E 1 4 ? 8.093   4.638   2.932   1.00 7.07  ? 44  DG  E C5    1 
ATOM   577  C  C6    . DG  E 1 4 ? 6.750   4.937   3.313   1.00 7.02  ? 44  DG  E C6    1 
ATOM   578  O  O6    . DG  E 1 4 ? 6.003   4.281   4.076   1.00 7.22  ? 44  DG  E O6    1 
ATOM   579  N  N1    . DG  E 1 4 ? 6.312   6.114   2.724   1.00 7.59  ? 44  DG  E N1    1 
ATOM   580  C  C2    . DG  E 1 4 ? 7.067   6.915   1.850   1.00 9.16  ? 44  DG  E C2    1 
ATOM   581  N  N2    . DG  E 1 4 ? 6.499   8.036   1.396   1.00 7.45  ? 44  DG  E N2    1 
ATOM   582  N  N3    . DG  E 1 4 ? 8.297   6.621   1.464   1.00 7.16  ? 44  DG  E N3    1 
ATOM   583  C  C4    . DG  E 1 4 ? 8.751   5.493   2.060   1.00 9.15  ? 44  DG  E C4    1 
ATOM   584  P  P     . DG  E 1 5 ? 14.381  7.761   0.326   1.00 13.51 ? 45  DG  E P     1 
ATOM   585  O  OP1   . DG  E 1 5 ? 15.238  8.262   -0.757  1.00 14.72 ? 45  DG  E OP1   1 
ATOM   586  O  OP2   . DG  E 1 5 ? 14.952  7.433   1.655   1.00 13.32 ? 45  DG  E OP2   1 
ATOM   587  O  "O5'" . DG  E 1 5 ? 13.241  8.836   0.527   1.00 11.18 ? 45  DG  E "O5'" 1 
ATOM   588  C  "C5'" . DG  E 1 5 ? 12.516  9.256   -0.599  1.00 9.72  ? 45  DG  E "C5'" 1 
ATOM   589  C  "C4'" . DG  E 1 5 ? 11.761  10.521  -0.312  1.00 11.16 ? 45  DG  E "C4'" 1 
ATOM   590  O  "O4'" . DG  E 1 5 ? 10.542  10.195  0.384   1.00 10.85 ? 45  DG  E "O4'" 1 
ATOM   591  C  "C3'" . DG  E 1 5 ? 12.455  11.623  0.506   1.00 10.84 ? 45  DG  E "C3'" 1 
ATOM   592  O  "O3'" . DG  E 1 5 ? 11.855  12.847  0.073   1.00 12.28 ? 45  DG  E "O3'" 1 
ATOM   593  C  "C2'" . DG  E 1 5 ? 12.010  11.284  1.918   1.00 10.81 ? 45  DG  E "C2'" 1 
ATOM   594  C  "C1'" . DG  E 1 5 ? 10.576  10.791  1.685   1.00 10.49 ? 45  DG  E "C1'" 1 
ATOM   595  N  N9    . DG  E 1 5 ? 10.089  9.813   2.651   1.00 8.99  ? 45  DG  E N9    1 
ATOM   596  C  C8    . DG  E 1 5 ? 10.716  8.683   3.118   1.00 8.37  ? 45  DG  E C8    1 
ATOM   597  N  N7    . DG  E 1 5 ? 10.003  8.033   4.002   1.00 7.53  ? 45  DG  E N7    1 
ATOM   598  C  C5    . DG  E 1 5 ? 8.833   8.777   4.108   1.00 6.10  ? 45  DG  E C5    1 
ATOM   599  C  C6    . DG  E 1 5 ? 7.708   8.584   4.923   1.00 5.72  ? 45  DG  E C6    1 
ATOM   600  O  O6    . DG  E 1 5 ? 7.481   7.665   5.716   1.00 6.10  ? 45  DG  E O6    1 
ATOM   601  N  N1    . DG  E 1 5 ? 6.778   9.612   4.772   1.00 5.16  ? 45  DG  E N1    1 
ATOM   602  C  C2    . DG  E 1 5 ? 6.945   10.687  3.924   1.00 6.59  ? 45  DG  E C2    1 
ATOM   603  N  N2    . DG  E 1 5 ? 5.983   11.626  3.935   1.00 8.30  ? 45  DG  E N2    1 
ATOM   604  N  N3    . DG  E 1 5 ? 7.974   10.844  3.137   1.00 6.36  ? 45  DG  E N3    1 
ATOM   605  C  C4    . DG  E 1 5 ? 8.883   9.879   3.293   1.00 6.88  ? 45  DG  E C4    1 
ATOM   606  P  P     . DT  E 1 6 ? 12.315  14.250  0.681   1.00 15.11 ? 46  DT  E P     1 
ATOM   607  O  OP1   . DT  E 1 6 ? 12.258  15.252  -0.400  1.00 15.82 ? 46  DT  E OP1   1 
ATOM   608  O  OP2   . DT  E 1 6 ? 13.542  14.108  1.475   1.00 13.64 ? 46  DT  E OP2   1 
ATOM   609  O  "O5'" . DT  E 1 6 ? 11.160  14.588  1.722   1.00 13.68 ? 46  DT  E "O5'" 1 
ATOM   610  C  "C5'" . DT  E 1 6 ? 9.835   14.851  1.315   1.00 11.34 ? 46  DT  E "C5'" 1 
ATOM   611  C  "C4'" . DT  E 1 6 ? 9.073   15.438  2.478   1.00 10.72 ? 46  DT  E "C4'" 1 
ATOM   612  O  "O4'" . DT  E 1 6 ? 8.758   14.373  3.400   1.00 9.68  ? 46  DT  E "O4'" 1 
ATOM   613  C  "C3'" . DT  E 1 6 ? 9.840   16.488  3.299   1.00 9.91  ? 46  DT  E "C3'" 1 
ATOM   614  O  "O3'" . DT  E 1 6 ? 8.994   17.643  3.147   1.00 10.50 ? 46  DT  E "O3'" 1 
ATOM   615  C  "C2'" . DT  E 1 6 ? 9.781   15.991  4.748   1.00 8.17  ? 46  DT  E "C2'" 1 
ATOM   616  C  "C1'" . DT  E 1 6 ? 8.745   14.857  4.724   1.00 10.45 ? 46  DT  E "C1'" 1 
ATOM   617  N  N1    . DT  E 1 6 ? 8.992   13.663  5.592   1.00 8.03  ? 46  DT  E N1    1 
ATOM   618  C  C2    . DT  E 1 6 ? 8.023   13.256  6.466   1.00 7.57  ? 46  DT  E C2    1 
ATOM   619  O  O2    . DT  E 1 6 ? 7.003   13.907  6.659   1.00 8.91  ? 46  DT  E O2    1 
ATOM   620  N  N3    . DT  E 1 6 ? 8.267   12.044  7.087   1.00 6.97  ? 46  DT  E N3    1 
ATOM   621  C  C4    . DT  E 1 6 ? 9.394   11.241  6.922   1.00 7.92  ? 46  DT  E C4    1 
ATOM   622  O  O4    . DT  E 1 6 ? 9.461   10.151  7.491   1.00 7.38  ? 46  DT  E O4    1 
ATOM   623  C  C5    . DT  E 1 6 ? 10.397  11.772  6.032   1.00 8.23  ? 46  DT  E C5    1 
ATOM   624  C  C7    . DT  E 1 6 ? 11.641  10.979  5.770   1.00 8.77  ? 46  DT  E C7    1 
ATOM   625  C  C6    . DT  E 1 6 ? 10.152  12.944  5.430   1.00 7.37  ? 46  DT  E C6    1 
ATOM   626  O  "O5'" . DT  F 1 1 ? -7.968  -0.051  3.356   1.00 7.44  ? 51  DT  F "O5'" 1 
ATOM   627  C  "C5'" . DT  F 1 1 ? -6.978  0.558   4.212   1.00 9.77  ? 51  DT  F "C5'" 1 
ATOM   628  C  "C4'" . DT  F 1 1 ? -7.565  1.148   5.465   1.00 7.73  ? 51  DT  F "C4'" 1 
ATOM   629  O  "O4'" . DT  F 1 1 ? -8.478  2.218   5.138   1.00 9.50  ? 51  DT  F "O4'" 1 
ATOM   630  C  "C3'" . DT  F 1 1 ? -8.367  0.164   6.296   1.00 9.84  ? 51  DT  F "C3'" 1 
ATOM   631  O  "O3'" . DT  F 1 1 ? -8.293  0.565   7.643   1.00 12.95 ? 51  DT  F "O3'" 1 
ATOM   632  C  "C2'" . DT  F 1 1 ? -9.787  0.390   5.806   1.00 10.70 ? 51  DT  F "C2'" 1 
ATOM   633  C  "C1'" . DT  F 1 1 ? -9.798  1.883   5.566   1.00 10.46 ? 51  DT  F "C1'" 1 
ATOM   634  N  N1    . DT  F 1 1 ? -10.742 2.299   4.514   1.00 10.64 ? 51  DT  F N1    1 
ATOM   635  C  C2    . DT  F 1 1 ? -11.891 2.942   4.910   1.00 14.32 ? 51  DT  F C2    1 
ATOM   636  O  O2    . DT  F 1 1 ? -12.139 3.185   6.084   1.00 15.53 ? 51  DT  F O2    1 
ATOM   637  N  N3    . DT  F 1 1 ? -12.736 3.287   3.879   1.00 14.79 ? 51  DT  F N3    1 
ATOM   638  C  C4    . DT  F 1 1 ? -12.530 3.065   2.521   1.00 15.09 ? 51  DT  F C4    1 
ATOM   639  O  O4    . DT  F 1 1 ? -13.405 3.348   1.697   1.00 16.80 ? 51  DT  F O4    1 
ATOM   640  C  C5    . DT  F 1 1 ? -11.306 2.405   2.190   1.00 12.97 ? 51  DT  F C5    1 
ATOM   641  C  C7    . DT  F 1 1 ? -11.018 2.132   0.750   1.00 11.63 ? 51  DT  F C7    1 
ATOM   642  C  C6    . DT  F 1 1 ? -10.487 2.048   3.189   1.00 10.92 ? 51  DT  F C6    1 
ATOM   643  P  P     . DG  F 1 2 ? -8.356  -0.523  8.803   1.00 11.41 ? 52  DG  F P     1 
ATOM   644  O  OP1   . DG  F 1 2 ? -9.415  -1.560  8.600   1.00 13.00 ? 52  DG  F OP1   1 
ATOM   645  O  OP2   . DG  F 1 2 ? -8.310  0.281   10.064  1.00 13.25 ? 52  DG  F OP2   1 
ATOM   646  O  "O5'" . DG  F 1 2 ? -7.004  -1.344  8.623   1.00 9.56  ? 52  DG  F "O5'" 1 
ATOM   647  C  "C5'" . DG  F 1 2 ? -5.798  -0.821  9.128   1.00 7.75  ? 52  DG  F "C5'" 1 
ATOM   648  C  "C4'" . DG  F 1 2 ? -4.700  -1.796  8.820   1.00 9.74  ? 52  DG  F "C4'" 1 
ATOM   649  O  "O4'" . DG  F 1 2 ? -4.612  -1.931  7.383   1.00 9.64  ? 52  DG  F "O4'" 1 
ATOM   650  C  "C3'" . DG  F 1 2 ? -3.331  -1.363  9.283   1.00 10.17 ? 52  DG  F "C3'" 1 
ATOM   651  O  "O3'" . DG  F 1 2 ? -3.184  -1.743  10.655  1.00 8.55  ? 52  DG  F "O3'" 1 
ATOM   652  C  "C2'" . DG  F 1 2 ? -2.442  -2.180  8.365   1.00 9.81  ? 52  DG  F "C2'" 1 
ATOM   653  C  "C1'" . DG  F 1 2 ? -3.281  -2.323  7.060   1.00 9.64  ? 52  DG  F "C1'" 1 
ATOM   654  N  N9    . DG  F 1 2 ? -2.797  -1.422  6.018   1.00 6.98  ? 52  DG  F N9    1 
ATOM   655  C  C8    . DG  F 1 2 ? -3.436  -0.345  5.460   1.00 7.77  ? 52  DG  F C8    1 
ATOM   656  N  N7    . DG  F 1 2 ? -2.760  0.224   4.514   1.00 5.35  ? 52  DG  F N7    1 
ATOM   657  C  C5    . DG  F 1 2 ? -1.598  -0.526  4.430   1.00 5.12  ? 52  DG  F C5    1 
ATOM   658  C  C6    . DG  F 1 2 ? -0.506  -0.404  3.583   1.00 3.91  ? 52  DG  F C6    1 
ATOM   659  O  O6    . DG  F 1 2 ? -0.304  0.451   2.659   1.00 5.98  ? 52  DG  F O6    1 
ATOM   660  N  N1    . DG  F 1 2 ? 0.457   -1.402  3.850   1.00 2.00  ? 52  DG  F N1    1 
ATOM   661  C  C2    . DG  F 1 2 ? 0.350   -2.370  4.854   1.00 4.50  ? 52  DG  F C2    1 
ATOM   662  N  N2    . DG  F 1 2 ? 1.368   -3.222  4.985   1.00 5.89  ? 52  DG  F N2    1 
ATOM   663  N  N3    . DG  F 1 2 ? -0.663  -2.457  5.656   1.00 5.11  ? 52  DG  F N3    1 
ATOM   664  C  C4    . DG  F 1 2 ? -1.603  -1.533  5.386   1.00 4.68  ? 52  DG  F C4    1 
ATOM   665  P  P     . DG  F 1 3 ? -2.276  -0.889  11.629  1.00 10.81 ? 53  DG  F P     1 
ATOM   666  O  OP1   . DG  F 1 3 ? -2.667  -1.253  13.025  1.00 11.96 ? 53  DG  F OP1   1 
ATOM   667  O  OP2   . DG  F 1 3 ? -2.200  0.516   11.263  1.00 9.50  ? 53  DG  F OP2   1 
ATOM   668  O  "O5'" . DG  F 1 3 ? -0.841  -1.518  11.375  1.00 8.55  ? 53  DG  F "O5'" 1 
ATOM   669  C  "C5'" . DG  F 1 3 ? -0.630  -2.897  11.547  1.00 9.58  ? 53  DG  F "C5'" 1 
ATOM   670  C  "C4'" . DG  F 1 3 ? 0.809   -3.218  11.251  1.00 9.43  ? 53  DG  F "C4'" 1 
ATOM   671  O  "O4'" . DG  F 1 3 ? 0.999   -2.962  9.824   1.00 7.30  ? 53  DG  F "O4'" 1 
ATOM   672  C  "C3'" . DG  F 1 3 ? 1.829   -2.355  12.000  1.00 8.47  ? 53  DG  F "C3'" 1 
ATOM   673  O  "O3'" . DG  F 1 3 ? 2.999   -3.118  12.291  1.00 11.72 ? 53  DG  F "O3'" 1 
ATOM   674  C  "C2'" . DG  F 1 3 ? 2.165   -1.285  10.978  1.00 7.45  ? 53  DG  F "C2'" 1 
ATOM   675  C  "C1'" . DG  F 1 3 ? 2.081   -2.060  9.668   1.00 6.50  ? 53  DG  F "C1'" 1 
ATOM   676  N  N9    . DG  F 1 3 ? 1.778   -1.176  8.554   1.00 7.11  ? 53  DG  F N9    1 
ATOM   677  C  C8    . DG  F 1 3 ? 0.682   -0.369  8.459   1.00 5.77  ? 53  DG  F C8    1 
ATOM   678  N  N7    . DG  F 1 3 ? 0.691   0.380   7.391   1.00 7.37  ? 53  DG  F N7    1 
ATOM   679  C  C5    . DG  F 1 3 ? 1.860   0.049   6.733   1.00 6.33  ? 53  DG  F C5    1 
ATOM   680  C  C6    . DG  F 1 3 ? 2.420   0.587   5.517   1.00 5.33  ? 53  DG  F C6    1 
ATOM   681  O  O6    . DG  F 1 3 ? 1.969   1.471   4.762   1.00 4.44  ? 53  DG  F O6    1 
ATOM   682  N  N1    . DG  F 1 3 ? 3.641   0.001   5.215   1.00 5.39  ? 53  DG  F N1    1 
ATOM   683  C  C2    . DG  F 1 3 ? 4.241   -0.985  5.970   1.00 4.85  ? 53  DG  F C2    1 
ATOM   684  N  N2    . DG  F 1 3 ? 5.419   -1.391  5.529   1.00 3.97  ? 53  DG  F N2    1 
ATOM   685  N  N3    . DG  F 1 3 ? 3.722   -1.517  7.095   1.00 5.25  ? 53  DG  F N3    1 
ATOM   686  C  C4    . DG  F 1 3 ? 2.540   -0.932  7.420   1.00 5.22  ? 53  DG  F C4    1 
ATOM   687  P  P     . DG  F 1 4 ? 4.222   -2.465  13.164  1.00 16.35 ? 54  DG  F P     1 
ATOM   688  O  OP1   . DG  F 1 4 ? 4.714   -3.546  14.059  1.00 16.34 ? 54  DG  F OP1   1 
ATOM   689  O  OP2   . DG  F 1 4 ? 3.917   -1.127  13.685  1.00 13.95 ? 54  DG  F OP2   1 
ATOM   690  O  "O5'" . DG  F 1 4 ? 5.344   -2.258  12.063  1.00 14.09 ? 54  DG  F "O5'" 1 
ATOM   691  C  "C5'" . DG  F 1 4 ? 5.885   -3.371  11.385  1.00 11.51 ? 54  DG  F "C5'" 1 
ATOM   692  C  "C4'" . DG  F 1 4 ? 7.208   -2.981  10.788  1.00 10.07 ? 54  DG  F "C4'" 1 
ATOM   693  O  "O4'" . DG  F 1 4 ? 6.995   -2.163  9.607   1.00 7.92  ? 54  DG  F "O4'" 1 
ATOM   694  C  "C3'" . DG  F 1 4 ? 8.121   -2.164  11.712  1.00 8.64  ? 54  DG  F "C3'" 1 
ATOM   695  O  "O3'" . DG  F 1 4 ? 9.446   -2.601  11.429  1.00 13.14 ? 54  DG  F "O3'" 1 
ATOM   696  C  "C2'" . DG  F 1 4 ? 7.910   -0.729  11.241  1.00 8.64  ? 54  DG  F "C2'" 1 
ATOM   697  C  "C1'" . DG  F 1 4 ? 7.609   -0.891  9.754   1.00 5.62  ? 54  DG  F "C1'" 1 
ATOM   698  N  N9    . DG  F 1 4 ? 6.647   0.090   9.277   1.00 5.25  ? 54  DG  F N9    1 
ATOM   699  C  C8    . DG  F 1 4 ? 5.445   0.434   9.835   1.00 5.02  ? 54  DG  F C8    1 
ATOM   700  N  N7    . DG  F 1 4 ? 4.764   1.279   9.110   1.00 7.05  ? 54  DG  F N7    1 
ATOM   701  C  C5    . DG  F 1 4 ? 5.589   1.535   8.020   1.00 4.30  ? 54  DG  F C5    1 
ATOM   702  C  C6    . DG  F 1 4 ? 5.434   2.399   6.877   1.00 5.21  ? 54  DG  F C6    1 
ATOM   703  O  O6    . DG  F 1 4 ? 4.472   3.101   6.538   1.00 4.39  ? 54  DG  F O6    1 
ATOM   704  N  N1    . DG  F 1 4 ? 6.558   2.385   6.090   1.00 5.41  ? 54  DG  F N1    1 
ATOM   705  C  C2    . DG  F 1 4 ? 7.669   1.598   6.304   1.00 4.93  ? 54  DG  F C2    1 
ATOM   706  N  N2    . DG  F 1 4 ? 8.663   1.704   5.434   1.00 6.92  ? 54  DG  F N2    1 
ATOM   707  N  N3    . DG  F 1 4 ? 7.798   0.779   7.296   1.00 6.31  ? 54  DG  F N3    1 
ATOM   708  C  C4    . DG  F 1 4 ? 6.758   0.813   8.123   1.00 6.58  ? 54  DG  F C4    1 
ATOM   709  P  P     . DG  F 1 5 ? 10.685  -2.049  12.262  1.00 13.24 ? 55  DG  F P     1 
ATOM   710  O  OP1   . DG  F 1 5 ? 11.636  -3.221  12.402  1.00 14.50 ? 55  DG  F OP1   1 
ATOM   711  O  OP2   . DG  F 1 5 ? 10.270  -1.300  13.473  1.00 13.27 ? 55  DG  F OP2   1 
ATOM   712  O  "O5'" . DG  F 1 5 ? 11.369  -1.023  11.287  1.00 12.81 ? 55  DG  F "O5'" 1 
ATOM   713  C  "C5'" . DG  F 1 5 ? 11.900  -1.471  10.040  1.00 13.68 ? 55  DG  F "C5'" 1 
ATOM   714  C  "C4'" . DG  F 1 5 ? 12.473  -0.302  9.278   1.00 14.75 ? 55  DG  F "C4'" 1 
ATOM   715  O  "O4'" . DG  F 1 5 ? 11.368  0.514   8.833   1.00 12.43 ? 55  DG  F "O4'" 1 
ATOM   716  C  "C3'" . DG  F 1 5 ? 13.377  0.628   10.099  1.00 17.46 ? 55  DG  F "C3'" 1 
ATOM   717  O  "O3'" . DG  F 1 5 ? 14.618  0.708   9.428   1.00 22.56 ? 55  DG  F "O3'" 1 
ATOM   718  C  "C2'" . DG  F 1 5 ? 12.635  1.960   10.120  1.00 14.83 ? 55  DG  F "C2'" 1 
ATOM   719  C  "C1'" . DG  F 1 5 ? 11.758  1.869   8.893   1.00 11.76 ? 55  DG  F "C1'" 1 
ATOM   720  N  N9    . DG  F 1 5 ? 10.517  2.635   8.920   1.00 9.28  ? 55  DG  F N9    1 
ATOM   721  C  C8    . DG  F 1 5 ? 9.495   2.491   9.810   1.00 9.97  ? 55  DG  F C8    1 
ATOM   722  N  N7    . DG  F 1 5 ? 8.471   3.267   9.540   1.00 8.88  ? 55  DG  F N7    1 
ATOM   723  C  C5    . DG  F 1 5 ? 8.855   3.948   8.404   1.00 8.76  ? 55  DG  F C5    1 
ATOM   724  C  C6    . DG  F 1 5 ? 8.179   4.915   7.671   1.00 6.68  ? 55  DG  F C6    1 
ATOM   725  O  O6    . DG  F 1 5 ? 7.052   5.368   7.876   1.00 7.25  ? 55  DG  F O6    1 
ATOM   726  N  N1    . DG  F 1 5 ? 8.940   5.389   6.610   1.00 8.62  ? 55  DG  F N1    1 
ATOM   727  C  C2    . DG  F 1 5 ? 10.210  4.968   6.299   1.00 7.58  ? 55  DG  F C2    1 
ATOM   728  N  N2    . DG  F 1 5 ? 10.818  5.583   5.220   1.00 8.85  ? 55  DG  F N2    1 
ATOM   729  N  N3    . DG  F 1 5 ? 10.845  4.044   6.983   1.00 9.01  ? 55  DG  F N3    1 
ATOM   730  C  C4    . DG  F 1 5 ? 10.124  3.588   8.020   1.00 8.17  ? 55  DG  F C4    1 
ATOM   731  P  P     . DT  F 1 6 ? 15.777  1.686   9.951   1.00 25.98 ? 56  DT  F P     1 
ATOM   732  O  OP1   . DT  F 1 6 ? 16.977  1.055   9.395   1.00 27.32 ? 56  DT  F OP1   1 
ATOM   733  O  OP2   . DT  F 1 6 ? 15.703  1.974   11.410  1.00 28.39 ? 56  DT  F OP2   1 
ATOM   734  O  "O5'" . DT  F 1 6 ? 15.553  3.017   9.099   1.00 25.82 ? 56  DT  F "O5'" 1 
ATOM   735  C  "C5'" . DT  F 1 6 ? 15.775  2.988   7.667   1.00 26.60 ? 56  DT  F "C5'" 1 
ATOM   736  C  "C4'" . DT  F 1 6 ? 15.759  4.385   7.092   1.00 26.72 ? 56  DT  F "C4'" 1 
ATOM   737  O  "O4'" . DT  F 1 6 ? 14.407  4.895   7.145   1.00 26.08 ? 56  DT  F "O4'" 1 
ATOM   738  C  "C3'" . DT  F 1 6 ? 16.625  5.399   7.859   1.00 27.10 ? 56  DT  F "C3'" 1 
ATOM   739  O  "O3'" . DT  F 1 6 ? 17.487  6.075   6.965   1.00 27.95 ? 56  DT  F "O3'" 1 
ATOM   740  C  "C2'" . DT  F 1 6 ? 15.623  6.389   8.443   1.00 27.20 ? 56  DT  F "C2'" 1 
ATOM   741  C  "C1'" . DT  F 1 6 ? 14.476  6.276   7.457   1.00 26.68 ? 56  DT  F "C1'" 1 
ATOM   742  N  N1    . DT  F 1 6 ? 13.164  6.672   8.007   1.00 25.31 ? 56  DT  F N1    1 
ATOM   743  C  C2    . DT  F 1 6 ? 12.399  7.580   7.293   1.00 25.60 ? 56  DT  F C2    1 
ATOM   744  O  O2    . DT  F 1 6 ? 12.777  8.085   6.241   1.00 23.81 ? 56  DT  F O2    1 
ATOM   745  N  N3    . DT  F 1 6 ? 11.171  7.867   7.865   1.00 21.71 ? 56  DT  F N3    1 
ATOM   746  C  C4    . DT  F 1 6 ? 10.655  7.328   9.050   1.00 24.89 ? 56  DT  F C4    1 
ATOM   747  O  O4    . DT  F 1 6 ? 9.477   7.531   9.362   1.00 23.27 ? 56  DT  F O4    1 
ATOM   748  C  C5    . DT  F 1 6 ? 11.533  6.407   9.746   1.00 24.80 ? 56  DT  F C5    1 
ATOM   749  C  C7    . DT  F 1 6 ? 11.086  5.814   11.040  1.00 24.51 ? 56  DT  F C7    1 
ATOM   750  C  C6    . DT  F 1 6 ? 12.721  6.133   9.199   1.00 25.35 ? 56  DT  F C6    1 
ATOM   751  O  "O5'" . DT  G 1 1 ? -2.309  5.777   -6.031  1.00 10.91 ? 61  DT  G "O5'" 1 
ATOM   752  C  "C5'" . DT  G 1 1 ? -1.879  6.327   -4.802  1.00 9.96  ? 61  DT  G "C5'" 1 
ATOM   753  C  "C4'" . DT  G 1 1 ? -1.766  7.819   -5.003  1.00 10.58 ? 61  DT  G "C4'" 1 
ATOM   754  O  "O4'" . DT  G 1 1 ? -0.885  8.133   -6.114  1.00 11.68 ? 61  DT  G "O4'" 1 
ATOM   755  C  "C3'" . DT  G 1 1 ? -3.099  8.499   -5.323  1.00 11.88 ? 61  DT  G "C3'" 1 
ATOM   756  O  "O3'" . DT  G 1 1 ? -3.135  9.723   -4.605  1.00 10.68 ? 61  DT  G "O3'" 1 
ATOM   757  C  "C2'" . DT  G 1 1 ? -3.006  8.781   -6.818  1.00 12.20 ? 61  DT  G "C2'" 1 
ATOM   758  C  "C1'" . DT  G 1 1 ? -1.526  9.033   -7.011  1.00 12.88 ? 61  DT  G "C1'" 1 
ATOM   759  N  N1    . DT  G 1 1 ? -1.022  8.737   -8.366  1.00 14.14 ? 61  DT  G N1    1 
ATOM   760  C  C2    . DT  G 1 1 ? -0.717  9.783   -9.228  1.00 18.92 ? 61  DT  G C2    1 
ATOM   761  O  O2    . DT  G 1 1 ? -0.852  10.962  -8.915  1.00 20.51 ? 61  DT  G O2    1 
ATOM   762  N  N3    . DT  G 1 1 ? -0.239  9.377   -10.470 1.00 17.81 ? 61  DT  G N3    1 
ATOM   763  C  C4    . DT  G 1 1 ? -0.033  8.059   -10.901 1.00 19.00 ? 61  DT  G C4    1 
ATOM   764  O  O4    . DT  G 1 1 ? 0.491   7.812   -12.017 1.00 21.04 ? 61  DT  G O4    1 
ATOM   765  C  C5    . DT  G 1 1 ? -0.377  7.046   -9.944  1.00 16.23 ? 61  DT  G C5    1 
ATOM   766  C  C7    . DT  G 1 1 ? -0.165  5.612   -10.304 1.00 15.65 ? 61  DT  G C7    1 
ATOM   767  C  C6    . DT  G 1 1 ? -0.854  7.429   -8.754  1.00 15.34 ? 61  DT  G C6    1 
ATOM   768  P  P     . DG  G 1 2 ? -4.521  10.365  -4.196  1.00 12.76 ? 62  DG  G P     1 
ATOM   769  O  OP1   . DG  G 1 2 ? -5.575  10.198  -5.219  1.00 13.92 ? 62  DG  G OP1   1 
ATOM   770  O  OP2   . DG  G 1 2 ? -4.187  11.725  -3.648  1.00 11.58 ? 62  DG  G OP2   1 
ATOM   771  O  "O5'" . DG  G 1 2 ? -4.982  9.468   -2.973  1.00 12.10 ? 62  DG  G "O5'" 1 
ATOM   772  C  "C5'" . DG  G 1 2 ? -4.280  9.568   -1.751  1.00 8.54  ? 62  DG  G "C5'" 1 
ATOM   773  C  "C4'" . DG  G 1 2 ? -4.832  8.561   -0.786  1.00 5.77  ? 62  DG  G "C4'" 1 
ATOM   774  O  "O4'" . DG  G 1 2 ? -4.644  7.192   -1.242  1.00 7.32  ? 62  DG  G "O4'" 1 
ATOM   775  C  "C3'" . DG  G 1 2 ? -4.342  8.614   0.645   1.00 7.28  ? 62  DG  G "C3'" 1 
ATOM   776  O  "O3'" . DG  G 1 2 ? -5.067  9.674   1.301   1.00 7.35  ? 62  DG  G "O3'" 1 
ATOM   777  C  "C2'" . DG  G 1 2 ? -4.792  7.248   1.127   1.00 5.26  ? 62  DG  G "C2'" 1 
ATOM   778  C  "C1'" . DG  G 1 2 ? -4.551  6.368   -0.082  1.00 6.14  ? 62  DG  G "C1'" 1 
ATOM   779  N  N9    . DG  G 1 2 ? -3.249  5.704   -0.110  1.00 5.21  ? 62  DG  G N9    1 
ATOM   780  C  C8    . DG  G 1 2 ? -2.192  5.933   -0.964  1.00 4.26  ? 62  DG  G C8    1 
ATOM   781  N  N7    . DG  G 1 2 ? -1.221  5.072   -0.805  1.00 6.43  ? 62  DG  G N7    1 
ATOM   782  C  C5    . DG  G 1 2 ? -1.665  4.250   0.226   1.00 4.01  ? 62  DG  G C5    1 
ATOM   783  C  C6    . DG  G 1 2 ? -1.072  3.162   0.824   1.00 2.52  ? 62  DG  G C6    1 
ATOM   784  O  O6    . DG  G 1 2 ? 0.030   2.643   0.554   1.00 1.20  ? 62  DG  G O6    1 
ATOM   785  N  N1    . DG  G 1 2 ? -1.875  2.648   1.874   1.00 1.36  ? 62  DG  G N1    1 
ATOM   786  C  C2    . DG  G 1 2 ? -3.114  3.175   2.252   1.00 4.48  ? 62  DG  G C2    1 
ATOM   787  N  N2    . DG  G 1 2 ? -3.791  2.603   3.275   1.00 4.37  ? 62  DG  G N2    1 
ATOM   788  N  N3    . DG  G 1 2 ? -3.655  4.171   1.677   1.00 3.27  ? 62  DG  G N3    1 
ATOM   789  C  C4    . DG  G 1 2 ? -2.901  4.666   0.684   1.00 4.79  ? 62  DG  G C4    1 
ATOM   790  P  P     . DG  G 1 3 ? -4.407  10.473  2.541   1.00 10.72 ? 63  DG  G P     1 
ATOM   791  O  OP1   . DG  G 1 3 ? -5.300  11.660  2.712   1.00 9.22  ? 63  DG  G OP1   1 
ATOM   792  O  OP2   . DG  G 1 3 ? -2.960  10.655  2.409   1.00 8.91  ? 63  DG  G OP2   1 
ATOM   793  O  "O5'" . DG  G 1 3 ? -4.613  9.482   3.765   1.00 7.55  ? 63  DG  G "O5'" 1 
ATOM   794  C  "C5'" . DG  G 1 3 ? -5.913  9.084   4.155   1.00 10.25 ? 63  DG  G "C5'" 1 
ATOM   795  C  "C4'" . DG  G 1 3 ? -5.827  8.060   5.256   1.00 7.20  ? 63  DG  G "C4'" 1 
ATOM   796  O  "O4'" . DG  G 1 3 ? -5.046  6.920   4.788   1.00 7.14  ? 63  DG  G "O4'" 1 
ATOM   797  C  "C3'" . DG  G 1 3 ? -5.106  8.600   6.496   1.00 7.56  ? 63  DG  G "C3'" 1 
ATOM   798  O  "O3'" . DG  G 1 3 ? -5.708  8.104   7.673   1.00 11.56 ? 63  DG  G "O3'" 1 
ATOM   799  C  "C2'" . DG  G 1 3 ? -3.707  8.005   6.371   1.00 8.08  ? 63  DG  G "C2'" 1 
ATOM   800  C  "C1'" . DG  G 1 3 ? -3.969  6.680   5.672   1.00 5.67  ? 63  DG  G "C1'" 1 
ATOM   801  N  N9    . DG  G 1 3 ? -2.839  6.216   4.873   1.00 4.57  ? 63  DG  G N9    1 
ATOM   802  C  C8    . DG  G 1 3 ? -2.275  6.864   3.788   1.00 2.83  ? 63  DG  G C8    1 
ATOM   803  N  N7    . DG  G 1 3 ? -1.210  6.279   3.346   1.00 4.24  ? 63  DG  G N7    1 
ATOM   804  C  C5    . DG  G 1 3 ? -1.101  5.130   4.140   1.00 4.55  ? 63  DG  G C5    1 
ATOM   805  C  C6    . DG  G 1 3 ? -0.127  4.089   4.129   1.00 5.38  ? 63  DG  G C6    1 
ATOM   806  O  O6    . DG  G 1 3 ? 0.822   3.943   3.362   1.00 4.10  ? 63  DG  G O6    1 
ATOM   807  N  N1    . DG  G 1 3 ? -0.345  3.165   5.154   1.00 3.85  ? 63  DG  G N1    1 
ATOM   808  C  C2    . DG  G 1 3 ? -1.358  3.236   6.064   1.00 2.95  ? 63  DG  G C2    1 
ATOM   809  N  N2    . DG  G 1 3 ? -1.351  2.303   7.055   1.00 4.71  ? 63  DG  G N2    1 
ATOM   810  N  N3    . DG  G 1 3 ? -2.312  4.165   6.045   1.00 4.31  ? 63  DG  G N3    1 
ATOM   811  C  C4    . DG  G 1 3 ? -2.102  5.086   5.078   1.00 4.95  ? 63  DG  G C4    1 
ATOM   812  P  P     . DG  G 1 4 ? -5.210  8.638   9.122   1.00 14.56 ? 64  DG  G P     1 
ATOM   813  O  OP1   . DG  G 1 4 ? -6.430  8.843   9.921   1.00 16.26 ? 64  DG  G OP1   1 
ATOM   814  O  OP2   . DG  G 1 4 ? -4.252  9.728   8.894   1.00 14.73 ? 64  DG  G OP2   1 
ATOM   815  O  "O5'" . DG  G 1 4 ? -4.401  7.389   9.682   1.00 12.60 ? 64  DG  G "O5'" 1 
ATOM   816  C  "C5'" . DG  G 1 4 ? -5.046  6.182   9.995   1.00 10.80 ? 64  DG  G "C5'" 1 
ATOM   817  C  "C4'" . DG  G 1 4 ? -4.207  5.415   10.979  1.00 9.52  ? 64  DG  G "C4'" 1 
ATOM   818  O  "O4'" . DG  G 1 4 ? -3.076  4.886   10.253  1.00 7.11  ? 64  DG  G "O4'" 1 
ATOM   819  C  "C3'" . DG  G 1 4 ? -3.605  6.257   12.116  1.00 9.94  ? 64  DG  G "C3'" 1 
ATOM   820  O  "O3'" . DG  G 1 4 ? -3.490  5.439   13.277  1.00 9.86  ? 64  DG  G "O3'" 1 
ATOM   821  C  "C2'" . DG  G 1 4 ? -2.241  6.649   11.567  1.00 9.26  ? 64  DG  G "C2'" 1 
ATOM   822  C  "C1'" . DG  G 1 4 ? -1.856  5.404   10.785  1.00 8.31  ? 64  DG  G "C1'" 1 
ATOM   823  N  N9    . DG  G 1 4 ? -1.015  5.665   9.633   1.00 4.39  ? 64  DG  G N9    1 
ATOM   824  C  C8    . DG  G 1 4 ? -1.189  6.614   8.689   1.00 5.48  ? 64  DG  G C8    1 
ATOM   825  N  N7    . DG  G 1 4 ? -0.334  6.526   7.702   1.00 6.26  ? 64  DG  G N7    1 
ATOM   826  C  C5    . DG  G 1 4 ? 0.474   5.455   8.044   1.00 5.36  ? 64  DG  G C5    1 
ATOM   827  C  C6    . DG  G 1 4 ? 1.592   4.900   7.374   1.00 5.52  ? 64  DG  G C6    1 
ATOM   828  O  O6    . DG  G 1 4 ? 2.110   5.260   6.314   1.00 5.16  ? 64  DG  G O6    1 
ATOM   829  N  N1    . DG  G 1 4 ? 2.121   3.850   8.086   1.00 4.69  ? 64  DG  G N1    1 
ATOM   830  C  C2    . DG  G 1 4 ? 1.659   3.409   9.308   1.00 5.04  ? 64  DG  G C2    1 
ATOM   831  N  N2    . DG  G 1 4 ? 2.348   2.403   9.880   1.00 4.84  ? 64  DG  G N2    1 
ATOM   832  N  N3    . DG  G 1 4 ? 0.624   3.932   9.937   1.00 5.62  ? 64  DG  G N3    1 
ATOM   833  C  C4    . DG  G 1 4 ? 0.090   4.934   9.255   1.00 3.85  ? 64  DG  G C4    1 
ATOM   834  P  P     . DG  G 1 5 ? -3.021  6.065   14.684  1.00 12.75 ? 65  DG  G P     1 
ATOM   835  O  OP1   . DG  G 1 5 ? -3.776  5.320   15.691  1.00 15.37 ? 65  DG  G OP1   1 
ATOM   836  O  OP2   . DG  G 1 5 ? -3.001  7.521   14.707  1.00 12.03 ? 65  DG  G OP2   1 
ATOM   837  O  "O5'" . DG  G 1 5 ? -1.518  5.574   14.814  1.00 10.27 ? 65  DG  G "O5'" 1 
ATOM   838  C  "C5'" . DG  G 1 5 ? -1.252  4.200   14.972  1.00 12.10 ? 65  DG  G "C5'" 1 
ATOM   839  C  "C4'" . DG  G 1 5 ? 0.227   3.993   15.165  1.00 9.96  ? 65  DG  G "C4'" 1 
ATOM   840  O  "O4'" . DG  G 1 5 ? 0.856   4.121   13.867  1.00 11.34 ? 65  DG  G "O4'" 1 
ATOM   841  C  "C3'" . DG  G 1 5 ? 0.874   5.053   16.047  1.00 10.06 ? 65  DG  G "C3'" 1 
ATOM   842  O  "O3'" . DG  G 1 5 ? 1.769   4.384   16.926  1.00 11.60 ? 65  DG  G "O3'" 1 
ATOM   843  C  "C2'" . DG  G 1 5 ? 1.649   5.924   15.063  1.00 7.95  ? 65  DG  G "C2'" 1 
ATOM   844  C  "C1'" . DG  G 1 5 ? 2.006   4.914   14.003  1.00 8.45  ? 65  DG  G "C1'" 1 
ATOM   845  N  N9    . DG  G 1 5 ? 2.296   5.521   12.705  1.00 5.01  ? 65  DG  G N9    1 
ATOM   846  C  C8    . DG  G 1 5 ? 1.582   6.525   12.098  1.00 6.32  ? 65  DG  G C8    1 
ATOM   847  N  N7    . DG  G 1 5 ? 2.113   6.906   10.964  1.00 5.44  ? 65  DG  G N7    1 
ATOM   848  C  C5    . DG  G 1 5 ? 3.213   6.091   10.806  1.00 5.32  ? 65  DG  G C5    1 
ATOM   849  C  C6    . DG  G 1 5 ? 4.130   6.041   9.782   1.00 5.86  ? 65  DG  G C6    1 
ATOM   850  O  O6    . DG  G 1 5 ? 4.154   6.728   8.720   1.00 7.68  ? 65  DG  G O6    1 
ATOM   851  N  N1    . DG  G 1 5 ? 5.121   5.094   10.034  1.00 6.32  ? 65  DG  G N1    1 
ATOM   852  C  C2    . DG  G 1 5 ? 5.165   4.278   11.143  1.00 6.61  ? 65  DG  G C2    1 
ATOM   853  N  N2    . DG  G 1 5 ? 6.221   3.428   11.254  1.00 6.81  ? 65  DG  G N2    1 
ATOM   854  N  N3    . DG  G 1 5 ? 4.274   4.287   12.077  1.00 3.83  ? 65  DG  G N3    1 
ATOM   855  C  C4    . DG  G 1 5 ? 3.334   5.221   11.870  1.00 6.16  ? 65  DG  G C4    1 
ATOM   856  P  P     . DT  G 1 6 ? 1.515   4.474   18.510  1.00 14.01 ? 66  DT  G P     1 
ATOM   857  O  OP1   . DT  G 1 6 ? 0.252   3.838   18.811  1.00 15.62 ? 66  DT  G OP1   1 
ATOM   858  O  OP2   . DT  G 1 6 ? 1.721   5.879   18.857  1.00 16.61 ? 66  DT  G OP2   1 
ATOM   859  O  "O5'" . DT  G 1 6 ? 2.738   3.612   19.016  1.00 13.11 ? 66  DT  G "O5'" 1 
ATOM   860  C  "C5'" . DT  G 1 6 ? 2.650   2.214   19.085  1.00 11.50 ? 66  DT  G "C5'" 1 
ATOM   861  C  "C4'" . DT  G 1 6 ? 3.784   1.667   19.914  1.00 10.73 ? 66  DT  G "C4'" 1 
ATOM   862  O  "O4'" . DT  G 1 6 ? 3.629   2.119   21.283  1.00 9.16  ? 66  DT  G "O4'" 1 
ATOM   863  C  "C3'" . DT  G 1 6 ? 3.779   0.151   19.993  1.00 11.51 ? 66  DT  G "C3'" 1 
ATOM   864  O  "O3'" . DT  G 1 6 ? 5.171   -0.203  20.191  1.00 10.74 ? 66  DT  G "O3'" 1 
ATOM   865  C  "C2'" . DT  G 1 6 ? 2.839   -0.078  21.155  1.00 10.27 ? 66  DT  G "C2'" 1 
ATOM   866  C  "C1'" . DT  G 1 6 ? 3.264   1.020   22.110  1.00 8.65  ? 66  DT  G "C1'" 1 
ATOM   867  N  N1    . DT  G 1 6 ? 2.182   1.460   22.998  1.00 6.92  ? 66  DT  G N1    1 
ATOM   868  C  C2    . DT  G 1 6 ? 2.172   0.953   24.282  1.00 7.08  ? 66  DT  G C2    1 
ATOM   869  O  O2    . DT  G 1 6 ? 3.021   0.223   24.687  1.00 6.89  ? 66  DT  G O2    1 
ATOM   870  N  N3    . DT  G 1 6 ? 1.131   1.352   25.045  1.00 3.89  ? 66  DT  G N3    1 
ATOM   871  C  C4    . DT  G 1 6 ? 0.107   2.194   24.678  1.00 5.60  ? 66  DT  G C4    1 
ATOM   872  O  O4    . DT  G 1 6 ? -0.821  2.380   25.438  1.00 6.66  ? 66  DT  G O4    1 
ATOM   873  C  C5    . DT  G 1 6 ? 0.182   2.729   23.329  1.00 6.83  ? 66  DT  G C5    1 
ATOM   874  C  C7    . DT  G 1 6 ? -0.885  3.673   22.876  1.00 8.39  ? 66  DT  G C7    1 
ATOM   875  C  C6    . DT  G 1 6 ? 1.210   2.336   22.560  1.00 7.97  ? 66  DT  G C6    1 
ATOM   876  O  "O5'" . DT  H 1 1 ? 7.062   -2.388  -5.514  1.00 8.80  ? 71  DT  H "O5'" 1 
ATOM   877  C  "C5'" . DT  H 1 1 ? 7.428   -1.438  -4.514  1.00 10.19 ? 71  DT  H "C5'" 1 
ATOM   878  C  "C4'" . DT  H 1 1 ? 8.843   -0.947  -4.709  1.00 8.32  ? 71  DT  H "C4'" 1 
ATOM   879  O  "O4'" . DT  H 1 1 ? 9.802   -1.951  -4.324  1.00 10.42 ? 71  DT  H "O4'" 1 
ATOM   880  C  "C3'" . DT  H 1 1 ? 9.234   -0.534  -6.127  1.00 8.33  ? 71  DT  H "C3'" 1 
ATOM   881  O  "O3'" . DT  H 1 1 ? 10.156  0.544   -5.988  1.00 9.17  ? 71  DT  H "O3'" 1 
ATOM   882  C  "C2'" . DT  H 1 1 ? 9.973   -1.751  -6.667  1.00 6.94  ? 71  DT  H "C2'" 1 
ATOM   883  C  "C1'" . DT  H 1 1 ? 10.640  -2.296  -5.411  1.00 9.27  ? 71  DT  H "C1'" 1 
ATOM   884  N  N1    . DT  H 1 1 ? 10.848  -3.764  -5.362  1.00 7.46  ? 71  DT  H N1    1 
ATOM   885  C  C2    . DT  H 1 1 ? 12.152  -4.205  -5.323  1.00 11.27 ? 71  DT  H C2    1 
ATOM   886  O  O2    . DT  H 1 1 ? 13.101  -3.422  -5.324  1.00 10.66 ? 71  DT  H O2    1 
ATOM   887  N  N3    . DT  H 1 1 ? 12.282  -5.577  -5.262  1.00 10.55 ? 71  DT  H N3    1 
ATOM   888  C  C4    . DT  H 1 1 ? 11.252  -6.520  -5.236  1.00 11.34 ? 71  DT  H C4    1 
ATOM   889  O  O4    . DT  H 1 1 ? 11.504  -7.727  -5.212  1.00 12.38 ? 71  DT  H O4    1 
ATOM   890  C  C5    . DT  H 1 1 ? 9.925   -5.979  -5.267  1.00 9.89  ? 71  DT  H C5    1 
ATOM   891  C  C7    . DT  H 1 1 ? 8.758   -6.905  -5.156  1.00 10.38 ? 71  DT  H C7    1 
ATOM   892  C  C6    . DT  H 1 1 ? 9.795   -4.650  -5.338  1.00 8.27  ? 71  DT  H C6    1 
ATOM   893  P  P     . DG  H 1 2 ? 10.254  1.649   -7.111  1.00 11.80 ? 72  DG  H P     1 
ATOM   894  O  OP1   . DG  H 1 2 ? 10.200  1.086   -8.503  1.00 13.01 ? 72  DG  H OP1   1 
ATOM   895  O  OP2   . DG  H 1 2 ? 11.373  2.484   -6.692  1.00 13.20 ? 72  DG  H OP2   1 
ATOM   896  O  "O5'" . DG  H 1 2 ? 8.912   2.477   -6.919  1.00 10.35 ? 72  DG  H "O5'" 1 
ATOM   897  C  "C5'" . DG  H 1 2 ? 8.729   3.308   -5.801  1.00 9.49  ? 72  DG  H "C5'" 1 
ATOM   898  C  "C4'" . DG  H 1 2 ? 7.394   4.003   -5.901  1.00 8.34  ? 72  DG  H "C4'" 1 
ATOM   899  O  "O4'" . DG  H 1 2 ? 6.355   3.032   -5.666  1.00 6.00  ? 72  DG  H "O4'" 1 
ATOM   900  C  "C3'" . DG  H 1 2 ? 7.193   5.047   -4.803  1.00 8.42  ? 72  DG  H "C3'" 1 
ATOM   901  O  "O3'" . DG  H 1 2 ? 7.800   6.266   -5.273  1.00 10.36 ? 72  DG  H "O3'" 1 
ATOM   902  C  "C2'" . DG  H 1 2 ? 5.676   5.144   -4.781  1.00 8.14  ? 72  DG  H "C2'" 1 
ATOM   903  C  "C1'" . DG  H 1 2 ? 5.252   3.692   -5.074  1.00 6.54  ? 72  DG  H "C1'" 1 
ATOM   904  N  N9    . DG  H 1 2 ? 4.916   2.931   -3.873  1.00 6.57  ? 72  DG  H N9    1 
ATOM   905  C  C8    . DG  H 1 2 ? 5.586   1.865   -3.301  1.00 6.77  ? 72  DG  H C8    1 
ATOM   906  N  N7    . DG  H 1 2 ? 4.970   1.389   -2.236  1.00 6.25  ? 72  DG  H N7    1 
ATOM   907  C  C5    . DG  H 1 2 ? 3.851   2.199   -2.121  1.00 5.12  ? 72  DG  H C5    1 
ATOM   908  C  C6    . DG  H 1 2 ? 2.838   2.179   -1.195  1.00 4.34  ? 72  DG  H C6    1 
ATOM   909  O  O6    . DG  H 1 2 ? 2.706   1.407   -0.206  1.00 3.30  ? 72  DG  H O6    1 
ATOM   910  N  N1    . DG  H 1 2 ? 1.901   3.174   -1.442  1.00 2.53  ? 72  DG  H N1    1 
ATOM   911  C  C2    . DG  H 1 2 ? 2.005   4.110   -2.472  1.00 5.80  ? 72  DG  H C2    1 
ATOM   912  N  N2    . DG  H 1 2 ? 1.047   5.007   -2.581  1.00 3.40  ? 72  DG  H N2    1 
ATOM   913  N  N3    . DG  H 1 2 ? 2.983   4.136   -3.328  1.00 3.99  ? 72  DG  H N3    1 
ATOM   914  C  C4    . DG  H 1 2 ? 3.848   3.171   -3.114  1.00 4.35  ? 72  DG  H C4    1 
ATOM   915  P  P     . DG  H 1 3 ? 8.328   7.363   -4.243  1.00 10.73 ? 73  DG  H P     1 
ATOM   916  O  OP1   . DG  H 1 3 ? 9.140   8.230   -5.161  1.00 13.37 ? 73  DG  H OP1   1 
ATOM   917  O  OP2   . DG  H 1 3 ? 8.943   6.807   -3.041  1.00 9.86  ? 73  DG  H OP2   1 
ATOM   918  O  "O5'" . DG  H 1 3 ? 7.019   8.169   -3.805  1.00 8.67  ? 73  DG  H "O5'" 1 
ATOM   919  C  "C5'" . DG  H 1 3 ? 6.306   8.943   -4.756  1.00 9.33  ? 73  DG  H "C5'" 1 
ATOM   920  C  "C4'" . DG  H 1 3 ? 5.107   9.569   -4.103  1.00 8.64  ? 73  DG  H "C4'" 1 
ATOM   921  O  "O4'" . DG  H 1 3 ? 4.316   8.523   -3.500  1.00 7.82  ? 73  DG  H "O4'" 1 
ATOM   922  C  "C3'" . DG  H 1 3 ? 5.496   10.530  -2.987  1.00 9.79  ? 73  DG  H "C3'" 1 
ATOM   923  O  "O3'" . DG  H 1 3 ? 4.611   11.651  -3.006  1.00 11.78 ? 73  DG  H "O3'" 1 
ATOM   924  C  "C2'" . DG  H 1 3 ? 5.321   9.705   -1.724  1.00 7.33  ? 73  DG  H "C2'" 1 
ATOM   925  C  "C1'" . DG  H 1 3 ? 4.145   8.786   -2.098  1.00 7.62  ? 73  DG  H "C1'" 1 
ATOM   926  N  N9    . DG  H 1 3 ? 4.161   7.515   -1.377  1.00 5.34  ? 73  DG  H N9    1 
ATOM   927  C  C8    . DG  H 1 3 ? 5.161   6.605   -1.392  1.00 6.30  ? 73  DG  H C8    1 
ATOM   928  N  N7    . DG  H 1 3 ? 4.956   5.602   -0.572  1.00 4.68  ? 73  DG  H N7    1 
ATOM   929  C  C5    . DG  H 1 3 ? 3.740   5.862   0.010   1.00 5.29  ? 73  DG  H C5    1 
ATOM   930  C  C6    . DG  H 1 3 ? 3.023   5.123   1.005   1.00 6.01  ? 73  DG  H C6    1 
ATOM   931  O  O6    . DG  H 1 3 ? 3.304   4.048   1.515   1.00 6.32  ? 73  DG  H O6    1 
ATOM   932  N  N1    . DG  H 1 3 ? 1.842   5.766   1.366   1.00 3.79  ? 73  DG  H N1    1 
ATOM   933  C  C2    . DG  H 1 3 ? 1.393   6.913   0.812   1.00 4.86  ? 73  DG  H C2    1 
ATOM   934  N  N2    . DG  H 1 3 ? 0.254   7.361   1.326   1.00 4.55  ? 73  DG  H N2    1 
ATOM   935  N  N3    . DG  H 1 3 ? 2.022   7.589   -0.152  1.00 2.77  ? 73  DG  H N3    1 
ATOM   936  C  C4    . DG  H 1 3 ? 3.203   7.017   -0.478  1.00 3.59  ? 73  DG  H C4    1 
ATOM   937  P  P     . DG  H 1 4 ? 4.755   12.786  -1.864  1.00 13.28 ? 74  DG  H P     1 
ATOM   938  O  OP1   . DG  H 1 4 ? 4.414   14.006  -2.563  1.00 15.02 ? 74  DG  H OP1   1 
ATOM   939  O  OP2   . DG  H 1 4 ? 6.005   12.717  -1.083  1.00 13.71 ? 74  DG  H OP2   1 
ATOM   940  O  "O5'" . DG  H 1 4 ? 3.508   12.469  -0.916  1.00 11.79 ? 74  DG  H "O5'" 1 
ATOM   941  C  "C5'" . DG  H 1 4 ? 2.186   12.473  -1.431  1.00 12.77 ? 74  DG  H "C5'" 1 
ATOM   942  C  "C4'" . DG  H 1 4 ? 1.203   12.749  -0.318  1.00 12.84 ? 74  DG  H "C4'" 1 
ATOM   943  O  "O4'" . DG  H 1 4 ? 1.130   11.592  0.545   1.00 10.30 ? 74  DG  H "O4'" 1 
ATOM   944  C  "C3'" . DG  H 1 4 ? 1.616   13.921  0.573   1.00 12.80 ? 74  DG  H "C3'" 1 
ATOM   945  O  "O3'" . DG  H 1 4 ? 0.432   14.597  0.957   1.00 15.58 ? 74  DG  H "O3'" 1 
ATOM   946  C  "C2'" . DG  H 1 4 ? 2.313   13.243  1.748   1.00 11.13 ? 74  DG  H "C2'" 1 
ATOM   947  C  "C1'" . DG  H 1 4 ? 1.606   11.882  1.865   1.00 9.26  ? 74  DG  H "C1'" 1 
ATOM   948  N  N9    . DG  H 1 4 ? 2.409   10.730  2.301   1.00 6.60  ? 74  DG  H N9    1 
ATOM   949  C  C8    . DG  H 1 4 ? 3.611   10.346  1.776   1.00 7.51  ? 74  DG  H C8    1 
ATOM   950  N  N7    . DG  H 1 4 ? 4.035   9.213   2.237   1.00 6.62  ? 74  DG  H N7    1 
ATOM   951  C  C5    . DG  H 1 4 ? 3.067   8.813   3.133   1.00 8.35  ? 74  DG  H C5    1 
ATOM   952  C  C6    . DG  H 1 4 ? 2.980   7.622   3.942   1.00 5.13  ? 74  DG  H C6    1 
ATOM   953  O  O6    . DG  H 1 4 ? 3.765   6.639   3.985   1.00 3.66  ? 74  DG  H O6    1 
ATOM   954  N  N1    . DG  H 1 4 ? 1.854   7.648   4.735   1.00 5.75  ? 74  DG  H N1    1 
ATOM   955  C  C2    . DG  H 1 4 ? 0.919   8.661   4.757   1.00 6.37  ? 74  DG  H C2    1 
ATOM   956  N  N2    . DG  H 1 4 ? -0.069  8.548   5.637   1.00 6.80  ? 74  DG  H N2    1 
ATOM   957  N  N3    . DG  H 1 4 ? 0.964   9.739   3.985   1.00 6.53  ? 74  DG  H N3    1 
ATOM   958  C  C4    . DG  H 1 4 ? 2.067   9.759   3.217   1.00 6.79  ? 74  DG  H C4    1 
ATOM   959  P  P     . DG  H 1 5 ? 0.520   15.898  1.897   1.00 14.78 ? 75  DG  H P     1 
ATOM   960  O  OP1   . DG  H 1 5 ? -0.676  16.714  1.519   1.00 15.45 ? 75  DG  H OP1   1 
ATOM   961  O  OP2   . DG  H 1 5 ? 1.878   16.530  1.937   1.00 14.01 ? 75  DG  H OP2   1 
ATOM   962  O  "O5'" . DG  H 1 5 ? 0.233   15.291  3.350   1.00 14.10 ? 75  DG  H "O5'" 1 
ATOM   963  C  "C5'" . DG  H 1 5 ? -1.030  14.690  3.686   1.00 11.17 ? 75  DG  H "C5'" 1 
ATOM   964  C  "C4'" . DG  H 1 5 ? -1.029  14.310  5.158   1.00 8.87  ? 75  DG  H "C4'" 1 
ATOM   965  O  "O4'" . DG  H 1 5 ? -0.172  13.149  5.353   1.00 8.05  ? 75  DG  H "O4'" 1 
ATOM   966  C  "C3'" . DG  H 1 5 ? -0.414  15.416  6.024   1.00 10.16 ? 75  DG  H "C3'" 1 
ATOM   967  O  "O3'" . DG  H 1 5 ? -1.164  15.539  7.225   1.00 12.32 ? 75  DG  H "O3'" 1 
ATOM   968  C  "C2'" . DG  H 1 5 ? 0.982   14.893  6.353   1.00 7.91  ? 75  DG  H "C2'" 1 
ATOM   969  C  "C1'" . DG  H 1 5 ? 0.698   13.392  6.447   1.00 8.76  ? 75  DG  H "C1'" 1 
ATOM   970  N  N9    . DG  H 1 5 ? 1.856   12.507  6.291   1.00 7.67  ? 75  DG  H N9    1 
ATOM   971  C  C8    . DG  H 1 5 ? 2.922   12.677  5.463   1.00 7.96  ? 75  DG  H C8    1 
ATOM   972  N  N7    . DG  H 1 5 ? 3.781   11.697  5.530   1.00 7.50  ? 75  DG  H N7    1 
ATOM   973  C  C5    . DG  H 1 5 ? 3.236   10.821  6.464   1.00 7.20  ? 75  DG  H C5    1 
ATOM   974  C  C6    . DG  H 1 5 ? 3.703   9.570   6.948   1.00 7.58  ? 75  DG  H C6    1 
ATOM   975  O  O6    . DG  H 1 5 ? 4.696   8.925   6.597   1.00 7.64  ? 75  DG  H O6    1 
ATOM   976  N  N1    . DG  H 1 5 ? 2.867   9.050   7.926   1.00 6.52  ? 75  DG  H N1    1 
ATOM   977  C  C2    . DG  H 1 5 ? 1.707   9.643   8.348   1.00 7.54  ? 75  DG  H C2    1 
ATOM   978  N  N2    . DG  H 1 5 ? 1.031   9.035   9.319   1.00 8.55  ? 75  DG  H N2    1 
ATOM   979  N  N3    . DG  H 1 5 ? 1.242   10.770  7.864   1.00 8.03  ? 75  DG  H N3    1 
ATOM   980  C  C4    . DG  H 1 5 ? 2.058   11.310  6.949   1.00 6.75  ? 75  DG  H C4    1 
ATOM   981  P  P     . DT  H 1 6 ? -1.254  16.968  7.944   1.00 16.98 ? 76  DT  H P     1 
ATOM   982  O  OP1   . DT  H 1 6 ? -2.067  16.752  9.153   1.00 16.65 ? 76  DT  H OP1   1 
ATOM   983  O  OP2   . DT  H 1 6 ? -1.601  18.043  7.000   1.00 14.42 ? 76  DT  H OP2   1 
ATOM   984  O  "O5'" . DT  H 1 6 ? 0.210   17.200  8.518   1.00 15.98 ? 76  DT  H "O5'" 1 
ATOM   985  C  "C5'" . DT  H 1 6 ? 0.596   18.422  9.114   1.00 13.35 ? 76  DT  H "C5'" 1 
ATOM   986  C  "C4'" . DT  H 1 6 ? 1.494   18.121  10.280  1.00 11.33 ? 76  DT  H "C4'" 1 
ATOM   987  O  "O4'" . DT  H 1 6 ? 2.652   17.435  9.779   1.00 10.71 ? 76  DT  H "O4'" 1 
ATOM   988  C  "C3'" . DT  H 1 6 ? 2.094   19.323  10.981  1.00 13.61 ? 76  DT  H "C3'" 1 
ATOM   989  O  "O3'" . DT  H 1 6 ? 1.225   20.205  11.735  1.00 14.40 ? 76  DT  H "O3'" 1 
ATOM   990  C  "C2'" . DT  H 1 6 ? 3.328   18.721  11.637  1.00 12.32 ? 76  DT  H "C2'" 1 
ATOM   991  C  "C1'" . DT  H 1 6 ? 3.582   17.421  10.843  1.00 10.37 ? 76  DT  H "C1'" 1 
ATOM   992  N  N1    . DT  H 1 6 ? 4.912   17.313  10.237  1.00 8.95  ? 76  DT  H N1    1 
ATOM   993  C  C2    . DT  H 1 6 ? 5.673   16.224  10.505  1.00 7.83  ? 76  DT  H C2    1 
ATOM   994  O  O2    . DT  H 1 6 ? 5.290   15.323  11.206  1.00 8.04  ? 76  DT  H O2    1 
ATOM   995  N  N3    . DT  H 1 6 ? 6.902   16.218  9.899   1.00 7.60  ? 76  DT  H N3    1 
ATOM   996  C  C4    . DT  H 1 6 ? 7.414   17.178  9.046   1.00 6.75  ? 76  DT  H C4    1 
ATOM   997  O  O4    . DT  H 1 6 ? 8.519   17.024  8.534   1.00 8.48  ? 76  DT  H O4    1 
ATOM   998  C  C5    . DT  H 1 6 ? 6.555   18.290  8.790   1.00 8.92  ? 76  DT  H C5    1 
ATOM   999  C  C7    . DT  H 1 6 ? 7.043   19.386  7.895   1.00 7.72  ? 76  DT  H C7    1 
ATOM   1000 C  C6    . DT  H 1 6 ? 5.360   18.319  9.395   1.00 9.13  ? 76  DT  H C6    1 
HETATM 1001 NA NA    . NA  I 2 . ? -2.990  -4.353  -4.553  1.00 4.83  ? 7   NA  A NA    1 
HETATM 1002 NA NA    . NA  J 2 . ? -1.222  -2.202  -2.138  1.00 4.13  ? 8   NA  A NA    1 
HETATM 1003 NA NA    . NA  K 2 . ? 0.391   -0.065  0.079   1.00 3.53  ? 9   NA  A NA    1 
HETATM 1004 NA NA    . NA  L 2 . ? -5.247  -7.067  -7.555  1.00 6.67  ? 10  NA  A NA    1 
HETATM 1005 LI LI    . LI  M 3 . ? -9.349  1.670   -4.352  1.00 8.56  ? 8   LI  C LI    1 
HETATM 1006 NA NA    . NA  N 2 . ? 1.997   1.941   2.254   1.00 3.20  ? 3   NA  E NA    1 
HETATM 1007 NA NA    . NA  O 2 . ? 3.596   4.110   4.411   1.00 3.90  ? 4   NA  E NA    1 
HETATM 1008 NA NA    . NA  P 2 . ? 5.831   7.105   7.191   1.00 12.12 ? 6   NA  E NA    1 
HETATM 1009 O  O     . HOH Q 4 . ? -9.849  -19.467 -5.343  1.00 16.50 ? 11  HOH A O     1 
HETATM 1010 O  O     . HOH Q 4 . ? -0.263  -12.151 -1.948  1.00 10.73 ? 12  HOH A O     1 
HETATM 1011 O  O     . HOH Q 4 . ? -3.303  -10.686 -11.060 1.00 7.09  ? 13  HOH A O     1 
HETATM 1012 O  O     . HOH Q 4 . ? -3.279  -12.927 -2.095  1.00 16.47 ? 14  HOH A O     1 
HETATM 1013 O  O     . HOH Q 4 . ? 4.461   -2.043  -13.796 1.00 26.50 ? 15  HOH A O     1 
HETATM 1014 O  O     . HOH Q 4 . ? 2.259   -10.349 -2.877  1.00 22.64 ? 16  HOH A O     1 
HETATM 1015 O  O     . HOH Q 4 . ? 1.017   1.244   -9.539  1.00 20.75 ? 17  HOH A O     1 
HETATM 1016 O  O     . HOH Q 4 . ? -3.047  -17.113 -8.092  1.00 15.63 ? 18  HOH A O     1 
HETATM 1017 O  O     . HOH Q 4 . ? 8.143   -5.193  -12.171 1.00 26.53 ? 19  HOH A O     1 
HETATM 1018 O  O     . HOH Q 4 . ? -6.281  -8.565  -9.144  1.00 6.73  ? 20  HOH A O     1 
HETATM 1019 O  O     . HOH Q 4 . ? -1.887  -15.243 -12.382 1.00 13.73 ? 21  HOH A O     1 
HETATM 1020 O  O     . HOH Q 4 . ? 3.814   -6.925  -11.903 1.00 26.21 ? 22  HOH A O     1 
HETATM 1021 O  O     . HOH Q 4 . ? -0.977  -16.208 -9.800  1.00 20.01 ? 23  HOH A O     1 
HETATM 1022 O  O     . HOH Q 4 . ? 6.065   -13.235 -10.205 1.00 27.07 ? 24  HOH A O     1 
HETATM 1023 O  O     . HOH Q 4 . ? 3.682   0.661   -13.894 1.00 27.65 ? 25  HOH A O     1 
HETATM 1024 O  O     . HOH Q 4 . ? 0.532   -13.587 -9.224  1.00 17.84 ? 26  HOH A O     1 
HETATM 1025 O  O     . HOH Q 4 . ? 3.683   -12.204 -10.739 1.00 29.49 ? 27  HOH A O     1 
HETATM 1026 O  O     . HOH Q 4 . ? 0.021   8.714   -2.171  1.00 8.68  ? 28  HOH A O     1 
HETATM 1027 O  O     . HOH Q 4 . ? -1.540  12.009  -2.755  1.00 21.60 ? 29  HOH A O     1 
HETATM 1028 O  O     . HOH Q 4 . ? 0.820   14.273  -4.795  1.00 25.41 ? 30  HOH A O     1 
HETATM 1029 O  O     . HOH Q 4 . ? -6.229  -13.553 -2.166  1.00 19.32 ? 31  HOH A O     1 
HETATM 1030 O  O     . HOH Q 4 . ? 0.216   15.521  -7.121  1.00 35.41 ? 32  HOH A O     1 
HETATM 1031 O  O     . HOH Q 4 . ? 6.056   -16.337 -8.731  1.00 34.15 ? 33  HOH A O     1 
HETATM 1032 O  O     . HOH Q 4 . ? 8.750   -11.842 -9.954  1.00 24.53 ? 34  HOH A O     1 
HETATM 1033 O  O     . HOH Q 4 . ? 6.904   -4.347  -3.153  1.00 18.14 ? 35  HOH A O     1 
HETATM 1034 O  O     . HOH Q 4 . ? -7.631  -17.005 -1.508  1.00 37.37 ? 36  HOH A O     1 
HETATM 1035 O  O     . HOH Q 4 . ? -7.957  -20.588 -0.948  1.00 42.30 ? 37  HOH A O     1 
HETATM 1036 O  O     . HOH Q 4 . ? -11.798 -19.430 -3.147  1.00 17.89 ? 38  HOH A O     1 
HETATM 1037 O  O     . HOH Q 4 . ? -8.318  -20.888 -3.619  1.00 40.56 ? 39  HOH A O     1 
HETATM 1038 O  O     . HOH Q 4 . ? 0.160   4.163   -7.648  1.00 28.48 ? 40  HOH A O     1 
HETATM 1039 O  O     . HOH Q 4 . ? -2.453  -20.348 -0.303  1.00 39.66 ? 41  HOH A O     1 
HETATM 1040 O  O     . HOH Q 4 . ? 7.485   -0.771  -13.934 1.00 26.73 ? 42  HOH A O     1 
HETATM 1041 O  O     . HOH Q 4 . ? 2.777   1.279   -11.629 1.00 27.31 ? 43  HOH A O     1 
HETATM 1042 O  O     . HOH Q 4 . ? -0.574  -14.257 -15.250 1.00 32.85 ? 44  HOH A O     1 
HETATM 1043 O  O     . HOH Q 4 . ? 0.731   -15.837 -13.093 1.00 36.48 ? 45  HOH A O     1 
HETATM 1044 O  O     . HOH Q 4 . ? 8.914   -2.824  -15.858 1.00 26.75 ? 46  HOH A O     1 
HETATM 1045 O  O     . HOH Q 4 . ? -4.958  -22.236 -1.414  1.00 31.20 ? 47  HOH A O     1 
HETATM 1046 O  O     . HOH R 4 . ? -8.590  1.695   -2.624  1.00 15.16 ? 23  HOH B O     1 
HETATM 1047 O  O     . HOH R 4 . ? 2.529   -4.740  -11.159 1.00 11.62 ? 26  HOH B O     1 
HETATM 1048 O  O     . HOH R 4 . ? -7.231  3.881   -13.106 1.00 22.54 ? 29  HOH B O     1 
HETATM 1049 O  O     . HOH R 4 . ? -4.814  2.630   6.994   1.00 9.76  ? 36  HOH B O     1 
HETATM 1050 O  O     . HOH R 4 . ? -8.776  5.817   10.475  1.00 17.24 ? 47  HOH B O     1 
HETATM 1051 O  O     . HOH R 4 . ? 1.715   -1.650  -10.361 1.00 21.58 ? 49  HOH B O     1 
HETATM 1052 O  O     . HOH R 4 . ? 5.631   -7.953  -14.716 1.00 31.04 ? 61  HOH B O     1 
HETATM 1053 O  O     . HOH R 4 . ? -8.195  1.791   -5.964  1.00 13.86 ? 63  HOH B O     1 
HETATM 1054 O  O     . HOH R 4 . ? -2.504  -0.924  -19.648 1.00 15.88 ? 64  HOH B O     1 
HETATM 1055 O  O     . HOH R 4 . ? -5.097  0.251   -12.519 1.00 14.60 ? 66  HOH B O     1 
HETATM 1056 O  O     . HOH R 4 . ? 3.089   -6.406  -23.780 1.00 17.22 ? 68  HOH B O     1 
HETATM 1057 O  O     . HOH R 4 . ? -6.554  2.579   9.851   1.00 16.03 ? 78  HOH B O     1 
HETATM 1058 O  O     . HOH R 4 . ? -4.136  7.726   -10.834 1.00 28.13 ? 79  HOH B O     1 
HETATM 1059 O  O     . HOH R 4 . ? -7.459  2.512   1.566   1.00 16.24 ? 86  HOH B O     1 
HETATM 1060 O  O     . HOH R 4 . ? -3.933  -7.144  -23.887 1.00 23.33 ? 87  HOH B O     1 
HETATM 1061 O  O     . HOH R 4 . ? -3.189  -9.733  -20.389 1.00 25.18 ? 88  HOH B O     1 
HETATM 1062 O  O     . HOH R 4 . ? -0.991  -11.671 -11.302 1.00 19.99 ? 105 HOH B O     1 
HETATM 1063 O  O     . HOH R 4 . ? -10.410 7.710   11.059  1.00 31.03 ? 106 HOH B O     1 
HETATM 1064 O  O     . HOH R 4 . ? 0.458   -9.543  -13.128 1.00 31.29 ? 108 HOH B O     1 
HETATM 1065 O  O     . HOH R 4 . ? -2.482  7.208   -13.285 1.00 31.33 ? 132 HOH B O     1 
HETATM 1066 O  O     . HOH R 4 . ? -12.677 4.298   -1.753  1.00 30.15 ? 146 HOH B O     1 
HETATM 1067 O  O     . HOH R 4 . ? -4.111  10.209  -10.097 1.00 29.47 ? 152 HOH B O     1 
HETATM 1068 O  O     . HOH R 4 . ? 1.725   -10.289 -10.584 1.00 26.08 ? 155 HOH B O     1 
HETATM 1069 O  O     . HOH R 4 . ? -8.656  9.448   -1.082  1.00 24.93 ? 164 HOH B O     1 
HETATM 1070 O  O     . HOH R 4 . ? -11.029 7.703   -2.683  1.00 29.01 ? 165 HOH B O     1 
HETATM 1071 O  O     . HOH R 4 . ? -7.524  6.235   -14.843 1.00 38.42 ? 167 HOH B O     1 
HETATM 1072 O  O     . HOH R 4 . ? -1.041  3.448   -16.105 1.00 29.21 ? 168 HOH B O     1 
HETATM 1073 O  O     . HOH R 4 . ? 1.126   -5.054  -22.984 1.00 34.48 ? 169 HOH B O     1 
HETATM 1074 O  O     . HOH R 4 . ? 6.206   -5.411  -23.346 1.00 29.72 ? 171 HOH B O     1 
HETATM 1075 O  O     . HOH R 4 . ? -13.292 7.143   -0.986  1.00 40.01 ? 204 HOH B O     1 
HETATM 1076 O  O     . HOH R 4 . ? -6.943  6.503   -11.679 1.00 29.70 ? 211 HOH B O     1 
HETATM 1077 O  O     . HOH R 4 . ? -12.683 6.712   10.173  1.00 34.26 ? 221 HOH B O     1 
HETATM 1078 O  O     . HOH R 4 . ? -14.471 9.390   -2.769  1.00 33.87 ? 224 HOH B O     1 
HETATM 1079 O  O     . HOH S 4 . ? -7.645  1.149   -9.184  1.00 18.60 ? 18  HOH C O     1 
HETATM 1080 O  O     . HOH S 4 . ? -9.869  -6.398  7.915   1.00 30.30 ? 39  HOH C O     1 
HETATM 1081 O  O     . HOH S 4 . ? 4.594   -4.345  7.182   1.00 8.11  ? 43  HOH C O     1 
HETATM 1082 O  O     . HOH S 4 . ? -12.810 -6.815  7.822   1.00 29.97 ? 53  HOH C O     1 
HETATM 1083 O  O     . HOH S 4 . ? -19.129 0.064   0.357   1.00 28.16 ? 59  HOH C O     1 
HETATM 1084 O  O     . HOH S 4 . ? -8.383  -7.978  3.479   1.00 21.67 ? 70  HOH C O     1 
HETATM 1085 O  O     . HOH S 4 . ? -8.193  -8.285  6.830   1.00 24.29 ? 71  HOH C O     1 
HETATM 1086 O  O     . HOH S 4 . ? -12.933 -4.813  -10.820 1.00 31.91 ? 72  HOH C O     1 
HETATM 1087 O  O     . HOH S 4 . ? -13.412 -5.606  -0.436  1.00 42.11 ? 73  HOH C O     1 
HETATM 1088 O  O     . HOH S 4 . ? -10.530 3.296   -4.055  1.00 14.48 ? 85  HOH C O     1 
HETATM 1089 O  O     . HOH S 4 . ? 6.581   -6.315  8.825   1.00 34.46 ? 95  HOH C O     1 
HETATM 1090 O  O     . HOH S 4 . ? -14.571 -4.600  6.882   1.00 38.77 ? 100 HOH C O     1 
HETATM 1091 O  O     . HOH S 4 . ? -5.252  -1.855  -14.212 1.00 12.64 ? 107 HOH C O     1 
HETATM 1092 O  O     . HOH S 4 . ? -14.624 -2.823  -11.993 1.00 31.26 ? 131 HOH C O     1 
HETATM 1093 O  O     . HOH S 4 . ? -11.977 4.682   -5.907  1.00 27.74 ? 133 HOH C O     1 
HETATM 1094 O  O     . HOH S 4 . ? -1.582  -10.173 12.075  1.00 22.10 ? 141 HOH C O     1 
HETATM 1095 O  O     . HOH S 4 . ? -16.955 -3.335  0.098   1.00 33.61 ? 145 HOH C O     1 
HETATM 1096 O  O     . HOH S 4 . ? -16.664 -4.760  -8.134  1.00 34.45 ? 147 HOH C O     1 
HETATM 1097 O  O     . HOH S 4 . ? -1.530  -7.371  4.247   1.00 16.64 ? 172 HOH C O     1 
HETATM 1098 O  O     . HOH S 4 . ? -16.743 2.263   -7.610  1.00 31.12 ? 175 HOH C O     1 
HETATM 1099 O  O     . HOH S 4 . ? -16.192 -0.827  -10.373 1.00 42.29 ? 176 HOH C O     1 
HETATM 1100 O  O     . HOH S 4 . ? -14.889 5.734   -15.881 1.00 21.71 ? 178 HOH C O     1 
HETATM 1101 O  O     . HOH S 4 . ? 5.477   -7.083  12.773  1.00 28.66 ? 202 HOH C O     1 
HETATM 1102 O  O     . HOH S 4 . ? -9.763  1.599   -15.048 1.00 30.18 ? 212 HOH C O     1 
HETATM 1103 O  O     . HOH S 4 . ? -13.821 -3.136  -8.415  1.00 27.30 ? 213 HOH C O     1 
HETATM 1104 O  O     . HOH S 4 . ? -7.557  -1.645  -15.865 1.00 35.09 ? 230 HOH C O     1 
HETATM 1105 O  O     . HOH T 4 . ? 4.621   -8.263  -3.359  1.00 20.72 ? 37  HOH D O     1 
HETATM 1106 O  O     . HOH T 4 . ? -9.929  -18.381 -7.908  1.00 4.32  ? 38  HOH D O     1 
HETATM 1107 O  O     . HOH T 4 . ? 9.026   1.433   -1.961  1.00 9.41  ? 39  HOH D O     1 
HETATM 1108 O  O     . HOH T 4 . ? -5.424  -15.190 -0.334  1.00 19.84 ? 40  HOH D O     1 
HETATM 1109 O  O     . HOH T 4 . ? -7.737  -6.889  1.231   1.00 22.56 ? 41  HOH D O     1 
HETATM 1110 O  O     . HOH T 4 . ? -5.883  -7.535  3.002   1.00 18.51 ? 42  HOH D O     1 
HETATM 1111 O  O     . HOH T 4 . ? -10.041 -6.215  0.053   1.00 17.97 ? 43  HOH D O     1 
HETATM 1112 O  O     . HOH T 4 . ? -12.367 -13.593 -3.439  1.00 22.90 ? 44  HOH D O     1 
HETATM 1113 O  O     . HOH T 4 . ? 15.209  -5.397  -0.665  1.00 35.38 ? 45  HOH D O     1 
HETATM 1114 O  O     . HOH T 4 . ? 0.940   -15.120 1.923   1.00 35.93 ? 46  HOH D O     1 
HETATM 1115 O  O     . HOH T 4 . ? -9.109  -13.415 -2.037  1.00 27.41 ? 47  HOH D O     1 
HETATM 1116 O  O     . HOH T 4 . ? -14.092 -13.479 0.660   1.00 43.38 ? 48  HOH D O     1 
HETATM 1117 O  O     . HOH T 4 . ? 7.907   -10.664 -3.818  1.00 37.71 ? 49  HOH D O     1 
HETATM 1118 O  O     . HOH T 4 . ? -1.739  -14.804 -0.477  1.00 37.82 ? 50  HOH D O     1 
HETATM 1119 O  O     . HOH T 4 . ? 18.397  -3.136  -0.652  1.00 39.66 ? 51  HOH D O     1 
HETATM 1120 O  O     . HOH T 4 . ? -7.848  -15.686 1.044   1.00 35.15 ? 52  HOH D O     1 
HETATM 1121 O  O     . HOH T 4 . ? -15.819 -3.211  -4.190  1.00 38.47 ? 53  HOH D O     1 
HETATM 1122 O  O     . HOH T 4 . ? 17.005  -4.257  -2.994  1.00 28.07 ? 54  HOH D O     1 
HETATM 1123 O  O     . HOH T 4 . ? 14.868  1.266   -2.862  1.00 28.55 ? 55  HOH D O     1 
HETATM 1124 O  O     . HOH T 4 . ? 14.570  -3.561  1.294   1.00 28.96 ? 56  HOH D O     1 
HETATM 1125 O  O     . HOH T 4 . ? 15.812  3.720   -2.212  1.00 37.40 ? 57  HOH D O     1 
HETATM 1126 O  O     . HOH T 4 . ? -16.446 -14.133 2.101   1.00 38.97 ? 58  HOH D O     1 
HETATM 1127 O  O     . HOH T 4 . ? 16.314  -8.054  1.183   1.00 28.80 ? 59  HOH D O     1 
HETATM 1128 O  O     . HOH T 4 . ? 5.059   -14.522 1.610   1.00 20.30 ? 60  HOH D O     1 
HETATM 1129 O  O     . HOH T 4 . ? 4.953   -12.347 3.647   1.00 31.92 ? 61  HOH D O     1 
HETATM 1130 O  O     . HOH T 4 . ? -18.570 -8.932  -2.802  1.00 33.84 ? 62  HOH D O     1 
HETATM 1131 O  O     . HOH T 4 . ? 2.853   -14.611 -1.798  1.00 26.49 ? 63  HOH D O     1 
HETATM 1132 O  O     . HOH T 4 . ? -12.695 -4.674  -4.339  1.00 26.18 ? 64  HOH D O     1 
HETATM 1133 O  O     . HOH T 4 . ? -11.234 -5.251  -2.213  1.00 28.63 ? 65  HOH D O     1 
HETATM 1134 O  O     . HOH T 4 . ? -12.841 -4.932  -6.828  1.00 29.06 ? 66  HOH D O     1 
HETATM 1135 O  O     . HOH U 4 . ? 7.174   -3.104  7.081   1.00 11.45 ? 13  HOH E O     1 
HETATM 1136 O  O     . HOH U 4 . ? 9.313   4.383   -1.793  1.00 9.14  ? 16  HOH E O     1 
HETATM 1137 O  O     . HOH U 4 . ? 10.471  -0.500  6.276   1.00 9.80  ? 24  HOH E O     1 
HETATM 1138 O  O     . HOH U 4 . ? 19.203  13.671  -2.486  1.00 31.73 ? 34  HOH E O     1 
HETATM 1139 O  O     . HOH U 4 . ? 13.401  0.046   5.825   1.00 10.14 ? 54  HOH E O     1 
HETATM 1140 O  O     . HOH U 4 . ? 2.429   -13.435 8.031   1.00 41.85 ? 74  HOH E O     1 
HETATM 1141 O  O     . HOH U 4 . ? 6.086   -10.161 9.873   1.00 22.60 ? 75  HOH E O     1 
HETATM 1142 O  O     . HOH U 4 . ? 9.220   11.117  -2.300  1.00 13.80 ? 76  HOH E O     1 
HETATM 1143 O  O     . HOH U 4 . ? 8.712   18.615  0.635   1.00 19.25 ? 80  HOH E O     1 
HETATM 1144 O  O     . HOH U 4 . ? 13.409  13.824  4.089   1.00 14.51 ? 81  HOH E O     1 
HETATM 1145 O  O     . HOH U 4 . ? 9.929   -9.162  2.611   1.00 43.48 ? 91  HOH E O     1 
HETATM 1146 O  O     . HOH U 4 . ? 5.469   16.241  5.573   1.00 26.47 ? 97  HOH E O     1 
HETATM 1147 O  O     . HOH U 4 . ? 8.087   -11.015 3.252   1.00 32.17 ? 114 HOH E O     1 
HETATM 1148 O  O     . HOH U 4 . ? 5.879   13.947  1.984   1.00 16.53 ? 120 HOH E O     1 
HETATM 1149 O  O     . HOH U 4 . ? 0.574   -13.393 5.371   1.00 31.57 ? 142 HOH E O     1 
HETATM 1150 O  O     . HOH U 4 . ? 9.933   -4.500  8.398   1.00 31.47 ? 143 HOH E O     1 
HETATM 1151 O  O     . HOH U 4 . ? 17.157  3.776   1.479   1.00 33.93 ? 193 HOH E O     1 
HETATM 1152 O  O     . HOH U 4 . ? 15.724  5.603   3.120   1.00 25.64 ? 194 HOH E O     1 
HETATM 1153 O  O     . HOH U 4 . ? 13.686  -3.070  7.033   1.00 23.94 ? 198 HOH E O     1 
HETATM 1154 O  O     . HOH U 4 . ? 16.338  11.063  -0.719  1.00 22.71 ? 205 HOH E O     1 
HETATM 1155 O  O     . HOH U 4 . ? 6.729   18.005  4.077   1.00 25.12 ? 209 HOH E O     1 
HETATM 1156 O  O     . HOH U 4 . ? 14.759  7.424   -3.421  1.00 28.90 ? 216 HOH E O     1 
HETATM 1157 O  O     . HOH U 4 . ? 5.179   -12.258 8.365   1.00 36.02 ? 235 HOH E O     1 
HETATM 1158 O  O     . HOH V 4 . ? -1.732  -2.535  15.243  1.00 36.24 ? 57  HOH F O     1 
HETATM 1159 O  O     . HOH V 4 . ? 0.100   1.902   11.795  1.00 22.40 ? 58  HOH F O     1 
HETATM 1160 O  O     . HOH V 4 . ? -5.207  0.879   13.707  1.00 41.63 ? 59  HOH F O     1 
HETATM 1161 O  O     . HOH V 4 . ? -6.325  -4.464  10.607  1.00 18.79 ? 60  HOH F O     1 
HETATM 1162 O  O     . HOH V 4 . ? 0.614   -3.740  15.354  1.00 24.19 ? 61  HOH F O     1 
HETATM 1163 O  O     . HOH V 4 . ? 11.581  -5.207  10.376  1.00 24.05 ? 62  HOH F O     1 
HETATM 1164 O  O     . HOH V 4 . ? 13.306  4.100   4.739   1.00 21.56 ? 63  HOH F O     1 
HETATM 1165 O  O     . HOH V 4 . ? 14.004  -4.823  9.217   1.00 22.12 ? 64  HOH F O     1 
HETATM 1166 O  O     . HOH V 4 . ? 2.974   -5.619  15.109  1.00 41.55 ? 65  HOH F O     1 
HETATM 1167 O  O     . HOH V 4 . ? -14.593 2.613   -0.695  1.00 26.36 ? 66  HOH F O     1 
HETATM 1168 O  O     . HOH V 4 . ? -13.670 -0.594  3.510   1.00 26.59 ? 67  HOH F O     1 
HETATM 1169 O  O     . HOH V 4 . ? 13.874  9.124   3.800   1.00 19.10 ? 68  HOH F O     1 
HETATM 1170 O  O     . HOH V 4 . ? -10.612 -4.685  11.301  1.00 31.57 ? 69  HOH F O     1 
HETATM 1171 O  O     . HOH V 4 . ? -10.400 2.082   10.438  1.00 31.18 ? 70  HOH F O     1 
HETATM 1172 O  O     . HOH V 4 . ? -8.819  -3.859  9.528   1.00 25.68 ? 71  HOH F O     1 
HETATM 1173 O  O     . HOH V 4 . ? -9.245  0.375   14.628  1.00 43.12 ? 72  HOH F O     1 
HETATM 1174 O  O     . HOH V 4 . ? -12.217 1.936   8.466   1.00 40.18 ? 73  HOH F O     1 
HETATM 1175 O  O     . HOH V 4 . ? -13.088 -0.688  6.356   1.00 43.63 ? 74  HOH F O     1 
HETATM 1176 O  O     . HOH V 4 . ? -15.154 0.951   6.103   1.00 36.36 ? 75  HOH F O     1 
HETATM 1177 O  O     . HOH V 4 . ? 11.518  1.757   5.877   1.00 32.36 ? 76  HOH F O     1 
HETATM 1178 O  O     . HOH V 4 . ? 15.932  -1.201  7.893   1.00 33.96 ? 77  HOH F O     1 
HETATM 1179 O  O     . HOH V 4 . ? 4.483   -6.138  17.462  1.00 24.46 ? 78  HOH F O     1 
HETATM 1180 O  O     . HOH V 4 . ? 12.021  -5.093  14.810  1.00 35.52 ? 79  HOH F O     1 
HETATM 1181 O  O     . HOH V 4 . ? -7.384  -0.848  12.592  1.00 29.32 ? 80  HOH F O     1 
HETATM 1182 O  O     . HOH V 4 . ? -4.331  2.312   11.669  1.00 37.92 ? 81  HOH F O     1 
HETATM 1183 O  O     . HOH V 4 . ? -11.933 -1.674  8.632   1.00 37.11 ? 82  HOH F O     1 
HETATM 1184 O  O     . HOH W 4 . ? 4.017   5.262   21.362  1.00 10.32 ? 67  HOH G O     1 
HETATM 1185 O  O     . HOH W 4 . ? -1.789  10.771  4.870   1.00 13.04 ? 68  HOH G O     1 
HETATM 1186 O  O     . HOH W 4 . ? -1.925  5.140   19.108  1.00 32.00 ? 69  HOH G O     1 
HETATM 1187 O  O     . HOH W 4 . ? 1.379   -0.251  16.570  1.00 32.03 ? 70  HOH G O     1 
HETATM 1188 O  O     . HOH W 4 . ? 0.750   0.804   14.058  1.00 18.99 ? 71  HOH G O     1 
HETATM 1189 O  O     . HOH W 4 . ? -3.142  2.322   9.364   1.00 7.16  ? 72  HOH G O     1 
HETATM 1190 O  O     . HOH W 4 . ? 5.697   11.450  16.733  1.00 38.16 ? 73  HOH G O     1 
HETATM 1191 O  O     . HOH W 4 . ? 3.090   9.080   14.120  1.00 28.54 ? 74  HOH G O     1 
HETATM 1192 O  O     . HOH W 4 . ? -0.178  8.984   13.563  1.00 18.80 ? 75  HOH G O     1 
HETATM 1193 O  O     . HOH W 4 . ? -2.926  12.534  0.074   1.00 31.33 ? 76  HOH G O     1 
HETATM 1194 O  O     . HOH W 4 . ? -6.114  9.949   -8.204  1.00 31.50 ? 77  HOH G O     1 
HETATM 1195 O  O     . HOH W 4 . ? -0.951  1.198   17.166  1.00 31.58 ? 78  HOH G O     1 
HETATM 1196 O  O     . HOH W 4 . ? 2.976   8.185   19.835  1.00 30.73 ? 79  HOH G O     1 
HETATM 1197 O  O     . HOH W 4 . ? -3.725  12.210  6.373   1.00 31.71 ? 80  HOH G O     1 
HETATM 1198 O  O     . HOH W 4 . ? -8.528  9.289   8.999   1.00 24.87 ? 81  HOH G O     1 
HETATM 1199 O  O     . HOH W 4 . ? -10.343 10.351  10.471  1.00 29.78 ? 82  HOH G O     1 
HETATM 1200 O  O     . HOH W 4 . ? -8.016  10.020  -4.407  1.00 29.45 ? 83  HOH G O     1 
HETATM 1201 O  O     . HOH W 4 . ? -9.013  9.429   6.442   1.00 33.18 ? 84  HOH G O     1 
HETATM 1202 O  O     . HOH W 4 . ? -9.576  8.114   -5.511  1.00 32.84 ? 85  HOH G O     1 
HETATM 1203 O  O     . HOH W 4 . ? -6.275  12.597  5.198   1.00 47.86 ? 86  HOH G O     1 
HETATM 1204 O  O     . HOH W 4 . ? -9.801  12.953  8.556   1.00 41.76 ? 87  HOH G O     1 
HETATM 1205 O  O     . HOH W 4 . ? 1.875   8.952   17.122  1.00 34.50 ? 88  HOH G O     1 
HETATM 1206 O  O     . HOH W 4 . ? -3.448  12.932  -8.001  1.00 37.13 ? 89  HOH G O     1 
HETATM 1207 O  O     . HOH W 4 . ? -2.816  5.753   21.579  1.00 31.29 ? 90  HOH G O     1 
HETATM 1208 O  O     . HOH W 4 . ? 4.894   10.057  19.258  1.00 30.44 ? 91  HOH G O     1 
HETATM 1209 O  O     . HOH X 4 . ? 6.384   21.381  4.979   1.00 19.08 ? 12  HOH H O     1 
HETATM 1210 O  O     . HOH X 4 . ? 7.560   10.956  0.340   1.00 10.58 ? 14  HOH H O     1 
HETATM 1211 O  O     . HOH X 4 . ? 6.678   12.519  12.115  1.00 23.97 ? 33  HOH H O     1 
HETATM 1212 O  O     . HOH X 4 . ? 3.032   17.371  -0.780  1.00 37.80 ? 42  HOH H O     1 
HETATM 1213 O  O     . HOH X 4 . ? 8.653   8.184   -0.794  1.00 12.06 ? 44  HOH H O     1 
HETATM 1214 O  O     . HOH X 4 . ? -1.036  9.946   0.326   1.00 13.40 ? 45  HOH H O     1 
HETATM 1215 O  O     . HOH X 4 . ? 7.080   1.892   -12.018 1.00 34.38 ? 48  HOH H O     1 
HETATM 1216 O  O     . HOH X 4 . ? 9.237   2.583   -10.507 1.00 21.28 ? 84  HOH H O     1 
HETATM 1217 O  O     . HOH X 4 . ? -1.151  10.216  10.995  1.00 18.02 ? 94  HOH H O     1 
HETATM 1218 O  O     . HOH X 4 . ? 8.330   14.212  -1.826  1.00 30.81 ? 96  HOH H O     1 
HETATM 1219 O  O     . HOH X 4 . ? 3.415   17.364  6.771   1.00 20.30 ? 99  HOH H O     1 
HETATM 1220 O  O     . HOH X 4 . ? 8.164   5.396   -9.421  1.00 32.97 ? 102 HOH H O     1 
HETATM 1221 O  O     . HOH X 4 . ? 11.579  2.604   -4.067  1.00 16.91 ? 112 HOH H O     1 
HETATM 1222 O  O     . HOH X 4 . ? 3.740   15.490  3.806   1.00 23.88 ? 119 HOH H O     1 
HETATM 1223 O  O     . HOH X 4 . ? 2.401   18.821  3.310   1.00 29.39 ? 121 HOH H O     1 
HETATM 1224 O  O     . HOH X 4 . ? 9.987   10.803  -4.744  1.00 18.74 ? 128 HOH H O     1 
HETATM 1225 O  O     . HOH X 4 . ? 14.883  -6.216  -5.084  1.00 29.57 ? 148 HOH H O     1 
HETATM 1226 O  O     . HOH X 4 . ? 11.986  6.570   -3.497  1.00 28.45 ? 183 HOH H O     1 
HETATM 1227 O  O     . HOH X 4 . ? -2.368  15.526  -0.119  1.00 29.23 ? 184 HOH H O     1 
HETATM 1228 O  O     . HOH X 4 . ? 3.482   20.375  1.221   1.00 29.94 ? 185 HOH H O     1 
HETATM 1229 O  O     . HOH X 4 . ? -2.866  13.465  9.778   1.00 32.37 ? 186 HOH H O     1 
HETATM 1230 O  O     . HOH X 4 . ? 2.860   20.123  7.028   1.00 31.55 ? 188 HOH H O     1 
HETATM 1231 O  O     . HOH X 4 . ? 12.735  -9.362  -2.879  1.00 29.42 ? 214 HOH H O     1 
HETATM 1232 O  O     . HOH X 4 . ? 6.125   20.159  0.905   1.00 38.29 ? 219 HOH H O     1 
HETATM 1233 O  O     . HOH X 4 . ? -5.048  15.668  11.540  1.00 35.25 ? 231 HOH H O     1 
HETATM 1234 O  O     . HOH X 4 . ? -2.186  16.792  11.533  1.00 24.76 ? 232 HOH H O     1 
HETATM 1235 O  O     . HOH X 4 . ? -4.498  17.941  9.478   1.00 34.45 ? 233 HOH H O     1 
HETATM 1236 O  O     . HOH X 4 . ? 5.291   22.582  2.844   1.00 35.89 ? 236 HOH H O     1 
# 
loop_
_pdbx_poly_seq_scheme.asym_id 
_pdbx_poly_seq_scheme.entity_id 
_pdbx_poly_seq_scheme.seq_id 
_pdbx_poly_seq_scheme.mon_id 
_pdbx_poly_seq_scheme.ndb_seq_num 
_pdbx_poly_seq_scheme.pdb_seq_num 
_pdbx_poly_seq_scheme.auth_seq_num 
_pdbx_poly_seq_scheme.pdb_mon_id 
_pdbx_poly_seq_scheme.auth_mon_id 
_pdbx_poly_seq_scheme.pdb_strand_id 
_pdbx_poly_seq_scheme.pdb_ins_code 
_pdbx_poly_seq_scheme.hetero 
A 1 1 DT 1 1  1  DT T A . n 
A 1 2 DG 2 2  2  DG G A . n 
A 1 3 DG 3 3  3  DG G A . n 
A 1 4 DG 4 4  4  DG G A . n 
A 1 5 DG 5 5  5  DG G A . n 
A 1 6 DT 6 6  6  DT T A . n 
B 1 1 DT 1 11 11 DT T B . n 
B 1 2 DG 2 12 12 DG G B . n 
B 1 3 DG 3 13 13 DG G B . n 
B 1 4 DG 4 14 14 DG G B . n 
B 1 5 DG 5 15 15 DG G B . n 
B 1 6 DT 6 16 16 DT T B . n 
C 1 1 DT 1 21 21 DT T C . n 
C 1 2 DG 2 22 22 DG G C . n 
C 1 3 DG 3 23 23 DG G C . n 
C 1 4 DG 4 24 24 DG G C . n 
C 1 5 DG 5 25 25 DG G C . n 
C 1 6 DT 6 26 26 DT T C . n 
D 1 1 DT 1 31 31 DT T D . n 
D 1 2 DG 2 32 32 DG G D . n 
D 1 3 DG 3 33 33 DG G D . n 
D 1 4 DG 4 34 34 DG G D . n 
D 1 5 DG 5 35 35 DG G D . n 
D 1 6 DT 6 36 36 DT T D . n 
E 1 1 DT 1 41 41 DT T E . n 
E 1 2 DG 2 42 42 DG G E . n 
E 1 3 DG 3 43 43 DG G E . n 
E 1 4 DG 4 44 44 DG G E . n 
E 1 5 DG 5 45 45 DG G E . n 
E 1 6 DT 6 46 46 DT T E . n 
F 1 1 DT 1 51 51 DT T F . n 
F 1 2 DG 2 52 52 DG G F . n 
F 1 3 DG 3 53 53 DG G F . n 
F 1 4 DG 4 54 54 DG G F . n 
F 1 5 DG 5 55 55 DG G F . n 
F 1 6 DT 6 56 56 DT T F . n 
G 1 1 DT 1 61 61 DT T G . n 
G 1 2 DG 2 62 62 DG G G . n 
G 1 3 DG 3 63 63 DG G G . n 
G 1 4 DG 4 64 64 DG G G . n 
G 1 5 DG 5 65 65 DG G G . n 
G 1 6 DT 6 66 66 DT T G . n 
H 1 1 DT 1 71 71 DT T H . n 
H 1 2 DG 2 72 72 DG G H . n 
H 1 3 DG 3 73 73 DG G H . n 
H 1 4 DG 4 74 74 DG G H . n 
H 1 5 DG 5 75 75 DG G H . n 
H 1 6 DT 6 76 76 DT T H . n 
# 
loop_
_pdbx_nonpoly_scheme.asym_id 
_pdbx_nonpoly_scheme.entity_id 
_pdbx_nonpoly_scheme.mon_id 
_pdbx_nonpoly_scheme.ndb_seq_num 
_pdbx_nonpoly_scheme.pdb_seq_num 
_pdbx_nonpoly_scheme.auth_seq_num 
_pdbx_nonpoly_scheme.pdb_mon_id 
_pdbx_nonpoly_scheme.auth_mon_id 
_pdbx_nonpoly_scheme.pdb_strand_id 
_pdbx_nonpoly_scheme.pdb_ins_code 
I 2 NA  1  7   1   NA  NA  A . 
J 2 NA  1  8   2   NA  NA  A . 
K 2 NA  1  9   5   NA  NA  A . 
L 2 NA  1  10  7   NA  NA  A . 
M 3 LI  1  8   8   LI  LI  C . 
N 2 NA  1  3   3   NA  NA  E . 
O 2 NA  1  4   4   NA  NA  E . 
P 2 NA  1  6   6   NA  NA  E . 
Q 4 HOH 1  11  9   HOH HOH A . 
Q 4 HOH 2  12  10  HOH HOH A . 
Q 4 HOH 3  13  11  HOH HOH A . 
Q 4 HOH 4  14  15  HOH HOH A . 
Q 4 HOH 5  15  17  HOH HOH A . 
Q 4 HOH 6  16  20  HOH HOH A . 
Q 4 HOH 7  17  21  HOH HOH A . 
Q 4 HOH 8  18  31  HOH HOH A . 
Q 4 HOH 9  19  32  HOH HOH A . 
Q 4 HOH 10 20  40  HOH HOH A . 
Q 4 HOH 11 21  41  HOH HOH A . 
Q 4 HOH 12 22  56  HOH HOH A . 
Q 4 HOH 13 23  58  HOH HOH A . 
Q 4 HOH 14 24  60  HOH HOH A . 
Q 4 HOH 15 25  67  HOH HOH A . 
Q 4 HOH 16 26  103 HOH HOH A . 
Q 4 HOH 17 27  104 HOH HOH A . 
Q 4 HOH 18 28  123 HOH HOH A . 
Q 4 HOH 19 29  124 HOH HOH A . 
Q 4 HOH 20 30  125 HOH HOH A . 
Q 4 HOH 21 31  130 HOH HOH A . 
Q 4 HOH 22 32  134 HOH HOH A . 
Q 4 HOH 23 33  135 HOH HOH A . 
Q 4 HOH 24 34  149 HOH HOH A . 
Q 4 HOH 25 35  150 HOH HOH A . 
Q 4 HOH 26 36  156 HOH HOH A . 
Q 4 HOH 27 37  158 HOH HOH A . 
Q 4 HOH 28 38  159 HOH HOH A . 
Q 4 HOH 29 39  160 HOH HOH A . 
Q 4 HOH 30 40  166 HOH HOH A . 
Q 4 HOH 31 41  170 HOH HOH A . 
Q 4 HOH 32 42  189 HOH HOH A . 
Q 4 HOH 33 43  190 HOH HOH A . 
Q 4 HOH 34 44  195 HOH HOH A . 
Q 4 HOH 35 45  196 HOH HOH A . 
Q 4 HOH 36 46  201 HOH HOH A . 
Q 4 HOH 37 47  228 HOH HOH A . 
R 4 HOH 1  23  23  HOH HOH B . 
R 4 HOH 2  26  26  HOH HOH B . 
R 4 HOH 3  29  29  HOH HOH B . 
R 4 HOH 4  36  36  HOH HOH B . 
R 4 HOH 5  47  47  HOH HOH B . 
R 4 HOH 6  49  49  HOH HOH B . 
R 4 HOH 7  61  61  HOH HOH B . 
R 4 HOH 8  63  63  HOH HOH B . 
R 4 HOH 9  64  64  HOH HOH B . 
R 4 HOH 10 66  66  HOH HOH B . 
R 4 HOH 11 68  68  HOH HOH B . 
R 4 HOH 12 78  78  HOH HOH B . 
R 4 HOH 13 79  79  HOH HOH B . 
R 4 HOH 14 86  86  HOH HOH B . 
R 4 HOH 15 87  87  HOH HOH B . 
R 4 HOH 16 88  88  HOH HOH B . 
R 4 HOH 17 105 105 HOH HOH B . 
R 4 HOH 18 106 106 HOH HOH B . 
R 4 HOH 19 108 108 HOH HOH B . 
R 4 HOH 20 132 132 HOH HOH B . 
R 4 HOH 21 146 146 HOH HOH B . 
R 4 HOH 22 152 152 HOH HOH B . 
R 4 HOH 23 155 155 HOH HOH B . 
R 4 HOH 24 164 164 HOH HOH B . 
R 4 HOH 25 165 165 HOH HOH B . 
R 4 HOH 26 167 167 HOH HOH B . 
R 4 HOH 27 168 168 HOH HOH B . 
R 4 HOH 28 169 169 HOH HOH B . 
R 4 HOH 29 171 171 HOH HOH B . 
R 4 HOH 30 204 204 HOH HOH B . 
R 4 HOH 31 211 211 HOH HOH B . 
R 4 HOH 32 221 221 HOH HOH B . 
R 4 HOH 33 224 224 HOH HOH B . 
S 4 HOH 1  18  18  HOH HOH C . 
S 4 HOH 2  39  39  HOH HOH C . 
S 4 HOH 3  43  43  HOH HOH C . 
S 4 HOH 4  53  53  HOH HOH C . 
S 4 HOH 5  59  59  HOH HOH C . 
S 4 HOH 6  70  70  HOH HOH C . 
S 4 HOH 7  71  71  HOH HOH C . 
S 4 HOH 8  72  72  HOH HOH C . 
S 4 HOH 9  73  73  HOH HOH C . 
S 4 HOH 10 85  85  HOH HOH C . 
S 4 HOH 11 95  95  HOH HOH C . 
S 4 HOH 12 100 100 HOH HOH C . 
S 4 HOH 13 107 107 HOH HOH C . 
S 4 HOH 14 131 131 HOH HOH C . 
S 4 HOH 15 133 133 HOH HOH C . 
S 4 HOH 16 141 141 HOH HOH C . 
S 4 HOH 17 145 145 HOH HOH C . 
S 4 HOH 18 147 147 HOH HOH C . 
S 4 HOH 19 172 172 HOH HOH C . 
S 4 HOH 20 175 175 HOH HOH C . 
S 4 HOH 21 176 176 HOH HOH C . 
S 4 HOH 22 178 178 HOH HOH C . 
S 4 HOH 23 202 202 HOH HOH C . 
S 4 HOH 24 212 212 HOH HOH C . 
S 4 HOH 25 213 213 HOH HOH C . 
S 4 HOH 26 230 230 HOH HOH C . 
T 4 HOH 1  37  25  HOH HOH D . 
T 4 HOH 2  38  35  HOH HOH D . 
T 4 HOH 3  39  46  HOH HOH D . 
T 4 HOH 4  40  62  HOH HOH D . 
T 4 HOH 5  41  69  HOH HOH D . 
T 4 HOH 6  42  89  HOH HOH D . 
T 4 HOH 7  43  90  HOH HOH D . 
T 4 HOH 8  44  92  HOH HOH D . 
T 4 HOH 9  45  113 HOH HOH D . 
T 4 HOH 10 46  115 HOH HOH D . 
T 4 HOH 11 47  116 HOH HOH D . 
T 4 HOH 12 48  117 HOH HOH D . 
T 4 HOH 13 49  136 HOH HOH D . 
T 4 HOH 14 50  151 HOH HOH D . 
T 4 HOH 15 51  154 HOH HOH D . 
T 4 HOH 16 52  157 HOH HOH D . 
T 4 HOH 17 53  177 HOH HOH D . 
T 4 HOH 18 54  179 HOH HOH D . 
T 4 HOH 19 55  180 HOH HOH D . 
T 4 HOH 20 56  181 HOH HOH D . 
T 4 HOH 21 57  182 HOH HOH D . 
T 4 HOH 22 58  192 HOH HOH D . 
T 4 HOH 23 59  206 HOH HOH D . 
T 4 HOH 24 60  207 HOH HOH D . 
T 4 HOH 25 61  208 HOH HOH D . 
T 4 HOH 26 62  215 HOH HOH D . 
T 4 HOH 27 63  217 HOH HOH D . 
T 4 HOH 28 64  222 HOH HOH D . 
T 4 HOH 29 65  223 HOH HOH D . 
T 4 HOH 30 66  227 HOH HOH D . 
U 4 HOH 1  13  13  HOH HOH E . 
U 4 HOH 2  16  16  HOH HOH E . 
U 4 HOH 3  24  24  HOH HOH E . 
U 4 HOH 4  34  34  HOH HOH E . 
U 4 HOH 5  54  54  HOH HOH E . 
U 4 HOH 6  74  74  HOH HOH E . 
U 4 HOH 7  75  75  HOH HOH E . 
U 4 HOH 8  76  76  HOH HOH E . 
U 4 HOH 9  80  80  HOH HOH E . 
U 4 HOH 10 81  81  HOH HOH E . 
U 4 HOH 11 91  91  HOH HOH E . 
U 4 HOH 12 97  97  HOH HOH E . 
U 4 HOH 13 114 114 HOH HOH E . 
U 4 HOH 14 120 120 HOH HOH E . 
U 4 HOH 15 142 142 HOH HOH E . 
U 4 HOH 16 143 143 HOH HOH E . 
U 4 HOH 17 193 193 HOH HOH E . 
U 4 HOH 18 194 194 HOH HOH E . 
U 4 HOH 19 198 198 HOH HOH E . 
U 4 HOH 20 205 205 HOH HOH E . 
U 4 HOH 21 209 209 HOH HOH E . 
U 4 HOH 22 216 216 HOH HOH E . 
U 4 HOH 23 235 235 HOH HOH E . 
V 4 HOH 1  57  19  HOH HOH F . 
V 4 HOH 2  58  27  HOH HOH F . 
V 4 HOH 3  59  37  HOH HOH F . 
V 4 HOH 4  60  38  HOH HOH F . 
V 4 HOH 5  61  50  HOH HOH F . 
V 4 HOH 6  62  55  HOH HOH F . 
V 4 HOH 7  63  77  HOH HOH F . 
V 4 HOH 8  64  82  HOH HOH F . 
V 4 HOH 9  65  109 HOH HOH F . 
V 4 HOH 10 66  110 HOH HOH F . 
V 4 HOH 11 67  111 HOH HOH F . 
V 4 HOH 12 68  118 HOH HOH F . 
V 4 HOH 13 69  122 HOH HOH F . 
V 4 HOH 14 70  139 HOH HOH F . 
V 4 HOH 15 71  144 HOH HOH F . 
V 4 HOH 16 72  153 HOH HOH F . 
V 4 HOH 17 73  162 HOH HOH F . 
V 4 HOH 18 74  173 HOH HOH F . 
V 4 HOH 19 75  174 HOH HOH F . 
V 4 HOH 20 76  191 HOH HOH F . 
V 4 HOH 21 77  197 HOH HOH F . 
V 4 HOH 22 78  203 HOH HOH F . 
V 4 HOH 23 79  210 HOH HOH F . 
V 4 HOH 24 80  225 HOH HOH F . 
V 4 HOH 25 81  226 HOH HOH F . 
V 4 HOH 26 82  229 HOH HOH F . 
W 4 HOH 1  67  22  HOH HOH G . 
W 4 HOH 2  68  28  HOH HOH G . 
W 4 HOH 3  69  30  HOH HOH G . 
W 4 HOH 4  70  51  HOH HOH G . 
W 4 HOH 5  71  52  HOH HOH G . 
W 4 HOH 6  72  57  HOH HOH G . 
W 4 HOH 7  73  65  HOH HOH G . 
W 4 HOH 8  74  83  HOH HOH G . 
W 4 HOH 9  75  93  HOH HOH G . 
W 4 HOH 10 76  98  HOH HOH G . 
W 4 HOH 11 77  101 HOH HOH G . 
W 4 HOH 12 78  126 HOH HOH G . 
W 4 HOH 13 79  127 HOH HOH G . 
W 4 HOH 14 80  129 HOH HOH G . 
W 4 HOH 15 81  137 HOH HOH G . 
W 4 HOH 16 82  138 HOH HOH G . 
W 4 HOH 17 83  140 HOH HOH G . 
W 4 HOH 18 84  161 HOH HOH G . 
W 4 HOH 19 85  163 HOH HOH G . 
W 4 HOH 20 86  187 HOH HOH G . 
W 4 HOH 21 87  199 HOH HOH G . 
W 4 HOH 22 88  200 HOH HOH G . 
W 4 HOH 23 89  218 HOH HOH G . 
W 4 HOH 24 90  220 HOH HOH G . 
W 4 HOH 25 91  234 HOH HOH G . 
X 4 HOH 1  12  12  HOH HOH H . 
X 4 HOH 2  14  14  HOH HOH H . 
X 4 HOH 3  33  33  HOH HOH H . 
X 4 HOH 4  42  42  HOH HOH H . 
X 4 HOH 5  44  44  HOH HOH H . 
X 4 HOH 6  45  45  HOH HOH H . 
X 4 HOH 7  48  48  HOH HOH H . 
X 4 HOH 8  84  84  HOH HOH H . 
X 4 HOH 9  94  94  HOH HOH H . 
X 4 HOH 10 96  96  HOH HOH H . 
X 4 HOH 11 99  99  HOH HOH H . 
X 4 HOH 12 102 102 HOH HOH H . 
X 4 HOH 13 112 112 HOH HOH H . 
X 4 HOH 14 119 119 HOH HOH H . 
X 4 HOH 15 121 121 HOH HOH H . 
X 4 HOH 16 128 128 HOH HOH H . 
X 4 HOH 17 148 148 HOH HOH H . 
X 4 HOH 18 183 183 HOH HOH H . 
X 4 HOH 19 184 184 HOH HOH H . 
X 4 HOH 20 185 185 HOH HOH H . 
X 4 HOH 21 186 186 HOH HOH H . 
X 4 HOH 22 188 188 HOH HOH H . 
X 4 HOH 23 214 214 HOH HOH H . 
X 4 HOH 24 219 219 HOH HOH H . 
X 4 HOH 25 231 231 HOH HOH H . 
X 4 HOH 26 232 232 HOH HOH H . 
X 4 HOH 27 233 233 HOH HOH H . 
X 4 HOH 28 236 236 HOH HOH H . 
# 
loop_
_pdbx_struct_assembly.id 
_pdbx_struct_assembly.details 
_pdbx_struct_assembly.method_details 
_pdbx_struct_assembly.oligomeric_details 
_pdbx_struct_assembly.oligomeric_count 
1 author_defined_assembly ? tetrameric 4 
2 author_defined_assembly ? tetrameric 4 
# 
loop_
_pdbx_struct_assembly_gen.assembly_id 
_pdbx_struct_assembly_gen.oper_expression 
_pdbx_struct_assembly_gen.asym_id_list 
1 1 A,B,C,D,I,J,K,L,M,Q,R,S,T 
2 1 E,F,G,H,N,O,P,U,V,W,X     
# 
_pdbx_struct_oper_list.id                   1 
_pdbx_struct_oper_list.type                 'identity operation' 
_pdbx_struct_oper_list.name                 1_555 
_pdbx_struct_oper_list.symmetry_operation   x,y,z 
_pdbx_struct_oper_list.matrix[1][1]         1.0000000000 
_pdbx_struct_oper_list.matrix[1][2]         0.0000000000 
_pdbx_struct_oper_list.matrix[1][3]         0.0000000000 
_pdbx_struct_oper_list.vector[1]            0.0000000000 
_pdbx_struct_oper_list.matrix[2][1]         0.0000000000 
_pdbx_struct_oper_list.matrix[2][2]         1.0000000000 
_pdbx_struct_oper_list.matrix[2][3]         0.0000000000 
_pdbx_struct_oper_list.vector[2]            0.0000000000 
_pdbx_struct_oper_list.matrix[3][1]         0.0000000000 
_pdbx_struct_oper_list.matrix[3][2]         0.0000000000 
_pdbx_struct_oper_list.matrix[3][3]         1.0000000000 
_pdbx_struct_oper_list.vector[3]            0.0000000000 
# 
loop_
_pdbx_struct_conn_angle.id 
_pdbx_struct_conn_angle.ptnr1_label_atom_id 
_pdbx_struct_conn_angle.ptnr1_label_alt_id 
_pdbx_struct_conn_angle.ptnr1_label_asym_id 
_pdbx_struct_conn_angle.ptnr1_label_comp_id 
_pdbx_struct_conn_angle.ptnr1_label_seq_id 
_pdbx_struct_conn_angle.ptnr1_auth_atom_id 
_pdbx_struct_conn_angle.ptnr1_auth_asym_id 
_pdbx_struct_conn_angle.ptnr1_auth_comp_id 
_pdbx_struct_conn_angle.ptnr1_auth_seq_id 
_pdbx_struct_conn_angle.ptnr1_PDB_ins_code 
_pdbx_struct_conn_angle.ptnr1_symmetry 
_pdbx_struct_conn_angle.ptnr2_label_atom_id 
_pdbx_struct_conn_angle.ptnr2_label_alt_id 
_pdbx_struct_conn_angle.ptnr2_label_asym_id 
_pdbx_struct_conn_angle.ptnr2_label_comp_id 
_pdbx_struct_conn_angle.ptnr2_label_seq_id 
_pdbx_struct_conn_angle.ptnr2_auth_atom_id 
_pdbx_struct_conn_angle.ptnr2_auth_asym_id 
_pdbx_struct_conn_angle.ptnr2_auth_comp_id 
_pdbx_struct_conn_angle.ptnr2_auth_seq_id 
_pdbx_struct_conn_angle.ptnr2_PDB_ins_code 
_pdbx_struct_conn_angle.ptnr2_symmetry 
_pdbx_struct_conn_angle.ptnr3_label_atom_id 
_pdbx_struct_conn_angle.ptnr3_label_alt_id 
_pdbx_struct_conn_angle.ptnr3_label_asym_id 
_pdbx_struct_conn_angle.ptnr3_label_comp_id 
_pdbx_struct_conn_angle.ptnr3_label_seq_id 
_pdbx_struct_conn_angle.ptnr3_auth_atom_id 
_pdbx_struct_conn_angle.ptnr3_auth_asym_id 
_pdbx_struct_conn_angle.ptnr3_auth_comp_id 
_pdbx_struct_conn_angle.ptnr3_auth_seq_id 
_pdbx_struct_conn_angle.ptnr3_PDB_ins_code 
_pdbx_struct_conn_angle.ptnr3_symmetry 
_pdbx_struct_conn_angle.value 
_pdbx_struct_conn_angle.value_esd 
1  O6    ? A DG  4 ? A DG  4  ? 1_555 NA ? I NA . ? A NA 7  ? 1_555 O6    ? C DG  4 ? C DG  24 ? 1_555 124.4 ? 
2  O6    ? A DG  4 ? A DG  4  ? 1_555 NA ? I NA . ? A NA 7  ? 1_555 O6    ? D DG  4 ? D DG  34 ? 1_555 75.7  ? 
3  O6    ? C DG  4 ? C DG  24 ? 1_555 NA ? I NA . ? A NA 7  ? 1_555 O6    ? D DG  4 ? D DG  34 ? 1_555 78.9  ? 
4  O6    ? A DG  5 ? A DG  5  ? 1_555 NA ? L NA . ? A NA 10 ? 1_555 O     ? Q HOH . ? A HOH 20 ? 1_555 87.3  ? 
5  O6    ? A DG  5 ? A DG  5  ? 1_555 NA ? L NA . ? A NA 10 ? 1_555 O6    ? B DG  5 ? B DG  15 ? 1_555 90.1  ? 
6  O     ? Q HOH . ? A HOH 20 ? 1_555 NA ? L NA . ? A NA 10 ? 1_555 O6    ? B DG  5 ? B DG  15 ? 1_555 89.0  ? 
7  O6    ? A DG  5 ? A DG  5  ? 1_555 NA ? L NA . ? A NA 10 ? 1_555 O6    ? C DG  5 ? C DG  25 ? 1_555 177.5 ? 
8  O     ? Q HOH . ? A HOH 20 ? 1_555 NA ? L NA . ? A NA 10 ? 1_555 O6    ? C DG  5 ? C DG  25 ? 1_555 94.3  ? 
9  O6    ? B DG  5 ? B DG  15 ? 1_555 NA ? L NA . ? A NA 10 ? 1_555 O6    ? C DG  5 ? C DG  25 ? 1_555 91.8  ? 
10 O6    ? A DG  5 ? A DG  5  ? 1_555 NA ? L NA . ? A NA 10 ? 1_555 O6    ? D DG  5 ? D DG  35 ? 1_555 87.9  ? 
11 O     ? Q HOH . ? A HOH 20 ? 1_555 NA ? L NA . ? A NA 10 ? 1_555 O6    ? D DG  5 ? D DG  35 ? 1_555 90.3  ? 
12 O6    ? B DG  5 ? B DG  15 ? 1_555 NA ? L NA . ? A NA 10 ? 1_555 O6    ? D DG  5 ? D DG  35 ? 1_555 177.9 ? 
13 O6    ? C DG  5 ? C DG  25 ? 1_555 NA ? L NA . ? A NA 10 ? 1_555 O6    ? D DG  5 ? D DG  35 ? 1_555 90.2  ? 
14 O     ? R HOH . ? B HOH 23 ? 1_555 LI ? M LI . ? C LI 8  ? 1_555 O     ? R HOH . ? B HOH 63 ? 1_555 120.6 ? 
15 O     ? R HOH . ? B HOH 23 ? 1_555 LI ? M LI . ? C LI 8  ? 1_555 "O4'" ? C DG  4 ? C DG  24 ? 1_555 108.6 ? 
16 O     ? R HOH . ? B HOH 63 ? 1_555 LI ? M LI . ? C LI 8  ? 1_555 "O4'" ? C DG  4 ? C DG  24 ? 1_555 112.2 ? 
17 O     ? R HOH . ? B HOH 23 ? 1_555 LI ? M LI . ? C LI 8  ? 1_555 O     ? S HOH . ? C HOH 85 ? 1_555 95.1  ? 
18 O     ? R HOH . ? B HOH 63 ? 1_555 LI ? M LI . ? C LI 8  ? 1_555 O     ? S HOH . ? C HOH 85 ? 1_555 114.1 ? 
19 "O4'" ? C DG  4 ? C DG  24 ? 1_555 LI ? M LI . ? C LI 8  ? 1_555 O     ? S HOH . ? C HOH 85 ? 1_555 103.8 ? 
20 O     ? T HOH . ? D HOH 38 ? 1_556 NA ? P NA . ? E NA 6  ? 1_555 O6    ? E DG  5 ? E DG  45 ? 1_555 86.6  ? 
21 O     ? T HOH . ? D HOH 38 ? 1_556 NA ? P NA . ? E NA 6  ? 1_555 O6    ? F DG  5 ? F DG  55 ? 1_555 89.2  ? 
22 O6    ? E DG  5 ? E DG  45 ? 1_555 NA ? P NA . ? E NA 6  ? 1_555 O6    ? F DG  5 ? F DG  55 ? 1_555 89.6  ? 
23 O     ? T HOH . ? D HOH 38 ? 1_556 NA ? P NA . ? E NA 6  ? 1_555 O6    ? G DG  5 ? G DG  65 ? 1_555 90.1  ? 
24 O6    ? E DG  5 ? E DG  45 ? 1_555 NA ? P NA . ? E NA 6  ? 1_555 O6    ? G DG  5 ? G DG  65 ? 1_555 175.2 ? 
25 O6    ? F DG  5 ? F DG  55 ? 1_555 NA ? P NA . ? E NA 6  ? 1_555 O6    ? G DG  5 ? G DG  65 ? 1_555 93.9  ? 
26 O     ? T HOH . ? D HOH 38 ? 1_556 NA ? P NA . ? E NA 6  ? 1_555 O6    ? H DG  5 ? H DG  75 ? 1_555 87.0  ? 
27 O6    ? E DG  5 ? E DG  45 ? 1_555 NA ? P NA . ? E NA 6  ? 1_555 O6    ? H DG  5 ? H DG  75 ? 1_555 89.7  ? 
28 O6    ? F DG  5 ? F DG  55 ? 1_555 NA ? P NA . ? E NA 6  ? 1_555 O6    ? H DG  5 ? H DG  75 ? 1_555 176.2 ? 
29 O6    ? G DG  5 ? G DG  65 ? 1_555 NA ? P NA . ? E NA 6  ? 1_555 O6    ? H DG  5 ? H DG  75 ? 1_555 86.6  ? 
30 O6    ? E DG  3 ? E DG  43 ? 1_555 NA ? N NA . ? E NA 3  ? 1_555 O6    ? F DG  3 ? F DG  53 ? 1_555 73.7  ? 
31 O6    ? E DG  3 ? E DG  43 ? 1_555 NA ? N NA . ? E NA 3  ? 1_555 O6    ? G DG  3 ? G DG  63 ? 1_555 115.3 ? 
32 O6    ? F DG  3 ? F DG  53 ? 1_555 NA ? N NA . ? E NA 3  ? 1_555 O6    ? G DG  3 ? G DG  63 ? 1_555 73.4  ? 
33 O6    ? E DG  3 ? E DG  43 ? 1_555 NA ? N NA . ? E NA 3  ? 1_555 O6    ? H DG  3 ? H DG  73 ? 1_555 73.1  ? 
34 O6    ? F DG  3 ? F DG  53 ? 1_555 NA ? N NA . ? E NA 3  ? 1_555 O6    ? H DG  3 ? H DG  73 ? 1_555 115.8 ? 
35 O6    ? G DG  3 ? G DG  63 ? 1_555 NA ? N NA . ? E NA 3  ? 1_555 O6    ? H DG  3 ? H DG  73 ? 1_555 73.7  ? 
36 O6    ? E DG  4 ? E DG  44 ? 1_555 NA ? O NA . ? E NA 4  ? 1_555 O6    ? F DG  4 ? F DG  54 ? 1_555 78.4  ? 
37 O6    ? E DG  4 ? E DG  44 ? 1_555 NA ? O NA . ? E NA 4  ? 1_555 O6    ? H DG  4 ? H DG  74 ? 1_555 81.0  ? 
38 O6    ? F DG  4 ? F DG  54 ? 1_555 NA ? O NA . ? E NA 4  ? 1_555 O6    ? H DG  4 ? H DG  74 ? 1_555 120.8 ? 
# 
loop_
_pdbx_audit_revision_history.ordinal 
_pdbx_audit_revision_history.data_content_type 
_pdbx_audit_revision_history.major_revision 
_pdbx_audit_revision_history.minor_revision 
_pdbx_audit_revision_history.revision_date 
1 'Structure model' 1 0 2007-05-22 
2 'Structure model' 1 1 2007-10-30 
3 'Structure model' 1 2 2011-07-13 
4 'Structure model' 1 3 2023-08-30 
# 
_pdbx_audit_revision_details.ordinal             1 
_pdbx_audit_revision_details.revision_ordinal    1 
_pdbx_audit_revision_details.data_content_type   'Structure model' 
_pdbx_audit_revision_details.provider            repository 
_pdbx_audit_revision_details.type                'Initial release' 
_pdbx_audit_revision_details.description         ? 
_pdbx_audit_revision_details.details             ? 
# 
loop_
_pdbx_audit_revision_group.ordinal 
_pdbx_audit_revision_group.revision_ordinal 
_pdbx_audit_revision_group.data_content_type 
_pdbx_audit_revision_group.group 
1 2 'Structure model' 'Version format compliance' 
2 3 'Structure model' 'Version format compliance' 
3 4 'Structure model' 'Data collection'           
4 4 'Structure model' 'Database references'       
5 4 'Structure model' 'Derived calculations'      
6 4 'Structure model' 'Refinement description'    
# 
loop_
_pdbx_audit_revision_category.ordinal 
_pdbx_audit_revision_category.revision_ordinal 
_pdbx_audit_revision_category.data_content_type 
_pdbx_audit_revision_category.category 
1 4 'Structure model' chem_comp_atom                
2 4 'Structure model' chem_comp_bond                
3 4 'Structure model' database_2                    
4 4 'Structure model' pdbx_initial_refinement_model 
5 4 'Structure model' pdbx_struct_conn_angle        
6 4 'Structure model' struct_conn                   
7 4 'Structure model' struct_site                   
# 
loop_
_pdbx_audit_revision_item.ordinal 
_pdbx_audit_revision_item.revision_ordinal 
_pdbx_audit_revision_item.data_content_type 
_pdbx_audit_revision_item.item 
1  4 'Structure model' '_database_2.pdbx_DOI'                        
2  4 'Structure model' '_database_2.pdbx_database_accession'         
3  4 'Structure model' '_pdbx_struct_conn_angle.ptnr1_auth_asym_id'  
4  4 'Structure model' '_pdbx_struct_conn_angle.ptnr1_auth_comp_id'  
5  4 'Structure model' '_pdbx_struct_conn_angle.ptnr1_auth_seq_id'   
6  4 'Structure model' '_pdbx_struct_conn_angle.ptnr1_label_asym_id' 
7  4 'Structure model' '_pdbx_struct_conn_angle.ptnr1_label_atom_id' 
8  4 'Structure model' '_pdbx_struct_conn_angle.ptnr1_label_comp_id' 
9  4 'Structure model' '_pdbx_struct_conn_angle.ptnr1_label_seq_id'  
10 4 'Structure model' '_pdbx_struct_conn_angle.ptnr1_symmetry'      
11 4 'Structure model' '_pdbx_struct_conn_angle.ptnr2_auth_seq_id'   
12 4 'Structure model' '_pdbx_struct_conn_angle.ptnr2_label_asym_id' 
13 4 'Structure model' '_pdbx_struct_conn_angle.ptnr3_auth_asym_id'  
14 4 'Structure model' '_pdbx_struct_conn_angle.ptnr3_auth_comp_id'  
15 4 'Structure model' '_pdbx_struct_conn_angle.ptnr3_auth_seq_id'   
16 4 'Structure model' '_pdbx_struct_conn_angle.ptnr3_label_asym_id' 
17 4 'Structure model' '_pdbx_struct_conn_angle.ptnr3_label_atom_id' 
18 4 'Structure model' '_pdbx_struct_conn_angle.ptnr3_label_comp_id' 
19 4 'Structure model' '_pdbx_struct_conn_angle.ptnr3_label_seq_id'  
20 4 'Structure model' '_pdbx_struct_conn_angle.ptnr3_symmetry'      
21 4 'Structure model' '_pdbx_struct_conn_angle.value'               
22 4 'Structure model' '_struct_conn.pdbx_dist_value'                
23 4 'Structure model' '_struct_conn.ptnr1_auth_asym_id'             
24 4 'Structure model' '_struct_conn.ptnr1_auth_comp_id'             
25 4 'Structure model' '_struct_conn.ptnr1_auth_seq_id'              
26 4 'Structure model' '_struct_conn.ptnr1_label_asym_id'            
27 4 'Structure model' '_struct_conn.ptnr1_label_atom_id'            
28 4 'Structure model' '_struct_conn.ptnr1_label_comp_id'            
29 4 'Structure model' '_struct_conn.ptnr1_label_seq_id'             
30 4 'Structure model' '_struct_conn.ptnr1_symmetry'                 
31 4 'Structure model' '_struct_conn.ptnr2_auth_asym_id'             
32 4 'Structure model' '_struct_conn.ptnr2_auth_comp_id'             
33 4 'Structure model' '_struct_conn.ptnr2_auth_seq_id'              
34 4 'Structure model' '_struct_conn.ptnr2_label_asym_id'            
35 4 'Structure model' '_struct_conn.ptnr2_label_atom_id'            
36 4 'Structure model' '_struct_conn.ptnr2_label_comp_id'            
37 4 'Structure model' '_struct_conn.ptnr2_label_seq_id'             
38 4 'Structure model' '_struct_conn.ptnr2_symmetry'                 
39 4 'Structure model' '_struct_site.pdbx_auth_asym_id'              
40 4 'Structure model' '_struct_site.pdbx_auth_comp_id'              
41 4 'Structure model' '_struct_site.pdbx_auth_seq_id'               
# 
loop_
_software.name 
_software.version 
_software.date 
_software.type 
_software.contact_author 
_software.contact_author_email 
_software.classification 
_software.location 
_software.language 
_software.citation_id 
_software.pdbx_ordinal 
CNS         1.1   ?                package 'Axel T. Brunger' axel.brunger@yale.edu    refinement        
http://cns.csb.yale.edu/v1.1/    Fortran_77 ? 1 
PDB_EXTRACT 2.000 'April. 3, 2006' package PDB               sw-help@rcsb.rutgers.edu 'data extraction' 
http://pdb.rutgers.edu/software/ C++        ? 2 
ProDC       .     ?                ?       ?                 ?                        'data collection' ? ?          ? 3 
XDS         .     ?                ?       ?                 ?                        'data reduction'  ? ?          ? 4 
XSCALE      .     ?                ?       ?                 ?                        'data scaling'    ? ?          ? 5 
AMoRE       .     ?                ?       ?                 ?                        phasing           ? ?          ? 6 
# 
_pdbx_validate_rmsd_bond.id                        1 
_pdbx_validate_rmsd_bond.PDB_model_num             1 
_pdbx_validate_rmsd_bond.auth_atom_id_1            C2 
_pdbx_validate_rmsd_bond.auth_asym_id_1            G 
_pdbx_validate_rmsd_bond.auth_comp_id_1            DG 
_pdbx_validate_rmsd_bond.auth_seq_id_1             62 
_pdbx_validate_rmsd_bond.PDB_ins_code_1            ? 
_pdbx_validate_rmsd_bond.label_alt_id_1            ? 
_pdbx_validate_rmsd_bond.auth_atom_id_2            N3 
_pdbx_validate_rmsd_bond.auth_asym_id_2            G 
_pdbx_validate_rmsd_bond.auth_comp_id_2            DG 
_pdbx_validate_rmsd_bond.auth_seq_id_2             62 
_pdbx_validate_rmsd_bond.PDB_ins_code_2            ? 
_pdbx_validate_rmsd_bond.label_alt_id_2            ? 
_pdbx_validate_rmsd_bond.bond_value                1.271 
_pdbx_validate_rmsd_bond.bond_target_value         1.323 
_pdbx_validate_rmsd_bond.bond_deviation            -0.052 
_pdbx_validate_rmsd_bond.bond_standard_deviation   0.008 
_pdbx_validate_rmsd_bond.linker_flag               N 
# 
_pdbx_validate_rmsd_angle.id                         1 
_pdbx_validate_rmsd_angle.PDB_model_num              1 
_pdbx_validate_rmsd_angle.auth_atom_id_1             "O3'" 
_pdbx_validate_rmsd_angle.auth_asym_id_1             B 
_pdbx_validate_rmsd_angle.auth_comp_id_1             DG 
_pdbx_validate_rmsd_angle.auth_seq_id_1              12 
_pdbx_validate_rmsd_angle.PDB_ins_code_1             ? 
_pdbx_validate_rmsd_angle.label_alt_id_1             ? 
_pdbx_validate_rmsd_angle.auth_atom_id_2             P 
_pdbx_validate_rmsd_angle.auth_asym_id_2             B 
_pdbx_validate_rmsd_angle.auth_comp_id_2             DG 
_pdbx_validate_rmsd_angle.auth_seq_id_2              13 
_pdbx_validate_rmsd_angle.PDB_ins_code_2             ? 
_pdbx_validate_rmsd_angle.label_alt_id_2             ? 
_pdbx_validate_rmsd_angle.auth_atom_id_3             OP2 
_pdbx_validate_rmsd_angle.auth_asym_id_3             B 
_pdbx_validate_rmsd_angle.auth_comp_id_3             DG 
_pdbx_validate_rmsd_angle.auth_seq_id_3              13 
_pdbx_validate_rmsd_angle.PDB_ins_code_3             ? 
_pdbx_validate_rmsd_angle.label_alt_id_3             ? 
_pdbx_validate_rmsd_angle.angle_value                118.20 
_pdbx_validate_rmsd_angle.angle_target_value         110.50 
_pdbx_validate_rmsd_angle.angle_deviation            7.70 
_pdbx_validate_rmsd_angle.angle_standard_deviation   1.10 
_pdbx_validate_rmsd_angle.linker_flag                Y 
# 
loop_
_pdbx_validate_planes.id 
_pdbx_validate_planes.PDB_model_num 
_pdbx_validate_planes.auth_comp_id 
_pdbx_validate_planes.auth_asym_id 
_pdbx_validate_planes.auth_seq_id 
_pdbx_validate_planes.PDB_ins_code 
_pdbx_validate_planes.label_alt_id 
_pdbx_validate_planes.rmsd 
_pdbx_validate_planes.type 
1 1 DG B 12 ? ? 0.056 'SIDE CHAIN' 
2 1 DG E 43 ? ? 0.064 'SIDE CHAIN' 
3 1 DT E 46 ? ? 0.066 'SIDE CHAIN' 
4 1 DG H 74 ? ? 0.060 'SIDE CHAIN' 
# 
loop_
_chem_comp_atom.comp_id 
_chem_comp_atom.atom_id 
_chem_comp_atom.type_symbol 
_chem_comp_atom.pdbx_aromatic_flag 
_chem_comp_atom.pdbx_stereo_config 
_chem_comp_atom.pdbx_ordinal 
DG  OP3    O  N N 1  
DG  P      P  N N 2  
DG  OP1    O  N N 3  
DG  OP2    O  N N 4  
DG  "O5'"  O  N N 5  
DG  "C5'"  C  N N 6  
DG  "C4'"  C  N R 7  
DG  "O4'"  O  N N 8  
DG  "C3'"  C  N S 9  
DG  "O3'"  O  N N 10 
DG  "C2'"  C  N N 11 
DG  "C1'"  C  N R 12 
DG  N9     N  Y N 13 
DG  C8     C  Y N 14 
DG  N7     N  Y N 15 
DG  C5     C  Y N 16 
DG  C6     C  N N 17 
DG  O6     O  N N 18 
DG  N1     N  N N 19 
DG  C2     C  N N 20 
DG  N2     N  N N 21 
DG  N3     N  N N 22 
DG  C4     C  Y N 23 
DG  HOP3   H  N N 24 
DG  HOP2   H  N N 25 
DG  "H5'"  H  N N 26 
DG  "H5''" H  N N 27 
DG  "H4'"  H  N N 28 
DG  "H3'"  H  N N 29 
DG  "HO3'" H  N N 30 
DG  "H2'"  H  N N 31 
DG  "H2''" H  N N 32 
DG  "H1'"  H  N N 33 
DG  H8     H  N N 34 
DG  H1     H  N N 35 
DG  H21    H  N N 36 
DG  H22    H  N N 37 
DT  OP3    O  N N 38 
DT  P      P  N N 39 
DT  OP1    O  N N 40 
DT  OP2    O  N N 41 
DT  "O5'"  O  N N 42 
DT  "C5'"  C  N N 43 
DT  "C4'"  C  N R 44 
DT  "O4'"  O  N N 45 
DT  "C3'"  C  N S 46 
DT  "O3'"  O  N N 47 
DT  "C2'"  C  N N 48 
DT  "C1'"  C  N R 49 
DT  N1     N  N N 50 
DT  C2     C  N N 51 
DT  O2     O  N N 52 
DT  N3     N  N N 53 
DT  C4     C  N N 54 
DT  O4     O  N N 55 
DT  C5     C  N N 56 
DT  C7     C  N N 57 
DT  C6     C  N N 58 
DT  HOP3   H  N N 59 
DT  HOP2   H  N N 60 
DT  "H5'"  H  N N 61 
DT  "H5''" H  N N 62 
DT  "H4'"  H  N N 63 
DT  "H3'"  H  N N 64 
DT  "HO3'" H  N N 65 
DT  "H2'"  H  N N 66 
DT  "H2''" H  N N 67 
DT  "H1'"  H  N N 68 
DT  H3     H  N N 69 
DT  H71    H  N N 70 
DT  H72    H  N N 71 
DT  H73    H  N N 72 
DT  H6     H  N N 73 
HOH O      O  N N 74 
HOH H1     H  N N 75 
HOH H2     H  N N 76 
LI  LI     LI N N 77 
NA  NA     NA N N 78 
# 
loop_
_chem_comp_bond.comp_id 
_chem_comp_bond.atom_id_1 
_chem_comp_bond.atom_id_2 
_chem_comp_bond.value_order 
_chem_comp_bond.pdbx_aromatic_flag 
_chem_comp_bond.pdbx_stereo_config 
_chem_comp_bond.pdbx_ordinal 
DG  OP3   P      sing N N 1  
DG  OP3   HOP3   sing N N 2  
DG  P     OP1    doub N N 3  
DG  P     OP2    sing N N 4  
DG  P     "O5'"  sing N N 5  
DG  OP2   HOP2   sing N N 6  
DG  "O5'" "C5'"  sing N N 7  
DG  "C5'" "C4'"  sing N N 8  
DG  "C5'" "H5'"  sing N N 9  
DG  "C5'" "H5''" sing N N 10 
DG  "C4'" "O4'"  sing N N 11 
DG  "C4'" "C3'"  sing N N 12 
DG  "C4'" "H4'"  sing N N 13 
DG  "O4'" "C1'"  sing N N 14 
DG  "C3'" "O3'"  sing N N 15 
DG  "C3'" "C2'"  sing N N 16 
DG  "C3'" "H3'"  sing N N 17 
DG  "O3'" "HO3'" sing N N 18 
DG  "C2'" "C1'"  sing N N 19 
DG  "C2'" "H2'"  sing N N 20 
DG  "C2'" "H2''" sing N N 21 
DG  "C1'" N9     sing N N 22 
DG  "C1'" "H1'"  sing N N 23 
DG  N9    C8     sing Y N 24 
DG  N9    C4     sing Y N 25 
DG  C8    N7     doub Y N 26 
DG  C8    H8     sing N N 27 
DG  N7    C5     sing Y N 28 
DG  C5    C6     sing N N 29 
DG  C5    C4     doub Y N 30 
DG  C6    O6     doub N N 31 
DG  C6    N1     sing N N 32 
DG  N1    C2     sing N N 33 
DG  N1    H1     sing N N 34 
DG  C2    N2     sing N N 35 
DG  C2    N3     doub N N 36 
DG  N2    H21    sing N N 37 
DG  N2    H22    sing N N 38 
DG  N3    C4     sing N N 39 
DT  OP3   P      sing N N 40 
DT  OP3   HOP3   sing N N 41 
DT  P     OP1    doub N N 42 
DT  P     OP2    sing N N 43 
DT  P     "O5'"  sing N N 44 
DT  OP2   HOP2   sing N N 45 
DT  "O5'" "C5'"  sing N N 46 
DT  "C5'" "C4'"  sing N N 47 
DT  "C5'" "H5'"  sing N N 48 
DT  "C5'" "H5''" sing N N 49 
DT  "C4'" "O4'"  sing N N 50 
DT  "C4'" "C3'"  sing N N 51 
DT  "C4'" "H4'"  sing N N 52 
DT  "O4'" "C1'"  sing N N 53 
DT  "C3'" "O3'"  sing N N 54 
DT  "C3'" "C2'"  sing N N 55 
DT  "C3'" "H3'"  sing N N 56 
DT  "O3'" "HO3'" sing N N 57 
DT  "C2'" "C1'"  sing N N 58 
DT  "C2'" "H2'"  sing N N 59 
DT  "C2'" "H2''" sing N N 60 
DT  "C1'" N1     sing N N 61 
DT  "C1'" "H1'"  sing N N 62 
DT  N1    C2     sing N N 63 
DT  N1    C6     sing N N 64 
DT  C2    O2     doub N N 65 
DT  C2    N3     sing N N 66 
DT  N3    C4     sing N N 67 
DT  N3    H3     sing N N 68 
DT  C4    O4     doub N N 69 
DT  C4    C5     sing N N 70 
DT  C5    C7     sing N N 71 
DT  C5    C6     doub N N 72 
DT  C7    H71    sing N N 73 
DT  C7    H72    sing N N 74 
DT  C7    H73    sing N N 75 
DT  C6    H6     sing N N 76 
HOH O     H1     sing N N 77 
HOH O     H2     sing N N 78 
# 
loop_
_ndb_struct_conf_na.entry_id 
_ndb_struct_conf_na.feature 
2O4F 'parallel strands'     
2O4F 'mismatched base pair' 
2O4F 'triple helix'         
2O4F 'quadruple helix'      
# 
loop_
_pdbx_entity_nonpoly.entity_id 
_pdbx_entity_nonpoly.name 
_pdbx_entity_nonpoly.comp_id 
2 'SODIUM ION'  NA  
3 'LITHIUM ION' LI  
4 water         HOH 
# 
_pdbx_initial_refinement_model.id               1 
_pdbx_initial_refinement_model.entity_id_list   ? 
_pdbx_initial_refinement_model.type             'experimental model' 
_pdbx_initial_refinement_model.source_name      PDB 
_pdbx_initial_refinement_model.accession_code   352D 
_pdbx_initial_refinement_model.details          'PDB ENTRY 352D' 
# 
